data_5E70
#
_entry.id   5E70
#
_cell.length_a   92.097
_cell.length_b   103.221
_cell.length_c   186.694
_cell.angle_alpha   90.00
_cell.angle_beta   91.73
_cell.angle_gamma   90.00
#
_symmetry.space_group_name_H-M   'P 1 21 1'
#
loop_
_entity.id
_entity.type
_entity.pdbx_description
1 polymer '1,4-alpha-glucan branching enzyme GlgB'
2 branched Cyclooctakis-(1-4)-(alpha-D-glucopyranose)
3 non-polymer GLYCEROL
4 water water
#
_entity_poly.entity_id   1
_entity_poly.type   'polypeptide(L)'
_entity_poly.pdbx_seq_one_letter_code
;THLRPYETLGAHADTMDGVTGTRFSVWAPNARRVSVVGQFNYWDGRRHPMRLRKESGIWELFIPGAHNGQLYKYEMIDAN
GNLRLKSDPYAFEAQMRPETASLICGLPEKVVQTEERKKANQFDAPISIYEVHLGSWRRHTDNNFWLSYRELADQLVPYA
KWMGFTHLELLPINEHPFDGSWGYQPTGLYAPTRRFGTRDDFRYFIDAAHAAGLNVILDWVPGHFPTDDFALAEFDGTNL
YEHSDPREGYHQDWNTLIYNYGRREVSNFLVGNALYWIERFGIDALRVDAVASMIYRDYSRKEGEWIPNEFGGRENLEAI
EFLRNTNRILGEQVSGAVTMAEESTDFPGVSRPQDMGGLGFWYKWNLGWMHDTLDYMKLDPVYRQYHHDKLTFGILYNYT
ENFVLPLSHDEVVHGKKSILDRMPGDAWQKFANLRAYYGWMWAFPGKKLLFMGNEFAQGREWNHDASLDWHLLEGGDNWH
HGVQRLVRDLNLTYRHHKAMHELDFDPYGFEWLVVDDKERSVLIFVRRDKEGNEIIVASNFTPVPRHDYRFGINQPGKWR
EILNTDSMHYHGSNAGNGGTVHSDEIASHGRQHSLSLTLPPLATIWLVREAE
;
_entity_poly.pdbx_strand_id   A,B,C,D
#
loop_
_chem_comp.id
_chem_comp.type
_chem_comp.name
_chem_comp.formula
GLC D-saccharide, alpha linking alpha-D-glucopyranose 'C6 H12 O6'
GOL non-polymer GLYCEROL 'C3 H8 O3'
#
# COMPACT_ATOMS: atom_id res chain seq x y z
N THR A 1 -42.92 -6.15 9.25
CA THR A 1 -43.33 -4.75 9.55
C THR A 1 -43.74 -4.02 8.27
N HIS A 2 -44.79 -3.20 8.35
CA HIS A 2 -45.35 -2.55 7.16
C HIS A 2 -44.68 -1.23 6.78
N LEU A 3 -43.93 -0.64 7.71
CA LEU A 3 -43.32 0.68 7.49
C LEU A 3 -42.17 0.64 6.50
N ARG A 4 -41.40 -0.46 6.54
CA ARG A 4 -40.14 -0.57 5.80
C ARG A 4 -40.17 -1.61 4.69
N PRO A 5 -41.07 -1.43 3.71
CA PRO A 5 -41.27 -2.43 2.67
C PRO A 5 -40.03 -2.70 1.82
N TYR A 6 -39.09 -1.75 1.79
CA TYR A 6 -37.87 -1.93 1.02
C TYR A 6 -36.93 -2.95 1.68
N GLU A 7 -37.22 -3.35 2.92
CA GLU A 7 -36.46 -4.42 3.57
C GLU A 7 -36.87 -5.83 3.09
N THR A 8 -38.05 -5.92 2.47
CA THR A 8 -38.53 -7.20 1.92
C THR A 8 -38.72 -7.19 0.39
N LEU A 9 -39.41 -6.17 -0.12
CA LEU A 9 -39.68 -6.04 -1.55
C LEU A 9 -38.44 -5.61 -2.37
N GLY A 10 -38.34 -6.10 -3.60
CA GLY A 10 -37.19 -5.80 -4.46
C GLY A 10 -36.25 -6.99 -4.59
N ALA A 11 -34.95 -6.72 -4.60
CA ALA A 11 -33.92 -7.75 -4.73
C ALA A 11 -32.94 -7.72 -3.56
N HIS A 12 -32.97 -8.75 -2.74
CA HIS A 12 -32.08 -8.85 -1.60
C HIS A 12 -31.32 -10.15 -1.63
N ALA A 13 -30.21 -10.20 -0.88
CA ALA A 13 -29.40 -11.40 -0.79
C ALA A 13 -30.03 -12.38 0.21
N ASP A 14 -30.12 -13.65 -0.20
CA ASP A 14 -30.79 -14.65 0.63
C ASP A 14 -30.00 -15.95 0.65
N THR A 15 -30.34 -16.82 1.60
CA THR A 15 -29.64 -18.08 1.83
C THR A 15 -30.58 -19.28 1.93
N MET A 16 -31.16 -19.70 0.81
CA MET A 16 -32.05 -20.87 0.82
C MET A 16 -31.31 -22.21 0.66
N ASP A 17 -30.90 -22.77 1.79
CA ASP A 17 -30.27 -24.09 1.86
C ASP A 17 -28.90 -24.15 1.18
N GLY A 18 -27.87 -23.70 1.90
CA GLY A 18 -26.49 -23.80 1.44
C GLY A 18 -26.17 -22.92 0.25
N VAL A 19 -27.07 -22.93 -0.74
CA VAL A 19 -26.85 -22.17 -1.96
C VAL A 19 -27.23 -20.70 -1.78
N THR A 20 -26.43 -19.83 -2.37
CA THR A 20 -26.68 -18.39 -2.30
C THR A 20 -27.22 -17.85 -3.62
N GLY A 21 -27.90 -16.72 -3.54
CA GLY A 21 -28.47 -16.07 -4.70
C GLY A 21 -29.18 -14.82 -4.22
N THR A 22 -30.23 -14.43 -4.94
CA THR A 22 -31.04 -13.30 -4.52
C THR A 22 -32.54 -13.60 -4.63
N ARG A 23 -33.30 -13.13 -3.64
CA ARG A 23 -34.75 -13.26 -3.64
C ARG A 23 -35.40 -12.01 -4.20
N PHE A 24 -36.24 -12.19 -5.23
CA PHE A 24 -36.95 -11.09 -5.88
C PHE A 24 -38.39 -11.02 -5.39
N SER A 25 -38.86 -9.80 -5.18
CA SER A 25 -40.24 -9.60 -4.75
C SER A 25 -40.80 -8.40 -5.48
N VAL A 26 -42.02 -8.55 -5.97
CA VAL A 26 -42.73 -7.44 -6.61
C VAL A 26 -44.19 -7.51 -6.20
N TRP A 27 -44.80 -6.34 -6.02
CA TRP A 27 -46.19 -6.25 -5.64
C TRP A 27 -47.05 -5.89 -6.85
N ALA A 28 -47.83 -6.86 -7.34
CA ALA A 28 -48.73 -6.66 -8.49
C ALA A 28 -49.97 -7.55 -8.42
N PRO A 29 -50.98 -7.12 -7.65
CA PRO A 29 -52.17 -7.89 -7.27
C PRO A 29 -52.87 -8.57 -8.43
N ASN A 30 -53.17 -7.82 -9.48
CA ASN A 30 -53.88 -8.39 -10.63
C ASN A 30 -53.12 -8.38 -11.97
N ALA A 31 -52.00 -9.08 -11.99
CA ALA A 31 -51.33 -9.46 -13.22
C ALA A 31 -51.37 -11.00 -13.30
N ARG A 32 -51.06 -11.55 -14.46
CA ARG A 32 -51.00 -13.01 -14.58
C ARG A 32 -49.75 -13.45 -15.31
N ARG A 33 -48.83 -14.08 -14.59
CA ARG A 33 -47.53 -14.46 -15.13
C ARG A 33 -46.53 -13.30 -15.07
N VAL A 34 -45.51 -13.49 -14.23
CA VAL A 34 -44.39 -12.54 -14.13
C VAL A 34 -43.09 -13.34 -13.98
N SER A 35 -42.13 -13.06 -14.84
CA SER A 35 -40.83 -13.70 -14.74
C SER A 35 -39.69 -12.69 -14.57
N VAL A 36 -38.57 -13.17 -14.02
CA VAL A 36 -37.41 -12.35 -13.76
C VAL A 36 -36.39 -12.50 -14.89
N VAL A 37 -36.29 -11.49 -15.73
CA VAL A 37 -35.29 -11.48 -16.79
C VAL A 37 -34.05 -10.68 -16.39
N GLY A 38 -32.98 -11.38 -16.05
CA GLY A 38 -31.74 -10.72 -15.65
C GLY A 38 -30.60 -10.95 -16.63
N GLN A 39 -29.37 -10.74 -16.16
CA GLN A 39 -28.18 -10.97 -16.96
C GLN A 39 -27.79 -12.44 -16.81
N PHE A 40 -28.32 -13.05 -15.75
CA PHE A 40 -28.03 -14.40 -15.34
C PHE A 40 -28.94 -15.38 -16.08
N ASN A 41 -29.89 -14.82 -16.81
CA ASN A 41 -30.92 -15.57 -17.48
C ASN A 41 -30.82 -15.49 -18.99
N TYR A 42 -29.65 -15.13 -19.49
CA TYR A 42 -29.52 -14.90 -20.92
C TYR A 42 -30.63 -13.95 -21.36
N TRP A 43 -31.37 -13.43 -20.37
CA TRP A 43 -32.56 -12.60 -20.61
C TRP A 43 -33.67 -13.43 -21.25
N ASP A 44 -34.06 -14.51 -20.60
CA ASP A 44 -35.11 -15.38 -21.12
C ASP A 44 -36.26 -15.48 -20.12
N GLY A 45 -37.45 -15.09 -20.56
CA GLY A 45 -38.64 -15.13 -19.71
C GLY A 45 -39.30 -16.50 -19.61
N ARG A 46 -38.68 -17.50 -20.24
CA ARG A 46 -39.15 -18.88 -20.14
C ARG A 46 -38.45 -19.62 -19.00
N ARG A 47 -37.26 -19.16 -18.63
CA ARG A 47 -36.40 -19.90 -17.71
C ARG A 47 -36.75 -19.69 -16.23
N HIS A 48 -37.30 -18.52 -15.91
CA HIS A 48 -37.54 -18.14 -14.51
C HIS A 48 -38.84 -17.38 -14.32
N PRO A 49 -39.92 -18.09 -13.96
CA PRO A 49 -41.22 -17.50 -13.60
C PRO A 49 -41.34 -17.27 -12.08
N MET A 50 -42.33 -16.48 -11.65
CA MET A 50 -42.50 -16.18 -10.22
C MET A 50 -43.81 -16.73 -9.65
N ARG A 51 -43.78 -17.13 -8.38
CA ARG A 51 -44.99 -17.60 -7.70
C ARG A 51 -45.66 -16.53 -6.83
N LEU A 52 -46.83 -16.10 -7.26
CA LEU A 52 -47.64 -15.11 -6.56
C LEU A 52 -48.34 -15.70 -5.34
N ARG A 53 -48.29 -14.98 -4.22
CA ARG A 53 -49.16 -15.34 -3.10
C ARG A 53 -50.26 -14.29 -2.93
N LYS A 54 -51.52 -14.73 -3.05
CA LYS A 54 -52.65 -13.83 -3.29
C LYS A 54 -53.18 -13.08 -2.07
N GLU A 55 -52.73 -13.45 -0.88
CA GLU A 55 -53.08 -12.68 0.32
C GLU A 55 -52.45 -11.28 0.26
N SER A 56 -51.21 -11.19 -0.20
CA SER A 56 -50.46 -9.91 -0.24
C SER A 56 -50.45 -9.29 -1.63
N GLY A 57 -50.67 -10.13 -2.64
CA GLY A 57 -50.60 -9.68 -4.02
C GLY A 57 -49.16 -9.59 -4.52
N ILE A 58 -48.25 -10.27 -3.82
CA ILE A 58 -46.84 -10.16 -4.14
C ILE A 58 -46.27 -11.40 -4.83
N TRP A 59 -45.76 -11.21 -6.05
CA TRP A 59 -45.00 -12.25 -6.76
C TRP A 59 -43.62 -12.41 -6.14
N GLU A 60 -43.05 -13.62 -6.20
CA GLU A 60 -41.66 -13.80 -5.75
C GLU A 60 -41.00 -15.11 -6.16
N LEU A 61 -39.67 -15.13 -6.05
CA LEU A 61 -38.84 -16.24 -6.50
C LEU A 61 -37.39 -16.06 -6.03
N PHE A 62 -36.74 -17.17 -5.70
CA PHE A 62 -35.35 -17.17 -5.32
C PHE A 62 -34.48 -17.77 -6.43
N ILE A 63 -33.54 -16.99 -6.95
CA ILE A 63 -32.64 -17.46 -8.00
C ILE A 63 -31.19 -17.64 -7.52
N PRO A 64 -30.74 -18.90 -7.42
CA PRO A 64 -29.34 -19.21 -7.14
C PRO A 64 -28.45 -18.76 -8.30
N GLY A 65 -27.22 -18.37 -8.00
CA GLY A 65 -26.32 -17.84 -9.03
C GLY A 65 -26.43 -16.33 -9.14
N ALA A 66 -27.66 -15.84 -9.25
CA ALA A 66 -27.93 -14.40 -9.38
C ALA A 66 -27.29 -13.59 -8.27
N HIS A 67 -26.28 -12.80 -8.61
CA HIS A 67 -25.49 -12.07 -7.61
C HIS A 67 -25.55 -10.54 -7.78
N ASN A 68 -25.02 -9.82 -6.79
CA ASN A 68 -24.95 -8.35 -6.88
C ASN A 68 -24.25 -7.93 -8.19
N GLY A 69 -24.65 -6.78 -8.73
CA GLY A 69 -24.00 -6.25 -9.92
C GLY A 69 -24.67 -6.60 -11.24
N GLN A 70 -25.59 -7.56 -11.22
CA GLN A 70 -26.25 -8.01 -12.44
C GLN A 70 -27.49 -7.17 -12.75
N LEU A 71 -27.66 -6.82 -14.03
CA LEU A 71 -28.82 -6.07 -14.48
C LEU A 71 -30.02 -7.00 -14.50
N TYR A 72 -31.23 -6.44 -14.53
CA TYR A 72 -32.41 -7.27 -14.50
C TYR A 72 -33.69 -6.47 -14.63
N LYS A 73 -34.76 -7.15 -15.03
CA LYS A 73 -36.09 -6.56 -15.10
C LYS A 73 -37.17 -7.59 -14.79
N TYR A 74 -38.42 -7.17 -14.85
CA TYR A 74 -39.54 -8.08 -14.72
C TYR A 74 -40.30 -8.17 -16.03
N GLU A 75 -40.56 -9.38 -16.48
CA GLU A 75 -41.38 -9.60 -17.67
C GLU A 75 -42.79 -9.97 -17.23
N MET A 76 -43.76 -9.14 -17.57
CA MET A 76 -45.10 -9.27 -17.03
C MET A 76 -46.19 -9.37 -18.10
N ILE A 77 -47.13 -10.29 -17.90
CA ILE A 77 -48.37 -10.26 -18.65
C ILE A 77 -49.37 -9.49 -17.81
N ASP A 78 -49.79 -8.32 -18.27
CA ASP A 78 -50.72 -7.50 -17.51
C ASP A 78 -52.17 -7.97 -17.65
N ALA A 79 -53.04 -7.45 -16.80
CA ALA A 79 -54.45 -7.83 -16.81
C ALA A 79 -55.04 -7.98 -18.22
N ASN A 80 -54.54 -7.17 -19.15
CA ASN A 80 -55.08 -7.13 -20.51
C ASN A 80 -54.37 -8.07 -21.47
N GLY A 81 -53.39 -8.80 -20.96
CA GLY A 81 -52.65 -9.75 -21.76
C GLY A 81 -51.54 -9.13 -22.59
N ASN A 82 -51.14 -7.92 -22.23
CA ASN A 82 -50.04 -7.26 -22.92
C ASN A 82 -48.69 -7.62 -22.28
N LEU A 83 -47.68 -7.81 -23.11
CA LEU A 83 -46.33 -8.03 -22.63
C LEU A 83 -45.65 -6.67 -22.47
N ARG A 84 -45.28 -6.35 -21.23
CA ARG A 84 -44.50 -5.16 -20.90
C ARG A 84 -43.36 -5.62 -20.00
N LEU A 85 -42.18 -5.02 -20.15
CA LEU A 85 -41.07 -5.26 -19.23
C LEU A 85 -41.00 -4.12 -18.23
N LYS A 86 -40.95 -4.42 -16.94
CA LYS A 86 -40.94 -3.33 -15.94
C LYS A 86 -39.66 -3.22 -15.10
N SER A 87 -39.28 -1.99 -14.78
CA SER A 87 -38.17 -1.75 -13.86
C SER A 87 -38.65 -2.07 -12.46
N ASP A 88 -37.78 -2.61 -11.61
CA ASP A 88 -38.15 -2.79 -10.21
C ASP A 88 -38.43 -1.39 -9.61
N PRO A 89 -39.62 -1.19 -9.03
CA PRO A 89 -40.00 0.07 -8.39
C PRO A 89 -39.20 0.30 -7.13
N TYR A 90 -38.63 -0.78 -6.60
CA TYR A 90 -37.72 -0.70 -5.46
C TYR A 90 -36.29 -0.92 -5.91
N ALA A 91 -35.98 -0.51 -7.14
CA ALA A 91 -34.61 -0.56 -7.62
C ALA A 91 -33.73 0.34 -6.75
N PHE A 92 -32.76 -0.26 -6.08
CA PHE A 92 -31.87 0.48 -5.21
C PHE A 92 -30.70 1.10 -5.96
N GLU A 93 -30.57 0.68 -7.23
CA GLU A 93 -29.54 1.17 -8.15
C GLU A 93 -30.05 0.91 -9.57
N ALA A 94 -29.86 1.86 -10.48
CA ALA A 94 -30.34 1.70 -11.85
C ALA A 94 -29.20 1.84 -12.84
N GLN A 95 -29.27 1.08 -13.95
CA GLN A 95 -28.21 1.12 -14.96
C GLN A 95 -28.12 2.50 -15.62
N MET A 96 -26.96 2.80 -16.21
CA MET A 96 -26.73 4.05 -16.94
C MET A 96 -27.79 4.30 -18.01
N ARG A 97 -28.21 5.56 -18.15
CA ARG A 97 -29.15 5.99 -19.18
C ARG A 97 -28.57 5.82 -20.60
N PRO A 98 -29.44 5.76 -21.64
CA PRO A 98 -30.90 5.68 -21.64
C PRO A 98 -31.35 4.56 -20.72
N GLU A 99 -31.69 3.40 -21.28
CA GLU A 99 -31.82 2.16 -20.51
C GLU A 99 -32.65 2.32 -19.22
N THR A 100 -33.09 1.18 -18.65
CA THR A 100 -33.96 1.28 -17.49
C THR A 100 -33.94 0.04 -16.61
N ALA A 101 -32.95 -0.82 -16.79
CA ALA A 101 -32.89 -2.03 -15.99
C ALA A 101 -32.47 -1.70 -14.56
N SER A 102 -32.88 -2.57 -13.64
CA SER A 102 -32.48 -2.44 -12.26
C SER A 102 -31.22 -3.24 -12.02
N LEU A 103 -30.48 -2.89 -10.97
CA LEU A 103 -29.26 -3.58 -10.64
C LEU A 103 -29.45 -4.27 -9.29
N ILE A 104 -29.14 -5.55 -9.22
CA ILE A 104 -29.09 -6.22 -7.92
C ILE A 104 -27.98 -5.61 -7.06
N CYS A 105 -28.32 -5.08 -5.89
CA CYS A 105 -27.31 -4.57 -4.97
C CYS A 105 -27.70 -4.77 -3.52
N GLY A 106 -29.01 -4.78 -3.27
CA GLY A 106 -29.48 -4.90 -1.89
C GLY A 106 -29.39 -3.61 -1.11
N LEU A 107 -29.35 -3.73 0.22
CA LEU A 107 -29.36 -2.56 1.10
C LEU A 107 -27.97 -2.22 1.65
N PRO A 108 -27.69 -0.92 1.85
CA PRO A 108 -26.54 -0.48 2.66
C PRO A 108 -26.84 -0.68 4.13
N GLU A 109 -25.80 -0.74 4.97
CA GLU A 109 -25.96 -0.85 6.41
C GLU A 109 -26.72 0.35 7.00
N LYS A 110 -27.54 0.11 8.01
CA LYS A 110 -28.26 1.19 8.68
C LYS A 110 -27.25 2.23 9.21
N VAL A 111 -27.62 3.50 9.10
CA VAL A 111 -26.84 4.60 9.67
C VAL A 111 -27.54 5.06 10.92
N VAL A 112 -26.82 5.13 12.02
CA VAL A 112 -27.39 5.62 13.27
C VAL A 112 -27.19 7.13 13.32
N GLN A 113 -28.24 7.91 13.63
CA GLN A 113 -28.11 9.38 13.66
C GLN A 113 -27.51 9.83 14.97
N THR A 114 -26.45 10.64 14.90
CA THR A 114 -25.68 11.03 16.08
C THR A 114 -26.36 12.14 16.86
N GLU A 115 -25.96 12.30 18.11
CA GLU A 115 -26.59 13.32 18.93
C GLU A 115 -26.35 14.71 18.39
N GLU A 116 -25.15 14.97 17.89
N GLU A 116 -25.12 14.95 17.90
CA GLU A 116 -24.83 16.31 17.39
CA GLU A 116 -24.72 16.23 17.32
C GLU A 116 -25.55 16.67 16.08
C GLU A 116 -25.61 16.64 16.14
N ARG A 117 -25.93 15.68 15.28
CA ARG A 117 -26.75 15.98 14.12
C ARG A 117 -28.23 16.23 14.43
N LYS A 118 -28.73 15.61 15.51
CA LYS A 118 -30.09 15.82 15.95
C LYS A 118 -30.16 17.20 16.55
N LYS A 119 -29.18 17.52 17.37
CA LYS A 119 -29.07 18.85 17.90
C LYS A 119 -29.06 19.92 16.78
N ALA A 120 -28.44 19.60 15.66
CA ALA A 120 -28.24 20.56 14.57
C ALA A 120 -29.54 20.90 13.84
N ASN A 121 -30.57 20.05 14.02
CA ASN A 121 -31.92 20.21 13.43
C ASN A 121 -32.94 20.90 14.36
N GLN A 122 -32.61 21.10 15.63
CA GLN A 122 -33.54 21.61 16.61
C GLN A 122 -33.92 23.08 16.41
N PHE A 123 -35.05 23.47 16.98
CA PHE A 123 -35.56 24.83 16.76
C PHE A 123 -34.63 25.93 17.32
N ASP A 124 -33.73 25.58 18.24
CA ASP A 124 -32.87 26.58 18.87
C ASP A 124 -31.48 26.64 18.23
N ALA A 125 -31.30 25.85 17.17
CA ALA A 125 -29.99 25.76 16.54
C ALA A 125 -29.82 26.86 15.49
N PRO A 126 -28.58 27.34 15.31
CA PRO A 126 -28.38 28.15 14.10
C PRO A 126 -28.47 27.24 12.87
N ILE A 127 -29.38 27.53 11.93
CA ILE A 127 -29.47 26.72 10.74
C ILE A 127 -29.29 27.61 9.50
N SER A 128 -28.26 27.34 8.74
CA SER A 128 -27.97 28.09 7.56
C SER A 128 -27.67 27.09 6.46
N ILE A 129 -28.52 27.08 5.46
CA ILE A 129 -28.54 26.01 4.50
C ILE A 129 -27.98 26.47 3.16
N TYR A 130 -27.07 25.69 2.61
CA TYR A 130 -26.57 25.92 1.27
C TYR A 130 -27.32 24.96 0.33
N GLU A 131 -28.13 25.53 -0.56
CA GLU A 131 -28.93 24.71 -1.45
C GLU A 131 -28.16 24.50 -2.78
N VAL A 132 -28.09 23.25 -3.25
CA VAL A 132 -27.22 22.92 -4.38
C VAL A 132 -27.90 21.94 -5.31
N HIS A 133 -27.68 22.17 -6.60
CA HIS A 133 -28.00 21.21 -7.64
C HIS A 133 -26.67 20.59 -8.10
N LEU A 134 -26.55 19.29 -7.87
CA LEU A 134 -25.26 18.60 -7.97
C LEU A 134 -24.78 18.59 -9.42
N GLY A 135 -25.73 18.75 -10.34
CA GLY A 135 -25.41 18.68 -11.76
C GLY A 135 -24.83 19.96 -12.31
N SER A 136 -24.89 21.04 -11.52
CA SER A 136 -24.49 22.33 -12.05
C SER A 136 -23.70 23.19 -11.10
N TRP A 137 -23.22 22.61 -10.00
CA TRP A 137 -22.44 23.39 -9.05
C TRP A 137 -21.09 23.69 -9.68
N ARG A 138 -20.40 22.65 -10.11
CA ARG A 138 -19.14 22.77 -10.77
C ARG A 138 -19.09 21.78 -11.91
N ARG A 139 -18.24 22.02 -12.90
CA ARG A 139 -17.94 21.08 -13.98
C ARG A 139 -16.43 20.97 -14.16
N HIS A 140 -15.93 19.89 -14.76
CA HIS A 140 -14.53 19.88 -15.13
C HIS A 140 -14.38 20.84 -16.29
N THR A 141 -13.29 21.60 -16.31
CA THR A 141 -13.16 22.69 -17.30
C THR A 141 -12.88 22.29 -18.77
N ASP A 142 -11.98 21.35 -18.99
CA ASP A 142 -11.69 21.02 -20.36
C ASP A 142 -12.93 20.44 -21.09
N ASN A 143 -13.60 19.48 -20.46
CA ASN A 143 -14.64 18.71 -21.13
C ASN A 143 -16.09 19.01 -20.70
N ASN A 144 -16.22 19.83 -19.65
CA ASN A 144 -17.53 20.21 -19.14
C ASN A 144 -18.26 19.07 -18.43
N PHE A 145 -17.53 18.03 -18.05
CA PHE A 145 -18.14 16.85 -17.45
C PHE A 145 -18.62 17.12 -16.03
N TRP A 146 -19.67 16.41 -15.63
CA TRP A 146 -20.10 16.44 -14.21
C TRP A 146 -18.96 16.06 -13.28
N LEU A 147 -19.03 16.57 -12.03
CA LEU A 147 -18.21 16.08 -10.95
C LEU A 147 -18.91 14.85 -10.41
N SER A 148 -18.13 13.85 -10.03
CA SER A 148 -18.67 12.66 -9.40
C SER A 148 -19.02 12.92 -7.93
N TYR A 149 -19.77 11.99 -7.34
CA TYR A 149 -20.10 12.05 -5.93
C TYR A 149 -18.83 12.18 -5.10
N ARG A 150 -17.82 11.42 -5.48
CA ARG A 150 -16.56 11.47 -4.74
C ARG A 150 -15.80 12.77 -4.92
N GLU A 151 -15.80 13.34 -6.13
CA GLU A 151 -15.18 14.66 -6.32
C GLU A 151 -16.01 15.72 -5.56
N LEU A 152 -17.33 15.54 -5.52
CA LEU A 152 -18.17 16.44 -4.78
C LEU A 152 -17.87 16.30 -3.30
N ALA A 153 -17.56 15.08 -2.84
CA ALA A 153 -17.17 14.90 -1.44
C ALA A 153 -15.87 15.69 -1.12
N ASP A 154 -14.98 15.80 -2.10
CA ASP A 154 -13.69 16.46 -1.89
C ASP A 154 -13.67 17.99 -2.10
N GLN A 155 -14.72 18.50 -2.75
CA GLN A 155 -14.77 19.94 -3.17
C GLN A 155 -15.94 20.73 -2.64
N LEU A 156 -17.14 20.17 -2.75
CA LEU A 156 -18.36 20.84 -2.30
C LEU A 156 -18.47 20.81 -0.79
N VAL A 157 -18.18 19.65 -0.20
CA VAL A 157 -18.29 19.52 1.25
C VAL A 157 -17.34 20.49 2.02
N PRO A 158 -16.05 20.53 1.68
CA PRO A 158 -15.11 21.50 2.30
C PRO A 158 -15.47 22.96 2.05
N TYR A 159 -15.94 23.26 0.85
CA TYR A 159 -16.38 24.61 0.51
C TYR A 159 -17.54 25.06 1.41
N ALA A 160 -18.54 24.21 1.58
CA ALA A 160 -19.73 24.54 2.38
C ALA A 160 -19.40 24.69 3.84
N LYS A 161 -18.54 23.80 4.32
CA LYS A 161 -18.07 23.85 5.65
C LYS A 161 -17.33 25.17 5.96
N TRP A 162 -16.31 25.48 5.15
CA TRP A 162 -15.52 26.73 5.25
C TRP A 162 -16.39 27.97 5.15
N MET A 163 -17.36 27.96 4.23
CA MET A 163 -18.29 29.09 4.16
C MET A 163 -19.23 29.19 5.39
N GLY A 164 -19.13 28.24 6.32
CA GLY A 164 -19.90 28.33 7.57
C GLY A 164 -21.36 27.89 7.54
N PHE A 165 -21.78 27.21 6.47
CA PHE A 165 -23.12 26.66 6.46
C PHE A 165 -23.22 25.47 7.42
N THR A 166 -24.43 25.15 7.89
CA THR A 166 -24.64 24.02 8.80
C THR A 166 -25.28 22.87 8.05
N HIS A 167 -25.96 23.20 6.95
CA HIS A 167 -26.68 22.22 6.17
C HIS A 167 -26.39 22.38 4.69
N LEU A 168 -26.41 21.25 4.02
CA LEU A 168 -26.34 21.16 2.59
C LEU A 168 -27.70 20.61 2.19
N GLU A 169 -28.43 21.33 1.33
CA GLU A 169 -29.70 20.83 0.82
C GLU A 169 -29.54 20.46 -0.64
N LEU A 170 -29.98 19.29 -1.03
CA LEU A 170 -29.77 18.75 -2.39
C LEU A 170 -31.08 18.73 -3.16
N LEU A 171 -31.08 19.36 -4.33
CA LEU A 171 -32.16 19.10 -5.24
C LEU A 171 -32.25 17.57 -5.42
N PRO A 172 -33.42 17.06 -5.76
CA PRO A 172 -33.70 15.60 -5.72
C PRO A 172 -32.62 14.78 -6.42
N ILE A 173 -32.05 13.79 -5.72
CA ILE A 173 -31.06 12.90 -6.34
C ILE A 173 -31.66 11.55 -6.77
N ASN A 174 -32.99 11.47 -6.69
N ASN A 174 -32.98 11.45 -6.69
CA ASN A 174 -33.73 10.36 -7.28
CA ASN A 174 -33.69 10.26 -7.17
C ASN A 174 -33.21 10.10 -8.67
C ASN A 174 -33.50 10.11 -8.67
N GLU A 175 -33.33 8.88 -9.15
CA GLU A 175 -33.04 8.66 -10.55
C GLU A 175 -34.11 9.37 -11.38
N HIS A 176 -33.70 10.13 -12.38
CA HIS A 176 -34.65 10.84 -13.22
C HIS A 176 -34.06 10.96 -14.63
N PRO A 177 -34.90 10.80 -15.65
CA PRO A 177 -34.43 10.75 -17.03
C PRO A 177 -33.98 12.10 -17.58
N PHE A 178 -34.62 13.20 -17.18
CA PHE A 178 -34.31 14.47 -17.82
C PHE A 178 -33.61 15.51 -16.91
N ASP A 179 -32.42 15.92 -17.31
CA ASP A 179 -31.66 16.85 -16.51
C ASP A 179 -32.54 18.05 -16.23
N GLY A 180 -33.35 18.43 -17.21
CA GLY A 180 -34.15 19.64 -17.14
C GLY A 180 -35.26 19.67 -16.11
N SER A 181 -35.65 18.52 -15.57
CA SER A 181 -36.60 18.51 -14.46
C SER A 181 -35.90 18.87 -13.14
N TRP A 182 -34.57 18.89 -13.16
CA TRP A 182 -33.76 19.18 -11.97
C TRP A 182 -33.89 18.06 -10.95
N GLY A 183 -34.60 17.01 -11.32
CA GLY A 183 -34.79 15.88 -10.44
C GLY A 183 -36.22 15.81 -9.93
N TYR A 184 -37.04 16.81 -10.26
CA TYR A 184 -38.41 16.78 -9.75
C TYR A 184 -39.36 15.87 -10.50
N GLN A 185 -38.92 15.29 -11.60
N GLN A 185 -38.90 15.29 -11.60
CA GLN A 185 -39.73 14.31 -12.32
CA GLN A 185 -39.68 14.31 -12.37
C GLN A 185 -39.02 12.96 -12.37
C GLN A 185 -38.97 12.97 -12.35
N PRO A 186 -39.12 12.21 -11.26
CA PRO A 186 -38.37 10.96 -11.02
C PRO A 186 -38.91 9.76 -11.76
N THR A 187 -38.09 8.72 -11.85
CA THR A 187 -38.53 7.43 -12.35
C THR A 187 -38.11 6.29 -11.45
N GLY A 188 -37.28 6.57 -10.45
CA GLY A 188 -36.78 5.55 -9.53
C GLY A 188 -36.56 6.18 -8.16
N LEU A 189 -37.57 6.06 -7.31
CA LEU A 189 -37.58 6.70 -6.00
C LEU A 189 -36.48 6.18 -5.05
N TYR A 190 -36.00 4.96 -5.27
CA TYR A 190 -35.09 4.29 -4.30
C TYR A 190 -33.65 4.21 -4.80
N ALA A 191 -33.40 4.73 -6.00
CA ALA A 191 -32.04 4.73 -6.52
C ALA A 191 -31.48 6.15 -6.70
N PRO A 192 -30.36 6.46 -6.03
CA PRO A 192 -29.78 7.77 -6.28
C PRO A 192 -29.30 7.83 -7.72
N THR A 193 -29.39 9.00 -8.34
CA THR A 193 -29.05 9.07 -9.77
C THR A 193 -27.64 8.58 -10.07
N ARG A 194 -27.50 7.94 -11.22
CA ARG A 194 -26.24 7.36 -11.67
C ARG A 194 -25.37 8.39 -12.40
N ARG A 195 -25.94 9.56 -12.66
CA ARG A 195 -25.19 10.67 -13.25
C ARG A 195 -23.82 10.88 -12.60
N PHE A 196 -23.77 10.79 -11.27
CA PHE A 196 -22.53 11.13 -10.53
C PHE A 196 -21.76 9.96 -9.92
N GLY A 197 -22.12 8.73 -10.30
CA GLY A 197 -21.51 7.56 -9.69
C GLY A 197 -22.52 6.54 -9.16
N THR A 198 -22.03 5.65 -8.30
CA THR A 198 -22.84 4.57 -7.77
C THR A 198 -23.55 4.95 -6.47
N ARG A 199 -24.50 4.13 -6.04
CA ARG A 199 -25.20 4.37 -4.78
C ARG A 199 -24.22 4.39 -3.61
N ASP A 200 -23.14 3.62 -3.69
CA ASP A 200 -22.11 3.61 -2.65
C ASP A 200 -21.27 4.90 -2.69
N ASP A 201 -21.08 5.45 -3.89
CA ASP A 201 -20.47 6.75 -4.04
C ASP A 201 -21.34 7.83 -3.32
N PHE A 202 -22.65 7.83 -3.55
CA PHE A 202 -23.55 8.78 -2.89
C PHE A 202 -23.44 8.68 -1.37
N ARG A 203 -23.57 7.46 -0.87
CA ARG A 203 -23.32 7.18 0.54
C ARG A 203 -21.96 7.72 1.08
N TYR A 204 -20.89 7.61 0.28
CA TYR A 204 -19.59 8.16 0.67
C TYR A 204 -19.66 9.69 0.79
N PHE A 205 -20.43 10.29 -0.12
CA PHE A 205 -20.67 11.73 -0.11
C PHE A 205 -21.38 12.16 1.18
N ILE A 206 -22.44 11.44 1.54
CA ILE A 206 -23.17 11.74 2.76
C ILE A 206 -22.26 11.57 3.93
N ASP A 207 -21.47 10.49 3.94
CA ASP A 207 -20.54 10.25 5.05
C ASP A 207 -19.55 11.41 5.16
N ALA A 208 -19.03 11.87 4.02
CA ALA A 208 -18.06 12.96 4.00
C ALA A 208 -18.65 14.27 4.55
N ALA A 209 -19.93 14.52 4.30
CA ALA A 209 -20.52 15.77 4.73
C ALA A 209 -20.62 15.71 6.24
N HIS A 210 -21.03 14.56 6.75
CA HIS A 210 -21.13 14.33 8.18
C HIS A 210 -19.79 14.44 8.91
N ALA A 211 -18.74 13.84 8.35
CA ALA A 211 -17.41 13.97 8.96
C ALA A 211 -16.97 15.43 9.01
N ALA A 212 -17.49 16.27 8.10
CA ALA A 212 -17.13 17.65 8.12
C ALA A 212 -18.03 18.42 9.08
N GLY A 213 -18.96 17.74 9.74
CA GLY A 213 -19.89 18.44 10.62
C GLY A 213 -21.06 19.14 9.93
N LEU A 214 -21.51 18.62 8.77
CA LEU A 214 -22.68 19.17 8.05
C LEU A 214 -23.88 18.23 8.12
N ASN A 215 -25.06 18.78 8.37
CA ASN A 215 -26.27 18.00 8.21
C ASN A 215 -26.64 17.99 6.73
N VAL A 216 -27.33 16.93 6.27
CA VAL A 216 -27.78 16.92 4.88
C VAL A 216 -29.29 16.83 4.77
N ILE A 217 -29.88 17.74 3.99
CA ILE A 217 -31.29 17.74 3.69
C ILE A 217 -31.46 17.30 2.25
N LEU A 218 -32.36 16.35 2.04
CA LEU A 218 -32.69 15.94 0.70
C LEU A 218 -34.07 16.43 0.23
N ASP A 219 -34.15 17.00 -0.97
CA ASP A 219 -35.44 17.29 -1.57
C ASP A 219 -36.14 15.97 -1.89
N TRP A 220 -37.33 15.82 -1.34
CA TRP A 220 -38.00 14.55 -1.46
C TRP A 220 -39.31 14.80 -2.22
N VAL A 221 -39.57 14.00 -3.25
CA VAL A 221 -40.62 14.32 -4.21
C VAL A 221 -41.76 13.31 -4.24
N PRO A 222 -42.55 13.27 -3.16
CA PRO A 222 -43.66 12.35 -3.05
C PRO A 222 -44.92 12.91 -3.71
N GLY A 223 -44.81 14.10 -4.29
CA GLY A 223 -45.94 14.77 -4.94
C GLY A 223 -45.91 14.84 -6.46
N HIS A 224 -44.85 14.28 -7.06
CA HIS A 224 -44.71 14.28 -8.50
C HIS A 224 -44.66 12.83 -8.97
N PHE A 225 -45.81 12.29 -9.39
CA PHE A 225 -45.89 10.90 -9.86
C PHE A 225 -45.01 10.72 -11.09
N PRO A 226 -44.28 9.60 -11.18
CA PRO A 226 -43.46 9.36 -12.37
C PRO A 226 -44.28 9.45 -13.66
N THR A 227 -43.81 10.28 -14.59
CA THR A 227 -44.50 10.48 -15.87
C THR A 227 -43.62 10.15 -17.07
N ASP A 228 -42.53 9.40 -16.87
CA ASP A 228 -41.62 9.05 -17.96
C ASP A 228 -41.37 7.55 -18.04
N ASP A 229 -41.04 7.05 -19.24
CA ASP A 229 -40.57 5.67 -19.40
C ASP A 229 -41.54 4.60 -18.93
N PHE A 230 -42.84 4.91 -18.90
CA PHE A 230 -43.85 3.98 -18.39
C PHE A 230 -43.35 3.30 -17.13
N ALA A 231 -42.75 4.11 -16.25
CA ALA A 231 -42.00 3.60 -15.11
C ALA A 231 -42.89 3.11 -13.96
N LEU A 232 -44.05 3.73 -13.78
CA LEU A 232 -44.90 3.38 -12.64
C LEU A 232 -46.39 3.30 -13.00
N ALA A 233 -46.80 4.00 -14.05
CA ALA A 233 -48.21 4.07 -14.44
C ALA A 233 -48.75 2.71 -14.87
N GLU A 234 -50.05 2.50 -14.67
CA GLU A 234 -50.72 1.24 -15.05
C GLU A 234 -49.75 0.08 -14.84
N PHE A 235 -49.15 0.06 -13.65
CA PHE A 235 -48.01 -0.80 -13.40
C PHE A 235 -48.26 -2.25 -13.75
N ASP A 236 -49.42 -2.77 -13.36
CA ASP A 236 -49.80 -4.16 -13.66
C ASP A 236 -50.92 -4.25 -14.70
N GLY A 237 -51.22 -3.13 -15.35
CA GLY A 237 -52.31 -3.04 -16.31
C GLY A 237 -53.49 -2.23 -15.80
N THR A 238 -53.60 -2.14 -14.48
CA THR A 238 -54.63 -1.32 -13.83
C THR A 238 -54.02 -0.08 -13.19
N ASN A 239 -54.85 0.71 -12.50
CA ASN A 239 -54.39 1.87 -11.74
C ASN A 239 -53.82 1.47 -10.39
N LEU A 240 -52.67 0.81 -10.43
CA LEU A 240 -52.05 0.29 -9.23
C LEU A 240 -51.63 1.42 -8.29
N TYR A 241 -50.66 2.23 -8.71
CA TYR A 241 -50.09 3.24 -7.84
C TYR A 241 -50.81 4.59 -7.93
N GLU A 242 -51.36 4.88 -9.10
CA GLU A 242 -52.01 6.17 -9.34
C GLU A 242 -53.53 6.12 -9.19
N HIS A 243 -54.11 7.27 -8.87
CA HIS A 243 -55.56 7.45 -8.75
C HIS A 243 -56.26 7.26 -10.10
N SER A 244 -57.49 6.77 -10.08
CA SER A 244 -58.20 6.50 -11.33
C SER A 244 -58.84 7.75 -11.94
N THR A 256 -51.33 15.48 -14.89
CA THR A 256 -52.59 14.98 -14.32
C THR A 256 -52.43 13.73 -13.45
N LEU A 257 -51.44 12.87 -13.75
CA LEU A 257 -51.24 11.64 -12.97
C LEU A 257 -50.85 11.94 -11.53
N ILE A 258 -51.58 11.37 -10.57
CA ILE A 258 -51.27 11.56 -9.14
C ILE A 258 -51.45 10.30 -8.26
N TYR A 259 -50.54 10.13 -7.31
CA TYR A 259 -50.55 8.96 -6.42
C TYR A 259 -51.90 8.73 -5.75
N ASN A 260 -52.24 7.46 -5.51
CA ASN A 260 -53.41 7.12 -4.71
C ASN A 260 -53.00 6.97 -3.25
N TYR A 261 -52.91 8.11 -2.56
CA TYR A 261 -52.33 8.14 -1.21
C TYR A 261 -53.08 7.30 -0.17
N GLY A 262 -54.40 7.24 -0.30
CA GLY A 262 -55.24 6.50 0.65
C GLY A 262 -55.07 4.99 0.55
N ARG A 263 -54.66 4.52 -0.62
CA ARG A 263 -54.36 3.11 -0.82
C ARG A 263 -53.16 2.72 0.06
N ARG A 264 -53.43 1.85 1.04
CA ARG A 264 -52.46 1.44 2.06
C ARG A 264 -51.04 1.11 1.56
N GLU A 265 -50.93 0.23 0.56
CA GLU A 265 -49.61 -0.14 0.02
C GLU A 265 -48.82 1.02 -0.63
N VAL A 266 -49.51 1.93 -1.32
CA VAL A 266 -48.90 3.05 -2.02
C VAL A 266 -48.26 3.95 -0.98
N SER A 267 -49.08 4.36 -0.01
CA SER A 267 -48.66 5.07 1.18
C SER A 267 -47.42 4.42 1.79
N ASN A 268 -47.42 3.10 1.91
CA ASN A 268 -46.29 2.35 2.44
C ASN A 268 -45.04 2.49 1.58
N PHE A 269 -45.23 2.48 0.27
CA PHE A 269 -44.16 2.66 -0.70
C PHE A 269 -43.48 4.02 -0.52
N LEU A 270 -44.27 5.03 -0.17
CA LEU A 270 -43.76 6.40 0.00
C LEU A 270 -43.18 6.70 1.39
N VAL A 271 -43.90 6.32 2.45
CA VAL A 271 -43.37 6.51 3.81
C VAL A 271 -42.09 5.67 3.94
N GLY A 272 -42.14 4.47 3.36
CA GLY A 272 -40.97 3.62 3.24
C GLY A 272 -39.76 4.37 2.69
N ASN A 273 -39.98 5.09 1.60
CA ASN A 273 -38.92 5.80 0.89
C ASN A 273 -38.25 6.87 1.78
N ALA A 274 -39.05 7.58 2.57
CA ALA A 274 -38.51 8.54 3.54
C ALA A 274 -37.61 7.83 4.54
N LEU A 275 -38.13 6.76 5.13
CA LEU A 275 -37.41 5.99 6.14
C LEU A 275 -36.12 5.44 5.58
N TYR A 276 -36.14 5.12 4.30
CA TYR A 276 -35.00 4.55 3.62
C TYR A 276 -33.86 5.55 3.49
N TRP A 277 -34.17 6.76 3.06
CA TRP A 277 -33.11 7.75 2.86
C TRP A 277 -32.50 8.06 4.20
N ILE A 278 -33.34 8.20 5.20
CA ILE A 278 -32.88 8.62 6.51
C ILE A 278 -32.13 7.52 7.23
N GLU A 279 -32.61 6.29 7.10
CA GLU A 279 -32.02 5.15 7.83
C GLU A 279 -30.86 4.48 7.09
N ARG A 280 -30.95 4.40 5.77
CA ARG A 280 -29.92 3.70 4.99
C ARG A 280 -28.88 4.62 4.38
N PHE A 281 -29.12 5.95 4.40
CA PHE A 281 -28.17 6.87 3.81
C PHE A 281 -27.75 7.91 4.81
N GLY A 282 -28.44 7.96 5.95
CA GLY A 282 -28.09 8.91 6.99
C GLY A 282 -28.52 10.34 6.72
N ILE A 283 -29.49 10.51 5.84
CA ILE A 283 -30.02 11.86 5.58
C ILE A 283 -30.70 12.40 6.83
N ASP A 284 -30.52 13.69 7.11
CA ASP A 284 -30.96 14.27 8.35
C ASP A 284 -32.30 14.97 8.27
N ALA A 285 -32.83 15.18 7.07
CA ALA A 285 -34.02 15.99 6.91
C ALA A 285 -34.54 15.87 5.48
N LEU A 286 -35.85 16.01 5.33
CA LEU A 286 -36.42 15.99 4.00
C LEU A 286 -37.22 17.25 3.76
N ARG A 287 -37.26 17.68 2.51
CA ARG A 287 -38.02 18.85 2.15
C ARG A 287 -39.01 18.47 1.08
N VAL A 288 -40.29 18.75 1.29
CA VAL A 288 -41.30 18.46 0.26
C VAL A 288 -41.69 19.75 -0.49
N ASP A 289 -41.48 19.76 -1.80
CA ASP A 289 -41.81 20.93 -2.61
C ASP A 289 -43.28 20.89 -3.01
N ALA A 290 -43.79 22.03 -3.44
CA ALA A 290 -45.11 22.11 -4.05
C ALA A 290 -46.20 21.35 -3.28
N VAL A 291 -46.28 21.58 -1.97
CA VAL A 291 -47.31 20.98 -1.11
C VAL A 291 -48.72 21.41 -1.51
N ALA A 292 -48.88 22.61 -2.07
CA ALA A 292 -50.20 23.07 -2.44
C ALA A 292 -50.85 22.14 -3.46
N SER A 293 -50.04 21.64 -4.39
CA SER A 293 -50.57 20.86 -5.48
C SER A 293 -50.74 19.41 -5.05
N MET A 294 -50.27 19.08 -3.86
CA MET A 294 -50.64 17.80 -3.27
C MET A 294 -51.98 17.94 -2.56
N ILE A 295 -52.17 19.03 -1.84
CA ILE A 295 -53.36 19.14 -1.01
C ILE A 295 -54.56 19.76 -1.69
N TYR A 296 -54.33 20.47 -2.80
CA TYR A 296 -55.42 21.06 -3.58
C TYR A 296 -55.39 20.63 -5.03
N ARG A 297 -55.59 21.63 -5.89
CA ARG A 297 -55.65 21.47 -7.36
C ARG A 297 -56.41 20.22 -7.86
N GLY A 313 -62.29 22.46 0.41
CA GLY A 313 -63.37 22.19 -0.54
C GLY A 313 -62.81 21.44 -1.74
N ARG A 314 -61.63 21.87 -2.17
CA ARG A 314 -60.86 21.14 -3.17
C ARG A 314 -59.76 20.36 -2.47
N GLU A 315 -59.79 20.38 -1.13
CA GLU A 315 -58.82 19.65 -0.33
C GLU A 315 -58.83 18.18 -0.70
N ASN A 316 -57.71 17.67 -1.17
CA ASN A 316 -57.55 16.23 -1.37
C ASN A 316 -57.24 15.60 -0.02
N LEU A 317 -58.29 15.07 0.63
CA LEU A 317 -58.22 14.62 2.02
C LEU A 317 -57.23 13.47 2.22
N GLU A 318 -56.98 12.72 1.17
CA GLU A 318 -56.03 11.61 1.20
C GLU A 318 -54.59 12.12 1.20
N ALA A 319 -54.36 13.26 0.55
CA ALA A 319 -53.04 13.87 0.54
C ALA A 319 -52.73 14.46 1.91
N ILE A 320 -53.69 15.20 2.45
CA ILE A 320 -53.53 15.84 3.74
C ILE A 320 -53.28 14.86 4.86
N GLU A 321 -53.92 13.69 4.79
CA GLU A 321 -53.78 12.70 5.85
C GLU A 321 -52.49 11.91 5.66
N PHE A 322 -52.12 11.71 4.40
CA PHE A 322 -50.83 11.10 4.11
C PHE A 322 -49.64 11.92 4.66
N LEU A 323 -49.63 13.22 4.38
CA LEU A 323 -48.58 14.10 4.93
C LEU A 323 -48.61 14.11 6.47
N ARG A 324 -49.81 14.24 7.04
CA ARG A 324 -49.98 14.15 8.49
C ARG A 324 -49.39 12.82 9.00
N ASN A 325 -49.66 11.75 8.27
CA ASN A 325 -49.23 10.43 8.67
C ASN A 325 -47.75 10.29 8.62
N THR A 326 -47.20 10.57 7.45
CA THR A 326 -45.76 10.46 7.24
C THR A 326 -45.01 11.21 8.31
N ASN A 327 -45.44 12.42 8.62
CA ASN A 327 -44.78 13.21 9.67
C ASN A 327 -44.86 12.53 11.02
N ARG A 328 -46.06 12.05 11.39
CA ARG A 328 -46.22 11.33 12.65
C ARG A 328 -45.20 10.19 12.76
N ILE A 329 -45.15 9.38 11.70
CA ILE A 329 -44.30 8.20 11.71
C ILE A 329 -42.80 8.52 11.83
N LEU A 330 -42.32 9.51 11.07
CA LEU A 330 -40.92 9.93 11.20
C LEU A 330 -40.59 10.38 12.61
N GLY A 331 -41.51 11.13 13.21
CA GLY A 331 -41.32 11.62 14.57
C GLY A 331 -41.14 10.51 15.57
N GLU A 332 -41.86 9.39 15.36
CA GLU A 332 -41.76 8.23 16.24
C GLU A 332 -40.58 7.34 15.85
N GLN A 333 -40.36 7.14 14.54
CA GLN A 333 -39.37 6.16 14.09
C GLN A 333 -37.93 6.70 14.05
N VAL A 334 -37.76 7.90 13.52
CA VAL A 334 -36.43 8.45 13.35
C VAL A 334 -36.32 9.82 13.99
N SER A 335 -36.73 9.92 15.25
CA SER A 335 -36.72 11.23 15.88
C SER A 335 -35.32 11.83 15.78
N GLY A 336 -35.24 13.12 15.51
CA GLY A 336 -33.97 13.78 15.29
C GLY A 336 -33.92 14.26 13.85
N ALA A 337 -34.60 13.53 12.97
CA ALA A 337 -34.75 13.94 11.60
C ALA A 337 -35.93 14.93 11.55
N VAL A 338 -35.92 15.87 10.61
CA VAL A 338 -37.03 16.80 10.50
C VAL A 338 -37.54 16.87 9.08
N THR A 339 -38.74 17.41 8.91
CA THR A 339 -39.27 17.64 7.58
C THR A 339 -39.54 19.13 7.40
N MET A 340 -39.40 19.59 6.17
CA MET A 340 -39.63 20.99 5.85
C MET A 340 -40.57 21.03 4.66
N ALA A 341 -41.34 22.10 4.53
CA ALA A 341 -42.31 22.19 3.43
C ALA A 341 -42.32 23.54 2.71
N GLU A 342 -42.53 23.49 1.41
CA GLU A 342 -42.90 24.67 0.65
C GLU A 342 -44.39 24.54 0.24
N GLU A 343 -45.24 25.38 0.81
CA GLU A 343 -46.68 25.41 0.55
C GLU A 343 -47.09 26.85 0.20
N SER A 344 -47.68 27.06 -0.97
CA SER A 344 -47.80 28.43 -1.47
C SER A 344 -49.18 29.10 -1.40
N THR A 345 -50.13 28.53 -0.65
CA THR A 345 -51.47 29.14 -0.57
C THR A 345 -51.87 29.51 0.85
N ASP A 346 -50.93 29.45 1.79
CA ASP A 346 -51.23 29.80 3.16
C ASP A 346 -52.24 28.86 3.84
N PHE A 347 -52.21 27.58 3.47
CA PHE A 347 -52.86 26.58 4.29
C PHE A 347 -52.41 26.84 5.72
N PRO A 348 -53.33 26.82 6.68
CA PRO A 348 -52.88 27.13 8.04
C PRO A 348 -52.21 25.93 8.73
N GLY A 349 -51.16 26.20 9.50
CA GLY A 349 -50.52 25.18 10.31
C GLY A 349 -49.74 24.13 9.54
N VAL A 350 -49.08 24.53 8.48
CA VAL A 350 -48.20 23.61 7.76
C VAL A 350 -47.10 23.05 8.68
N SER A 351 -46.52 23.90 9.53
CA SER A 351 -45.50 23.45 10.49
C SER A 351 -46.09 23.42 11.89
N ARG A 352 -47.31 22.92 12.00
CA ARG A 352 -47.93 22.78 13.30
C ARG A 352 -48.37 21.32 13.54
N PRO A 353 -48.51 20.94 14.83
CA PRO A 353 -48.89 19.59 15.26
C PRO A 353 -50.23 19.12 14.69
N GLN A 354 -50.26 17.89 14.18
CA GLN A 354 -51.48 17.28 13.67
C GLN A 354 -52.68 17.31 14.64
N ASP A 355 -52.46 17.21 15.94
CA ASP A 355 -53.58 17.18 16.89
C ASP A 355 -54.48 18.44 16.74
N MET A 356 -53.83 19.58 16.53
CA MET A 356 -54.53 20.78 16.06
C MET A 356 -54.77 20.61 14.57
N GLY A 357 -55.02 21.69 13.83
CA GLY A 357 -55.35 21.52 12.42
C GLY A 357 -54.17 21.16 11.53
N GLY A 358 -53.01 20.94 12.15
CA GLY A 358 -51.72 20.95 11.46
C GLY A 358 -51.36 19.88 10.45
N LEU A 359 -50.37 20.19 9.62
CA LEU A 359 -49.78 19.22 8.71
C LEU A 359 -48.62 18.42 9.32
N GLY A 360 -48.09 18.85 10.47
CA GLY A 360 -46.98 18.14 11.11
C GLY A 360 -45.53 18.40 10.64
N PHE A 361 -45.30 19.36 9.75
CA PHE A 361 -43.91 19.66 9.39
C PHE A 361 -43.23 20.42 10.54
N TRP A 362 -41.91 20.29 10.62
CA TRP A 362 -41.16 21.11 11.57
C TRP A 362 -40.96 22.55 11.08
N TYR A 363 -40.65 22.71 9.79
CA TYR A 363 -40.33 24.06 9.24
C TYR A 363 -41.06 24.32 7.97
N LYS A 364 -41.23 25.59 7.65
CA LYS A 364 -41.91 26.01 6.40
C LYS A 364 -41.06 27.09 5.73
N TRP A 365 -40.92 27.03 4.40
CA TRP A 365 -40.30 28.14 3.64
C TRP A 365 -41.14 29.39 3.74
N ASN A 366 -40.50 30.54 4.00
CA ASN A 366 -41.21 31.79 4.14
C ASN A 366 -41.23 32.51 2.81
N LEU A 367 -42.03 32.00 1.88
CA LEU A 367 -42.16 32.60 0.54
C LEU A 367 -42.65 34.04 0.59
N GLY A 368 -43.61 34.33 1.47
CA GLY A 368 -44.10 35.70 1.64
C GLY A 368 -42.97 36.68 1.97
N TRP A 369 -42.05 36.25 2.81
CA TRP A 369 -40.90 37.08 3.20
C TRP A 369 -39.96 37.32 2.01
N MET A 370 -39.75 36.26 1.22
CA MET A 370 -38.90 36.35 0.08
C MET A 370 -39.52 37.35 -0.91
N HIS A 371 -40.84 37.26 -1.14
CA HIS A 371 -41.53 38.17 -2.06
C HIS A 371 -41.51 39.63 -1.62
N ASP A 372 -41.86 39.86 -0.37
CA ASP A 372 -41.88 41.21 0.17
C ASP A 372 -40.50 41.88 0.19
N THR A 373 -39.47 41.18 0.68
CA THR A 373 -38.17 41.80 0.82
C THR A 373 -37.49 42.04 -0.54
N LEU A 374 -37.64 41.11 -1.47
CA LEU A 374 -37.12 41.33 -2.82
C LEU A 374 -37.84 42.49 -3.55
N ASP A 375 -39.17 42.55 -3.47
CA ASP A 375 -39.88 43.73 -4.01
C ASP A 375 -39.33 45.01 -3.37
N TYR A 376 -39.00 44.94 -2.08
CA TYR A 376 -38.47 46.13 -1.41
C TYR A 376 -37.09 46.50 -1.94
N MET A 377 -36.22 45.50 -2.09
CA MET A 377 -34.85 45.75 -2.55
C MET A 377 -34.85 46.20 -4.00
N LYS A 378 -35.84 45.76 -4.79
CA LYS A 378 -35.92 46.13 -6.20
C LYS A 378 -36.19 47.60 -6.40
N LEU A 379 -36.82 48.23 -5.43
CA LEU A 379 -37.23 49.60 -5.52
C LEU A 379 -36.02 50.50 -5.55
N ASP A 380 -36.13 51.55 -6.36
CA ASP A 380 -35.26 52.69 -6.32
C ASP A 380 -35.31 53.19 -4.87
N PRO A 381 -34.12 53.39 -4.24
CA PRO A 381 -34.06 53.69 -2.80
C PRO A 381 -34.90 54.91 -2.48
N VAL A 382 -35.04 55.78 -3.45
CA VAL A 382 -35.83 56.99 -3.32
C VAL A 382 -37.34 56.71 -3.02
N TYR A 383 -37.82 55.52 -3.39
CA TYR A 383 -39.21 55.14 -3.20
C TYR A 383 -39.45 54.22 -2.03
N ARG A 384 -38.41 53.82 -1.34
CA ARG A 384 -38.54 52.87 -0.25
C ARG A 384 -39.33 53.45 0.90
N GLN A 385 -39.26 54.77 1.09
CA GLN A 385 -40.09 55.38 2.14
C GLN A 385 -41.57 54.99 2.07
N TYR A 386 -42.04 54.59 0.88
CA TYR A 386 -43.49 54.39 0.70
C TYR A 386 -43.83 52.91 0.87
N HIS A 387 -42.82 52.09 1.14
CA HIS A 387 -43.03 50.65 1.21
C HIS A 387 -42.37 50.02 2.42
N HIS A 388 -42.30 50.80 3.49
CA HIS A 388 -41.72 50.35 4.73
C HIS A 388 -42.38 49.05 5.19
N ASP A 389 -43.67 48.96 4.89
CA ASP A 389 -44.51 47.81 5.18
CA ASP A 389 -44.45 47.80 5.29
C ASP A 389 -43.89 46.48 4.76
N LYS A 390 -43.15 46.52 3.66
CA LYS A 390 -42.63 45.29 3.11
C LYS A 390 -41.61 44.61 4.06
N LEU A 391 -40.95 45.40 4.90
CA LEU A 391 -39.91 44.86 5.78
C LEU A 391 -40.45 44.57 7.15
N THR A 392 -41.45 45.34 7.57
CA THR A 392 -42.03 45.14 8.91
C THR A 392 -43.14 44.07 8.98
N PHE A 393 -43.80 43.78 7.86
CA PHE A 393 -44.88 42.73 7.84
C PHE A 393 -44.48 41.32 8.36
N GLY A 394 -43.27 40.86 8.04
CA GLY A 394 -42.83 39.50 8.38
C GLY A 394 -42.98 39.19 9.86
N ILE A 395 -42.82 40.21 10.68
CA ILE A 395 -42.94 39.98 12.10
C ILE A 395 -44.37 39.59 12.51
N LEU A 396 -45.39 40.12 11.83
CA LEU A 396 -46.78 39.85 12.23
C LEU A 396 -47.15 38.40 12.19
N TYR A 397 -46.73 37.69 11.16
CA TYR A 397 -47.10 36.28 11.08
C TYR A 397 -45.92 35.36 11.42
N ASN A 398 -44.86 35.89 12.01
CA ASN A 398 -43.65 35.05 12.22
C ASN A 398 -43.92 33.88 13.17
N TYR A 399 -44.87 34.07 14.07
CA TYR A 399 -45.16 33.13 15.15
C TYR A 399 -46.29 32.17 14.80
N THR A 400 -46.68 32.14 13.52
CA THR A 400 -47.72 31.21 13.06
C THR A 400 -47.11 29.95 12.41
N GLU A 401 -45.84 30.03 12.01
CA GLU A 401 -45.14 28.91 11.37
C GLU A 401 -43.67 28.95 11.77
N ASN A 402 -42.96 27.83 11.69
CA ASN A 402 -41.52 27.85 11.96
C ASN A 402 -40.78 28.06 10.64
N PHE A 403 -40.37 29.29 10.42
CA PHE A 403 -40.01 29.72 9.06
C PHE A 403 -38.54 29.52 8.71
N VAL A 404 -38.29 29.14 7.47
CA VAL A 404 -36.96 29.26 6.84
C VAL A 404 -37.08 30.44 5.86
N LEU A 405 -36.15 31.39 5.93
CA LEU A 405 -36.07 32.48 4.96
C LEU A 405 -35.29 32.01 3.70
N PRO A 406 -35.97 31.89 2.54
CA PRO A 406 -35.34 31.15 1.44
C PRO A 406 -35.02 31.97 0.20
N LEU A 407 -33.78 31.88 -0.25
CA LEU A 407 -33.40 32.46 -1.51
C LEU A 407 -32.98 31.28 -2.38
N SER A 408 -33.97 30.66 -3.01
CA SER A 408 -33.83 29.34 -3.55
C SER A 408 -33.63 29.35 -5.07
N HIS A 409 -33.41 28.17 -5.62
CA HIS A 409 -33.22 28.04 -7.08
C HIS A 409 -34.41 28.57 -7.94
N ASP A 410 -35.62 28.59 -7.38
CA ASP A 410 -36.83 28.97 -8.15
C ASP A 410 -36.82 30.45 -8.41
N GLU A 411 -36.03 31.20 -7.64
CA GLU A 411 -36.05 32.65 -7.78
C GLU A 411 -35.05 33.16 -8.81
N VAL A 412 -34.20 32.27 -9.32
CA VAL A 412 -33.14 32.70 -10.23
C VAL A 412 -33.16 31.93 -11.57
N VAL A 413 -34.37 31.68 -12.08
CA VAL A 413 -34.56 31.08 -13.40
C VAL A 413 -35.66 31.78 -14.19
N HIS A 414 -35.84 31.33 -15.43
CA HIS A 414 -36.97 31.75 -16.26
C HIS A 414 -37.13 33.26 -16.37
N GLY A 415 -36.04 34.00 -16.52
CA GLY A 415 -36.19 35.43 -16.69
C GLY A 415 -36.47 36.17 -15.39
N LYS A 416 -36.41 35.51 -14.24
CA LYS A 416 -36.55 36.24 -12.97
C LYS A 416 -35.28 37.03 -12.58
N LYS A 417 -34.17 36.73 -13.27
CA LYS A 417 -32.87 37.34 -12.95
C LYS A 417 -32.18 36.73 -11.72
N SER A 418 -30.88 37.01 -11.60
CA SER A 418 -30.15 36.70 -10.40
C SER A 418 -30.60 37.64 -9.28
N ILE A 419 -30.22 37.33 -8.05
CA ILE A 419 -30.51 38.25 -6.94
C ILE A 419 -29.74 39.58 -7.16
N LEU A 420 -28.46 39.49 -7.53
CA LEU A 420 -27.68 40.70 -7.77
C LEU A 420 -28.38 41.65 -8.77
N ASP A 421 -28.86 41.09 -9.88
CA ASP A 421 -29.46 41.88 -10.96
C ASP A 421 -30.80 42.51 -10.67
N ARG A 422 -31.52 42.01 -9.67
CA ARG A 422 -32.68 42.69 -9.11
C ARG A 422 -32.37 44.04 -8.39
N MET A 423 -31.14 44.23 -7.94
CA MET A 423 -30.77 45.43 -7.19
C MET A 423 -30.74 46.66 -8.10
N PRO A 424 -31.10 47.84 -7.56
CA PRO A 424 -31.11 49.06 -8.38
C PRO A 424 -29.74 49.74 -8.41
N GLY A 425 -29.52 50.58 -9.44
CA GLY A 425 -28.37 51.50 -9.47
C GLY A 425 -27.23 51.01 -10.35
N ASP A 426 -26.13 51.75 -10.32
CA ASP A 426 -24.92 51.28 -10.95
C ASP A 426 -24.36 50.10 -10.14
N ALA A 427 -23.43 49.37 -10.76
CA ALA A 427 -22.90 48.13 -10.20
C ALA A 427 -22.52 48.29 -8.73
N TRP A 428 -21.79 49.34 -8.40
CA TRP A 428 -21.35 49.50 -7.01
C TRP A 428 -22.52 49.68 -6.03
N GLN A 429 -23.60 50.29 -6.50
CA GLN A 429 -24.81 50.40 -5.67
C GLN A 429 -25.56 49.08 -5.59
N LYS A 430 -25.55 48.32 -6.66
CA LYS A 430 -26.10 46.97 -6.64
C LYS A 430 -25.48 46.09 -5.58
N PHE A 431 -24.14 46.04 -5.57
CA PHE A 431 -23.41 45.25 -4.58
C PHE A 431 -23.71 45.70 -3.16
N ALA A 432 -23.76 47.00 -2.95
CA ALA A 432 -24.05 47.52 -1.59
C ALA A 432 -25.47 47.16 -1.16
N ASN A 433 -26.43 47.26 -2.07
CA ASN A 433 -27.81 46.85 -1.74
C ASN A 433 -27.85 45.37 -1.35
N LEU A 434 -27.21 44.54 -2.16
CA LEU A 434 -27.20 43.14 -1.89
C LEU A 434 -26.50 42.80 -0.51
N ARG A 435 -25.35 43.40 -0.25
CA ARG A 435 -24.73 43.22 1.07
C ARG A 435 -25.70 43.62 2.22
N ALA A 436 -26.32 44.78 2.11
CA ALA A 436 -27.20 45.26 3.18
C ALA A 436 -28.32 44.25 3.41
N TYR A 437 -28.82 43.69 2.29
CA TYR A 437 -29.93 42.75 2.32
C TYR A 437 -29.55 41.44 3.01
N TYR A 438 -28.39 40.89 2.69
CA TYR A 438 -27.94 39.67 3.39
C TYR A 438 -27.78 39.96 4.89
N GLY A 439 -27.22 41.12 5.23
CA GLY A 439 -27.14 41.54 6.63
C GLY A 439 -28.50 41.51 7.32
N TRP A 440 -29.52 42.01 6.64
CA TRP A 440 -30.88 42.00 7.14
C TRP A 440 -31.42 40.57 7.24
N MET A 441 -31.24 39.78 6.18
CA MET A 441 -31.74 38.42 6.17
C MET A 441 -31.15 37.59 7.31
N TRP A 442 -29.84 37.69 7.52
CA TRP A 442 -29.19 36.89 8.54
C TRP A 442 -29.57 37.31 9.97
N ALA A 443 -30.14 38.50 10.15
CA ALA A 443 -30.53 38.98 11.50
C ALA A 443 -32.02 38.73 11.82
N PHE A 444 -32.81 38.54 10.76
CA PHE A 444 -34.27 38.50 10.83
C PHE A 444 -34.73 37.11 11.26
N PRO A 445 -35.78 37.03 12.10
CA PRO A 445 -36.17 35.72 12.66
C PRO A 445 -36.43 34.71 11.56
N GLY A 446 -35.94 33.50 11.73
CA GLY A 446 -36.09 32.44 10.72
C GLY A 446 -34.74 31.87 10.38
N LYS A 447 -34.71 30.59 10.03
CA LYS A 447 -33.46 29.96 9.62
C LYS A 447 -33.15 30.47 8.23
N LYS A 448 -32.00 30.09 7.67
CA LYS A 448 -31.50 30.68 6.43
C LYS A 448 -31.29 29.63 5.37
N LEU A 449 -31.65 29.96 4.13
CA LEU A 449 -31.33 29.09 3.02
C LEU A 449 -30.87 29.93 1.87
N LEU A 450 -29.79 29.52 1.22
CA LEU A 450 -29.20 30.31 0.16
C LEU A 450 -28.83 29.41 -1.03
N PHE A 451 -29.28 29.75 -2.23
CA PHE A 451 -28.93 28.92 -3.39
C PHE A 451 -27.53 29.20 -3.90
N MET A 452 -26.79 28.11 -4.16
CA MET A 452 -25.46 28.20 -4.77
C MET A 452 -25.44 29.28 -5.83
N GLY A 453 -24.35 30.04 -5.86
CA GLY A 453 -24.23 31.17 -6.78
C GLY A 453 -24.60 32.47 -6.11
N ASN A 454 -25.52 32.43 -5.16
CA ASN A 454 -25.91 33.66 -4.49
C ASN A 454 -24.79 34.19 -3.60
N GLU A 455 -23.95 33.31 -3.04
CA GLU A 455 -22.96 33.74 -2.05
C GLU A 455 -21.84 34.54 -2.66
N PHE A 456 -21.65 34.45 -3.96
CA PHE A 456 -20.67 35.28 -4.60
C PHE A 456 -21.30 36.22 -5.61
N ALA A 457 -22.60 36.47 -5.42
CA ALA A 457 -23.33 37.38 -6.30
C ALA A 457 -23.17 37.05 -7.79
N GLN A 458 -23.51 35.84 -8.19
CA GLN A 458 -23.51 35.50 -9.64
C GLN A 458 -24.39 36.52 -10.40
N GLY A 459 -23.92 37.02 -11.55
CA GLY A 459 -24.70 37.97 -12.39
C GLY A 459 -25.80 37.31 -13.24
N ARG A 460 -25.45 36.25 -13.94
CA ARG A 460 -26.41 35.49 -14.71
C ARG A 460 -27.37 34.62 -13.89
N GLU A 461 -28.50 34.29 -14.50
CA GLU A 461 -29.43 33.33 -13.93
C GLU A 461 -28.80 31.96 -13.79
N TRP A 462 -29.37 31.10 -12.96
CA TRP A 462 -28.93 29.71 -12.87
C TRP A 462 -29.21 28.90 -14.13
N ASN A 463 -28.21 28.17 -14.59
CA ASN A 463 -28.30 27.30 -15.75
C ASN A 463 -27.94 25.91 -15.26
N HIS A 464 -28.93 25.03 -15.15
CA HIS A 464 -28.72 23.64 -14.72
C HIS A 464 -27.82 22.84 -15.70
N ASP A 465 -27.57 23.36 -16.90
CA ASP A 465 -26.72 22.64 -17.86
C ASP A 465 -25.30 23.22 -18.02
N ALA A 466 -24.88 24.05 -17.07
CA ALA A 466 -23.52 24.54 -17.04
C ALA A 466 -23.04 24.64 -15.60
N SER A 467 -21.74 24.82 -15.44
CA SER A 467 -21.20 25.17 -14.15
C SER A 467 -21.70 26.57 -13.72
N LEU A 468 -21.67 26.87 -12.43
CA LEU A 468 -21.88 28.26 -12.01
C LEU A 468 -20.76 29.11 -12.52
N ASP A 469 -20.91 30.43 -12.39
CA ASP A 469 -19.91 31.36 -12.93
C ASP A 469 -18.72 31.60 -11.99
N TRP A 470 -17.99 30.52 -11.66
CA TRP A 470 -16.78 30.62 -10.83
C TRP A 470 -15.70 31.56 -11.44
N HIS A 471 -15.72 31.75 -12.75
CA HIS A 471 -14.76 32.64 -13.40
C HIS A 471 -14.88 34.06 -12.82
N LEU A 472 -16.02 34.39 -12.25
CA LEU A 472 -16.19 35.69 -11.61
C LEU A 472 -15.20 35.89 -10.47
N LEU A 473 -14.76 34.78 -9.88
CA LEU A 473 -13.82 34.84 -8.76
C LEU A 473 -12.36 34.72 -9.21
N GLU A 474 -12.10 34.69 -10.52
CA GLU A 474 -10.71 34.62 -10.99
C GLU A 474 -10.03 35.99 -10.93
N GLY A 475 -8.72 35.99 -10.78
CA GLY A 475 -7.96 37.21 -10.86
C GLY A 475 -7.95 37.96 -9.55
N GLY A 476 -7.68 39.27 -9.63
CA GLY A 476 -7.48 40.08 -8.42
C GLY A 476 -8.75 40.13 -7.59
N ASP A 477 -8.59 40.49 -6.33
CA ASP A 477 -9.73 40.63 -5.42
C ASP A 477 -10.78 41.63 -5.95
N ASN A 478 -12.05 41.21 -6.04
CA ASN A 478 -13.12 42.05 -6.63
C ASN A 478 -14.40 42.03 -5.80
N TRP A 479 -15.46 42.64 -6.29
CA TRP A 479 -16.66 42.81 -5.49
C TRP A 479 -17.36 41.46 -5.19
N HIS A 480 -17.13 40.45 -6.06
CA HIS A 480 -17.73 39.13 -5.86
C HIS A 480 -17.00 38.42 -4.68
N HIS A 481 -15.69 38.56 -4.60
CA HIS A 481 -15.00 38.05 -3.42
C HIS A 481 -15.54 38.71 -2.15
N GLY A 482 -15.95 39.97 -2.28
CA GLY A 482 -16.42 40.76 -1.14
C GLY A 482 -17.69 40.20 -0.58
N VAL A 483 -18.61 39.82 -1.46
CA VAL A 483 -19.87 39.25 -1.06
C VAL A 483 -19.58 37.88 -0.46
N GLN A 484 -18.61 37.17 -1.03
CA GLN A 484 -18.40 35.80 -0.56
C GLN A 484 -17.85 35.83 0.85
N ARG A 485 -16.93 36.75 1.15
CA ARG A 485 -16.45 36.92 2.54
C ARG A 485 -17.56 37.30 3.51
N LEU A 486 -18.41 38.21 3.08
CA LEU A 486 -19.52 38.65 3.89
C LEU A 486 -20.45 37.48 4.28
N VAL A 487 -20.78 36.60 3.34
CA VAL A 487 -21.69 35.48 3.63
C VAL A 487 -21.02 34.55 4.67
N ARG A 488 -19.72 34.28 4.48
CA ARG A 488 -18.97 33.53 5.50
C ARG A 488 -19.01 34.22 6.86
N ASP A 489 -18.63 35.50 6.95
CA ASP A 489 -18.70 36.24 8.26
C ASP A 489 -20.09 36.27 8.87
N LEU A 490 -21.11 36.32 8.04
CA LEU A 490 -22.52 36.33 8.49
C LEU A 490 -22.84 34.98 9.09
N ASN A 491 -22.51 33.91 8.37
CA ASN A 491 -22.69 32.54 8.91
C ASN A 491 -21.95 32.32 10.25
N LEU A 492 -20.71 32.75 10.34
CA LEU A 492 -19.91 32.45 11.53
C LEU A 492 -20.39 33.33 12.70
N THR A 493 -20.90 34.52 12.38
CA THR A 493 -21.31 35.44 13.43
C THR A 493 -22.69 34.99 13.97
N TYR A 494 -23.58 34.69 13.03
CA TYR A 494 -24.89 34.14 13.30
C TYR A 494 -24.78 32.87 14.16
N ARG A 495 -23.79 32.04 13.93
CA ARG A 495 -23.64 30.78 14.72
C ARG A 495 -23.07 31.01 16.11
N HIS A 496 -22.19 31.99 16.23
CA HIS A 496 -21.50 32.25 17.48
C HIS A 496 -22.45 32.86 18.53
N HIS A 497 -23.30 33.77 18.12
CA HIS A 497 -24.13 34.48 19.11
C HIS A 497 -25.50 33.87 19.22
N LYS A 498 -25.86 33.37 20.40
CA LYS A 498 -27.19 32.77 20.62
C LYS A 498 -28.40 33.71 20.31
N ALA A 499 -28.27 35.00 20.61
CA ALA A 499 -29.37 35.96 20.31
C ALA A 499 -29.83 35.83 18.86
N MET A 500 -28.90 35.56 17.94
CA MET A 500 -29.26 35.53 16.51
C MET A 500 -30.07 34.29 16.14
N HIS A 501 -30.08 33.30 17.00
CA HIS A 501 -30.72 32.05 16.56
C HIS A 501 -31.57 31.30 17.58
N GLU A 502 -31.41 31.60 18.85
CA GLU A 502 -32.00 30.76 19.87
C GLU A 502 -33.52 30.91 19.98
N LEU A 503 -34.05 32.11 19.79
CA LEU A 503 -35.46 32.39 20.06
C LEU A 503 -36.24 32.93 18.85
N ASP A 504 -36.00 32.37 17.68
CA ASP A 504 -36.62 32.81 16.44
C ASP A 504 -38.15 32.75 16.53
N PHE A 505 -38.63 31.75 17.27
CA PHE A 505 -40.04 31.41 17.25
C PHE A 505 -40.69 31.77 18.57
N ASP A 506 -40.04 32.65 19.32
CA ASP A 506 -40.55 33.15 20.58
C ASP A 506 -40.54 34.67 20.49
N PRO A 507 -41.66 35.32 20.84
CA PRO A 507 -41.71 36.78 20.77
C PRO A 507 -40.60 37.43 21.58
N TYR A 508 -40.17 36.81 22.66
CA TYR A 508 -39.03 37.32 23.44
C TYR A 508 -37.73 37.49 22.61
N GLY A 509 -37.62 36.76 21.49
CA GLY A 509 -36.41 36.78 20.64
C GLY A 509 -36.20 38.01 19.77
N PHE A 510 -37.19 38.88 19.67
CA PHE A 510 -37.14 39.99 18.75
C PHE A 510 -37.92 41.15 19.29
N GLU A 511 -37.39 42.36 19.13
CA GLU A 511 -38.14 43.54 19.51
C GLU A 511 -37.68 44.74 18.70
N TRP A 512 -38.63 45.47 18.08
CA TRP A 512 -38.34 46.70 17.37
C TRP A 512 -37.76 47.75 18.29
N LEU A 513 -36.69 48.42 17.88
CA LEU A 513 -36.30 49.67 18.54
C LEU A 513 -36.79 50.90 17.69
N VAL A 514 -36.77 50.76 16.36
CA VAL A 514 -37.22 51.85 15.46
C VAL A 514 -37.93 51.22 14.30
N VAL A 515 -39.24 51.23 14.39
CA VAL A 515 -40.09 50.55 13.44
C VAL A 515 -40.73 51.55 12.44
N ASP A 516 -40.61 52.85 12.68
CA ASP A 516 -41.36 53.83 11.90
C ASP A 516 -40.56 54.97 11.30
N ASP A 517 -39.25 54.82 11.11
CA ASP A 517 -38.50 55.83 10.38
C ASP A 517 -38.61 55.59 8.90
N LYS A 518 -39.80 55.84 8.37
CA LYS A 518 -40.08 55.63 6.97
C LYS A 518 -39.35 56.67 6.16
N GLU A 519 -39.35 57.90 6.64
CA GLU A 519 -38.77 59.00 5.86
C GLU A 519 -37.34 58.65 5.46
N ARG A 520 -36.58 58.05 6.37
CA ARG A 520 -35.20 57.77 6.05
C ARG A 520 -34.90 56.32 5.71
N SER A 521 -35.94 55.47 5.72
CA SER A 521 -35.74 54.04 5.52
C SER A 521 -34.67 53.44 6.44
N VAL A 522 -34.66 53.84 7.70
CA VAL A 522 -33.82 53.23 8.69
C VAL A 522 -34.69 52.34 9.56
N LEU A 523 -34.26 51.08 9.74
CA LEU A 523 -34.96 50.11 10.60
C LEU A 523 -34.00 49.52 11.64
N ILE A 524 -34.46 49.43 12.89
CA ILE A 524 -33.62 49.00 13.93
C ILE A 524 -34.35 48.10 14.92
N PHE A 525 -33.77 46.93 15.17
CA PHE A 525 -34.38 45.99 16.09
C PHE A 525 -33.29 45.30 16.87
N VAL A 526 -33.74 44.45 17.77
CA VAL A 526 -32.89 43.79 18.73
C VAL A 526 -33.20 42.30 18.62
N ARG A 527 -32.16 41.45 18.58
CA ARG A 527 -32.39 40.03 18.76
C ARG A 527 -31.95 39.67 20.18
N ARG A 528 -32.58 38.68 20.76
CA ARG A 528 -32.43 38.41 22.22
C ARG A 528 -32.33 36.94 22.42
N ASP A 529 -31.39 36.50 23.28
CA ASP A 529 -31.31 35.08 23.66
C ASP A 529 -32.02 34.81 24.97
N LYS A 530 -32.02 33.54 25.39
CA LYS A 530 -32.74 33.14 26.60
C LYS A 530 -32.21 33.79 27.87
N GLU A 531 -30.93 34.10 27.89
CA GLU A 531 -30.34 34.77 29.04
C GLU A 531 -30.71 36.25 29.01
N GLY A 532 -31.27 36.74 27.91
CA GLY A 532 -31.71 38.13 27.82
C GLY A 532 -30.67 39.09 27.23
N ASN A 533 -29.56 38.55 26.70
CA ASN A 533 -28.57 39.34 25.97
C ASN A 533 -29.10 39.82 24.64
N GLU A 534 -28.85 41.08 24.30
CA GLU A 534 -29.42 41.68 23.07
C GLU A 534 -28.34 41.99 22.05
N ILE A 535 -28.59 41.66 20.79
CA ILE A 535 -27.77 42.20 19.72
C ILE A 535 -28.61 43.21 18.93
N ILE A 536 -28.07 44.42 18.72
CA ILE A 536 -28.75 45.45 17.99
C ILE A 536 -28.46 45.38 16.49
N VAL A 537 -29.53 45.39 15.69
CA VAL A 537 -29.45 45.30 14.25
C VAL A 537 -29.99 46.60 13.66
N ALA A 538 -29.14 47.32 12.91
CA ALA A 538 -29.55 48.58 12.27
C ALA A 538 -29.29 48.59 10.75
N SER A 539 -30.31 48.99 9.96
CA SER A 539 -30.15 49.05 8.52
C SER A 539 -30.52 50.43 8.00
N ASN A 540 -29.75 50.88 7.02
CA ASN A 540 -29.98 52.16 6.38
C ASN A 540 -30.19 51.82 4.91
N PHE A 541 -31.42 51.86 4.44
CA PHE A 541 -31.67 51.37 3.08
C PHE A 541 -31.65 52.46 2.04
N THR A 542 -31.05 53.60 2.35
CA THR A 542 -30.85 54.63 1.28
C THR A 542 -29.38 54.98 1.23
N PRO A 543 -28.92 55.55 0.11
CA PRO A 543 -27.50 55.93 0.04
C PRO A 543 -27.15 57.19 0.83
N VAL A 544 -28.06 57.68 1.67
CA VAL A 544 -27.67 58.82 2.54
C VAL A 544 -27.08 58.31 3.87
N PRO A 545 -25.82 58.68 4.14
CA PRO A 545 -25.23 58.21 5.41
C PRO A 545 -25.88 58.97 6.53
N ARG A 546 -26.12 58.30 7.65
CA ARG A 546 -26.73 58.96 8.79
C ARG A 546 -25.74 59.05 9.94
N HIS A 547 -25.49 60.28 10.38
CA HIS A 547 -24.54 60.55 11.44
C HIS A 547 -25.32 61.06 12.64
N ASP A 548 -24.88 60.70 13.85
CA ASP A 548 -25.57 61.11 15.07
C ASP A 548 -27.04 60.68 15.06
N TYR A 549 -27.30 59.46 14.58
CA TYR A 549 -28.63 58.91 14.57
C TYR A 549 -28.90 58.31 15.94
N ARG A 550 -29.82 58.92 16.67
CA ARG A 550 -30.13 58.60 18.06
C ARG A 550 -31.40 57.73 18.14
N PHE A 551 -31.29 56.64 18.90
CA PHE A 551 -32.45 55.81 19.13
C PHE A 551 -32.37 55.20 20.54
N GLY A 552 -33.53 54.91 21.10
CA GLY A 552 -33.63 54.33 22.43
C GLY A 552 -33.17 52.89 22.43
N ILE A 553 -32.56 52.47 23.53
CA ILE A 553 -32.09 51.07 23.67
C ILE A 553 -32.58 50.55 25.01
N ASN A 554 -32.40 49.25 25.26
CA ASN A 554 -32.86 48.62 26.49
C ASN A 554 -31.72 48.40 27.49
N GLN A 555 -30.50 48.14 27.01
CA GLN A 555 -29.39 47.72 27.91
C GLN A 555 -28.23 48.71 27.81
N PRO A 556 -28.21 49.73 28.68
CA PRO A 556 -27.19 50.75 28.56
C PRO A 556 -25.79 50.20 28.79
N GLY A 557 -24.78 51.00 28.40
CA GLY A 557 -23.36 50.65 28.51
C GLY A 557 -22.61 50.83 27.20
N LYS A 558 -21.59 50.00 26.97
CA LYS A 558 -20.72 50.12 25.81
C LYS A 558 -21.11 49.14 24.74
N TRP A 559 -21.31 49.66 23.53
CA TRP A 559 -21.67 48.88 22.37
C TRP A 559 -20.61 48.98 21.25
N ARG A 560 -20.48 47.91 20.47
N ARG A 560 -20.52 47.93 20.43
CA ARG A 560 -19.40 47.73 19.52
CA ARG A 560 -19.40 47.71 19.53
C ARG A 560 -19.94 46.92 18.35
C ARG A 560 -19.94 46.92 18.35
N GLU A 561 -19.55 47.30 17.14
CA GLU A 561 -19.99 46.60 15.92
C GLU A 561 -19.32 45.23 15.86
N ILE A 562 -20.07 44.21 15.50
CA ILE A 562 -19.53 42.88 15.25
C ILE A 562 -19.79 42.52 13.80
N LEU A 563 -20.50 43.40 13.07
CA LEU A 563 -20.76 43.15 11.70
C LEU A 563 -21.15 44.47 11.04
N ASN A 564 -20.56 44.74 9.88
CA ASN A 564 -20.76 46.00 9.18
C ASN A 564 -20.63 45.67 7.71
N THR A 565 -21.75 45.68 6.97
CA THR A 565 -21.76 45.32 5.57
C THR A 565 -21.10 46.38 4.64
N ASP A 566 -20.80 47.54 5.20
CA ASP A 566 -20.02 48.57 4.48
C ASP A 566 -18.50 48.46 4.67
N SER A 567 -18.04 47.48 5.44
CA SER A 567 -16.62 47.32 5.70
C SER A 567 -15.86 47.18 4.38
N MET A 568 -14.69 47.79 4.35
CA MET A 568 -13.77 47.63 3.22
C MET A 568 -13.40 46.17 2.95
N HIS A 569 -13.46 45.33 3.98
N HIS A 569 -13.43 45.34 3.99
CA HIS A 569 -13.19 43.91 3.86
CA HIS A 569 -13.16 43.92 3.83
C HIS A 569 -14.15 43.28 2.82
C HIS A 569 -14.13 43.29 2.80
N TYR A 570 -15.28 43.95 2.58
CA TYR A 570 -16.27 43.49 1.58
C TYR A 570 -16.36 44.48 0.41
N HIS A 571 -15.38 45.38 0.30
CA HIS A 571 -15.39 46.44 -0.72
C HIS A 571 -16.49 47.51 -0.52
N GLY A 572 -16.93 47.68 0.73
CA GLY A 572 -17.75 48.84 1.09
C GLY A 572 -16.87 50.07 1.32
N SER A 573 -17.47 51.19 1.67
CA SER A 573 -16.68 52.41 1.89
C SER A 573 -16.03 52.51 3.28
N ASN A 574 -16.21 51.50 4.13
CA ASN A 574 -15.59 51.49 5.43
C ASN A 574 -16.06 52.60 6.38
N ALA A 575 -17.24 53.13 6.16
CA ALA A 575 -17.89 54.02 7.13
C ALA A 575 -18.42 53.19 8.29
N GLY A 576 -18.52 53.83 9.44
CA GLY A 576 -19.07 53.16 10.60
C GLY A 576 -18.69 53.87 11.89
N ASN A 577 -18.75 53.15 12.99
CA ASN A 577 -18.58 53.82 14.26
C ASN A 577 -17.18 53.90 14.81
N GLY A 578 -16.28 53.08 14.28
CA GLY A 578 -14.87 53.18 14.67
C GLY A 578 -14.60 52.95 16.17
N GLY A 579 -15.14 51.86 16.68
CA GLY A 579 -14.87 51.44 18.05
C GLY A 579 -16.13 51.44 18.90
N THR A 580 -15.91 51.26 20.18
CA THR A 580 -16.92 51.27 21.22
C THR A 580 -17.70 52.57 21.28
N VAL A 581 -19.02 52.47 21.35
CA VAL A 581 -19.88 53.63 21.60
C VAL A 581 -20.66 53.43 22.93
N HIS A 582 -20.58 54.39 23.84
CA HIS A 582 -21.34 54.33 25.11
C HIS A 582 -22.71 55.00 24.94
N SER A 583 -23.75 54.38 25.49
CA SER A 583 -25.10 54.95 25.49
C SER A 583 -25.14 56.23 26.32
N ASP A 584 -26.18 57.01 26.11
CA ASP A 584 -26.42 58.22 26.88
C ASP A 584 -27.75 58.08 27.62
N GLU A 585 -27.83 58.77 28.74
CA GLU A 585 -29.07 58.91 29.46
C GLU A 585 -29.84 60.09 28.81
N ILE A 586 -30.25 59.87 27.57
CA ILE A 586 -31.06 60.83 26.88
C ILE A 586 -32.21 60.03 26.29
N ALA A 587 -33.43 60.38 26.67
CA ALA A 587 -34.61 59.65 26.26
C ALA A 587 -34.84 59.65 24.72
N SER A 588 -35.34 58.55 24.19
CA SER A 588 -35.56 58.43 22.78
C SER A 588 -36.51 57.28 22.51
N HIS A 589 -37.54 57.53 21.71
CA HIS A 589 -38.49 56.49 21.31
C HIS A 589 -39.16 55.81 22.51
N GLY A 590 -39.46 56.61 23.53
CA GLY A 590 -40.10 56.11 24.74
C GLY A 590 -39.19 55.27 25.66
N ARG A 591 -37.88 55.38 25.46
CA ARG A 591 -36.94 54.68 26.30
C ARG A 591 -36.04 55.72 26.91
N GLN A 592 -35.43 55.34 28.03
CA GLN A 592 -34.77 56.29 28.91
C GLN A 592 -33.30 56.52 28.50
N HIS A 593 -32.70 55.51 27.88
CA HIS A 593 -31.33 55.60 27.41
C HIS A 593 -31.28 55.44 25.90
N SER A 594 -30.24 56.00 25.27
CA SER A 594 -30.11 55.90 23.83
C SER A 594 -28.66 55.75 23.35
N LEU A 595 -28.48 55.20 22.13
CA LEU A 595 -27.21 55.31 21.42
C LEU A 595 -27.33 56.37 20.31
N SER A 596 -26.24 57.07 20.04
CA SER A 596 -26.15 57.94 18.88
C SER A 596 -25.06 57.37 17.96
N LEU A 597 -25.44 56.82 16.82
CA LEU A 597 -24.54 56.05 15.94
C LEU A 597 -24.41 56.68 14.55
N THR A 598 -23.35 56.33 13.85
CA THR A 598 -23.30 56.46 12.40
C THR A 598 -23.90 55.21 11.78
N LEU A 599 -24.83 55.38 10.84
CA LEU A 599 -25.30 54.29 10.02
C LEU A 599 -24.85 54.49 8.56
N PRO A 600 -23.95 53.63 8.10
CA PRO A 600 -23.47 53.72 6.71
C PRO A 600 -24.58 53.62 5.68
N PRO A 601 -24.41 54.30 4.53
CA PRO A 601 -25.37 54.24 3.44
C PRO A 601 -25.47 52.82 2.86
N LEU A 602 -26.71 52.38 2.53
CA LEU A 602 -26.98 51.08 1.93
C LEU A 602 -26.25 49.96 2.68
N ALA A 603 -26.48 49.91 3.99
CA ALA A 603 -25.71 49.00 4.84
C ALA A 603 -26.48 48.54 6.08
N THR A 604 -26.08 47.37 6.56
CA THR A 604 -26.48 46.92 7.85
C THR A 604 -25.34 46.57 8.78
N ILE A 605 -25.56 46.92 10.05
CA ILE A 605 -24.58 46.71 11.07
C ILE A 605 -25.25 45.98 12.24
N TRP A 606 -24.46 45.17 12.96
CA TRP A 606 -24.89 44.48 14.18
C TRP A 606 -23.95 44.95 15.25
N LEU A 607 -24.50 45.21 16.43
CA LEU A 607 -23.68 45.64 17.58
C LEU A 607 -23.88 44.71 18.77
N VAL A 608 -22.81 44.51 19.55
CA VAL A 608 -22.89 43.73 20.77
C VAL A 608 -22.56 44.66 21.94
N ARG A 609 -23.11 44.36 23.12
CA ARG A 609 -22.75 45.06 24.35
C ARG A 609 -21.47 44.47 25.00
N GLU A 610 -20.53 45.34 25.36
CA GLU A 610 -19.31 44.87 26.01
C GLU A 610 -19.49 44.78 27.53
N ALA A 611 -19.09 43.65 28.13
CA ALA A 611 -19.09 43.56 29.59
C ALA A 611 -18.10 44.55 30.17
N GLU A 612 -18.42 45.10 31.33
CA GLU A 612 -17.43 45.89 32.04
C GLU A 612 -16.95 45.20 33.33
N THR B 1 -9.79 1.94 45.04
CA THR B 1 -8.66 1.46 45.87
C THR B 1 -7.66 2.58 46.17
N HIS B 2 -6.40 2.17 46.04
CA HIS B 2 -5.27 3.03 46.26
C HIS B 2 -5.20 4.12 45.19
N LEU B 3 -5.86 3.91 44.05
CA LEU B 3 -5.76 4.85 42.92
C LEU B 3 -6.54 6.14 43.11
N ARG B 4 -7.66 6.08 43.82
CA ARG B 4 -8.50 7.25 44.08
C ARG B 4 -8.68 7.50 45.59
N PRO B 5 -7.59 7.85 46.26
CA PRO B 5 -7.64 8.11 47.70
C PRO B 5 -8.62 9.22 48.08
N TYR B 6 -8.90 10.14 47.16
CA TYR B 6 -9.79 11.26 47.47
C TYR B 6 -11.27 10.83 47.61
N GLU B 7 -11.57 9.58 47.31
CA GLU B 7 -12.93 9.06 47.43
C GLU B 7 -13.21 8.53 48.84
N THR B 8 -12.15 8.35 49.63
CA THR B 8 -12.28 7.93 51.04
C THR B 8 -11.67 8.94 52.03
N LEU B 9 -10.52 9.51 51.71
CA LEU B 9 -9.85 10.49 52.56
C LEU B 9 -10.45 11.88 52.43
N GLY B 10 -10.32 12.68 53.49
CA GLY B 10 -10.89 14.01 53.56
C GLY B 10 -12.28 14.00 54.20
N ALA B 11 -13.12 15.00 53.89
CA ALA B 11 -14.39 15.16 54.56
C ALA B 11 -15.54 14.76 53.63
N HIS B 12 -16.23 13.67 53.97
CA HIS B 12 -17.30 13.15 53.12
C HIS B 12 -18.63 12.98 53.87
N ALA B 13 -19.73 13.24 53.16
CA ALA B 13 -21.07 13.10 53.72
C ALA B 13 -21.31 11.64 53.95
N ASP B 14 -21.93 11.29 55.08
CA ASP B 14 -22.23 9.89 55.33
C ASP B 14 -23.43 9.76 56.26
N THR B 15 -23.98 8.55 56.30
CA THR B 15 -25.11 8.22 57.15
C THR B 15 -24.80 6.94 57.94
N MET B 16 -24.77 7.05 59.26
CA MET B 16 -24.57 5.88 60.11
C MET B 16 -25.81 5.59 60.94
N ASP B 17 -26.36 4.38 60.77
CA ASP B 17 -27.53 3.97 61.53
C ASP B 17 -28.67 4.97 61.37
N GLY B 18 -28.81 5.57 60.18
CA GLY B 18 -29.87 6.56 59.93
C GLY B 18 -29.53 8.02 60.26
N VAL B 19 -28.38 8.25 60.88
CA VAL B 19 -27.97 9.61 61.26
C VAL B 19 -27.05 10.22 60.20
N THR B 20 -27.42 11.38 59.65
CA THR B 20 -26.56 12.02 58.66
C THR B 20 -25.47 12.82 59.37
N GLY B 21 -24.38 13.03 58.67
CA GLY B 21 -23.29 13.85 59.14
C GLY B 21 -22.11 13.76 58.19
N THR B 22 -20.91 13.98 58.70
CA THR B 22 -19.75 13.87 57.82
C THR B 22 -18.60 13.10 58.43
N ARG B 23 -18.02 12.26 57.60
CA ARG B 23 -16.90 11.45 58.01
C ARG B 23 -15.60 12.13 57.59
N PHE B 24 -14.63 12.16 58.52
CA PHE B 24 -13.35 12.76 58.27
C PHE B 24 -12.27 11.70 58.34
N SER B 25 -11.27 11.82 57.49
CA SER B 25 -10.14 10.88 57.47
C SER B 25 -8.89 11.61 57.06
N VAL B 26 -7.81 11.35 57.77
CA VAL B 26 -6.55 11.99 57.42
C VAL B 26 -5.38 11.10 57.79
N TRP B 27 -4.48 10.92 56.83
CA TRP B 27 -3.33 10.05 57.02
C TRP B 27 -2.28 10.81 57.82
N ALA B 28 -1.93 10.28 58.99
CA ALA B 28 -0.98 10.90 59.93
C ALA B 28 -0.45 9.87 60.97
N PRO B 29 0.35 8.89 60.49
CA PRO B 29 0.70 7.72 61.31
C PRO B 29 1.53 8.00 62.57
N ASN B 30 2.24 9.11 62.60
CA ASN B 30 3.13 9.34 63.72
C ASN B 30 2.59 10.36 64.72
N ALA B 31 1.39 10.84 64.48
CA ALA B 31 0.83 11.82 65.39
C ALA B 31 0.44 11.14 66.69
N ARG B 32 0.48 11.87 67.80
CA ARG B 32 0.07 11.29 69.08
C ARG B 32 -1.42 11.43 69.28
N ARG B 33 -2.04 12.41 68.61
CA ARG B 33 -3.47 12.71 68.76
C ARG B 33 -3.93 13.61 67.62
N VAL B 34 -5.11 13.31 67.07
CA VAL B 34 -5.72 14.23 66.10
C VAL B 34 -7.19 14.47 66.41
N SER B 35 -7.56 15.74 66.43
CA SER B 35 -8.94 16.14 66.63
C SER B 35 -9.52 16.92 65.43
N VAL B 36 -10.85 16.85 65.27
CA VAL B 36 -11.52 17.66 64.29
C VAL B 36 -12.04 18.94 64.92
N VAL B 37 -11.54 20.08 64.43
CA VAL B 37 -12.03 21.35 64.91
C VAL B 37 -12.69 22.14 63.80
N GLY B 38 -13.75 22.85 64.15
CA GLY B 38 -14.56 23.54 63.15
C GLY B 38 -15.77 24.28 63.71
N GLN B 39 -16.55 24.86 62.80
CA GLN B 39 -17.68 25.68 63.21
C GLN B 39 -18.69 24.87 63.99
N PHE B 40 -18.85 23.60 63.62
CA PHE B 40 -19.81 22.74 64.30
C PHE B 40 -19.41 22.36 65.74
N ASN B 41 -18.17 22.63 66.15
CA ASN B 41 -17.85 22.54 67.57
C ASN B 41 -17.13 23.75 68.18
N TYR B 42 -17.33 24.92 67.58
CA TYR B 42 -16.67 26.15 68.04
C TYR B 42 -15.15 26.00 68.24
N TRP B 43 -14.51 25.20 67.39
CA TRP B 43 -13.07 25.11 67.31
C TRP B 43 -12.44 24.56 68.59
N ASP B 44 -13.19 23.69 69.27
CA ASP B 44 -12.77 23.10 70.55
C ASP B 44 -12.16 21.68 70.36
N GLY B 45 -10.84 21.59 70.49
CA GLY B 45 -10.12 20.35 70.24
C GLY B 45 -10.41 19.20 71.21
N ARG B 46 -11.10 19.51 72.31
CA ARG B 46 -11.44 18.45 73.25
C ARG B 46 -12.66 17.63 72.81
N ARG B 47 -13.44 18.18 71.90
CA ARG B 47 -14.78 17.72 71.62
C ARG B 47 -14.89 16.47 70.72
N HIS B 48 -14.07 16.43 69.66
CA HIS B 48 -14.15 15.36 68.67
C HIS B 48 -12.78 14.74 68.37
N PRO B 49 -12.25 13.94 69.33
CA PRO B 49 -10.98 13.24 69.04
C PRO B 49 -11.18 12.17 67.98
N MET B 50 -10.18 11.94 67.13
CA MET B 50 -10.26 10.89 66.11
C MET B 50 -9.65 9.56 66.59
N ARG B 51 -10.02 8.49 65.89
CA ARG B 51 -9.56 7.13 66.16
C ARG B 51 -8.53 6.72 65.11
N LEU B 52 -7.36 6.27 65.57
CA LEU B 52 -6.28 5.82 64.69
C LEU B 52 -6.52 4.40 64.18
N ARG B 53 -6.45 4.18 62.88
CA ARG B 53 -6.37 2.81 62.43
C ARG B 53 -4.89 2.50 62.23
N LYS B 54 -4.36 1.63 63.08
CA LYS B 54 -2.90 1.41 63.15
C LYS B 54 -2.36 0.79 61.87
N GLU B 55 -3.09 -0.17 61.30
CA GLU B 55 -2.65 -0.81 60.07
C GLU B 55 -2.33 0.19 58.95
N SER B 56 -3.05 1.30 58.89
CA SER B 56 -2.96 2.22 57.75
C SER B 56 -2.46 3.63 58.09
N GLY B 57 -2.35 3.96 59.38
CA GLY B 57 -1.95 5.31 59.80
C GLY B 57 -3.03 6.39 59.58
N ILE B 58 -4.26 5.95 59.30
CA ILE B 58 -5.37 6.86 59.05
C ILE B 58 -6.27 7.11 60.27
N TRP B 59 -6.36 8.37 60.69
CA TRP B 59 -7.30 8.81 61.76
C TRP B 59 -8.69 9.00 61.16
N GLU B 60 -9.73 8.45 61.80
CA GLU B 60 -11.10 8.59 61.29
C GLU B 60 -12.13 8.99 62.34
N LEU B 61 -13.15 9.74 61.90
CA LEU B 61 -14.27 10.11 62.77
C LEU B 61 -15.52 10.55 61.98
N PHE B 62 -16.65 9.91 62.30
CA PHE B 62 -17.95 10.37 61.83
C PHE B 62 -18.45 11.39 62.85
N ILE B 63 -18.93 12.55 62.40
CA ILE B 63 -19.52 13.52 63.30
C ILE B 63 -20.93 13.82 62.78
N PRO B 64 -21.95 13.51 63.61
CA PRO B 64 -23.34 13.72 63.28
C PRO B 64 -23.61 15.22 63.18
N GLY B 65 -24.42 15.60 62.19
CA GLY B 65 -24.79 17.00 62.03
C GLY B 65 -23.73 17.97 61.49
N ALA B 66 -22.51 17.49 61.26
CA ALA B 66 -21.48 18.28 60.55
C ALA B 66 -21.85 18.25 59.07
N HIS B 67 -21.94 19.41 58.43
CA HIS B 67 -22.51 19.46 57.06
C HIS B 67 -21.76 20.31 56.04
N ASN B 68 -22.00 20.03 54.75
CA ASN B 68 -21.51 20.86 53.63
C ASN B 68 -21.61 22.33 53.98
N GLY B 69 -20.54 23.09 53.73
CA GLY B 69 -20.56 24.54 53.96
C GLY B 69 -19.78 24.98 55.18
N GLN B 70 -19.51 24.05 56.10
CA GLN B 70 -18.88 24.40 57.36
C GLN B 70 -17.37 24.33 57.28
N LEU B 71 -16.71 25.27 57.96
CA LEU B 71 -15.26 25.33 58.01
C LEU B 71 -14.64 24.33 59.03
N TYR B 72 -13.53 23.72 58.69
CA TYR B 72 -12.89 22.80 59.64
C TYR B 72 -11.39 22.80 59.49
N LYS B 73 -10.70 22.29 60.51
CA LYS B 73 -9.29 21.94 60.46
C LYS B 73 -9.06 20.72 61.37
N TYR B 74 -7.85 20.19 61.34
CA TYR B 74 -7.43 19.12 62.26
C TYR B 74 -6.50 19.70 63.30
N GLU B 75 -6.79 19.43 64.55
CA GLU B 75 -5.92 19.78 65.66
C GLU B 75 -5.12 18.54 66.04
N MET B 76 -3.79 18.62 65.92
CA MET B 76 -2.96 17.49 66.24
C MET B 76 -1.91 17.83 67.26
N ILE B 77 -1.58 16.84 68.09
CA ILE B 77 -0.30 16.78 68.78
C ILE B 77 0.61 15.96 67.86
N ASP B 78 1.68 16.55 67.37
CA ASP B 78 2.49 15.86 66.38
C ASP B 78 3.49 14.88 67.04
N ALA B 79 4.40 14.28 66.26
CA ALA B 79 5.25 13.22 66.78
C ALA B 79 6.21 13.72 67.85
N ASN B 80 6.43 15.03 67.88
CA ASN B 80 7.31 15.65 68.87
C ASN B 80 6.53 16.31 70.01
N GLY B 81 5.23 16.03 70.09
CA GLY B 81 4.43 16.60 71.18
C GLY B 81 3.96 18.02 70.94
N ASN B 82 4.36 18.62 69.83
CA ASN B 82 3.88 19.96 69.50
C ASN B 82 2.44 20.03 69.03
N LEU B 83 1.73 21.05 69.47
CA LEU B 83 0.32 21.22 69.17
C LEU B 83 0.18 21.99 67.86
N ARG B 84 -0.58 21.44 66.91
CA ARG B 84 -0.67 22.02 65.58
C ARG B 84 -2.07 22.00 64.96
N LEU B 85 -2.42 23.06 64.24
CA LEU B 85 -3.65 23.07 63.45
C LEU B 85 -3.31 22.86 61.97
N LYS B 86 -3.91 21.85 61.36
CA LYS B 86 -3.61 21.50 59.98
C LYS B 86 -4.80 21.69 59.04
N SER B 87 -4.54 22.23 57.86
CA SER B 87 -5.49 22.17 56.77
C SER B 87 -5.52 20.74 56.26
N ASP B 88 -6.69 20.27 55.85
CA ASP B 88 -6.81 18.95 55.24
C ASP B 88 -6.09 18.88 53.85
N PRO B 89 -5.08 18.01 53.72
CA PRO B 89 -4.40 17.93 52.39
C PRO B 89 -5.38 17.66 51.25
N TYR B 90 -6.50 17.03 51.60
CA TYR B 90 -7.57 16.70 50.66
C TYR B 90 -8.76 17.66 50.75
N ALA B 91 -8.52 18.90 51.16
CA ALA B 91 -9.55 19.94 51.08
C ALA B 91 -10.02 20.09 49.62
N PHE B 92 -11.32 19.90 49.37
CA PHE B 92 -11.92 20.09 48.05
C PHE B 92 -12.36 21.51 47.77
N GLU B 93 -12.40 22.30 48.85
CA GLU B 93 -12.52 23.75 48.77
C GLU B 93 -11.86 24.34 50.00
N ALA B 94 -11.28 25.52 49.86
CA ALA B 94 -10.59 26.16 50.96
C ALA B 94 -11.15 27.54 51.23
N GLN B 95 -10.86 28.04 52.41
CA GLN B 95 -11.37 29.32 52.86
C GLN B 95 -10.74 30.46 52.07
N MET B 96 -11.52 31.53 51.94
CA MET B 96 -11.04 32.78 51.37
C MET B 96 -9.70 33.17 52.05
N ARG B 97 -8.68 33.40 51.23
CA ARG B 97 -7.37 33.86 51.71
C ARG B 97 -7.53 35.14 52.57
N PRO B 98 -6.58 35.42 53.49
CA PRO B 98 -5.38 34.70 53.91
C PRO B 98 -5.67 33.62 54.94
N GLU B 99 -6.96 33.28 55.13
CA GLU B 99 -7.37 32.26 56.08
C GLU B 99 -7.19 30.90 55.42
N THR B 100 -7.11 29.84 56.22
CA THR B 100 -6.72 28.55 55.65
C THR B 100 -7.53 27.32 56.08
N ALA B 101 -8.68 27.52 56.72
CA ALA B 101 -9.53 26.39 57.01
C ALA B 101 -10.01 25.75 55.70
N SER B 102 -10.41 24.49 55.76
CA SER B 102 -11.02 23.78 54.64
C SER B 102 -12.52 23.77 54.81
N LEU B 103 -13.21 23.56 53.70
CA LEU B 103 -14.65 23.61 53.69
C LEU B 103 -15.15 22.21 53.45
N ILE B 104 -16.13 21.79 54.23
CA ILE B 104 -16.81 20.54 53.94
C ILE B 104 -17.67 20.66 52.66
N CYS B 105 -17.41 19.81 51.68
CA CYS B 105 -18.27 19.81 50.47
C CYS B 105 -18.28 18.51 49.67
N GLY B 106 -17.38 17.58 49.95
CA GLY B 106 -17.41 16.31 49.23
C GLY B 106 -17.02 16.50 47.77
N LEU B 107 -17.32 15.51 46.94
CA LEU B 107 -16.86 15.45 45.54
C LEU B 107 -17.92 15.94 44.55
N PRO B 108 -17.50 16.63 43.46
CA PRO B 108 -18.46 16.82 42.36
C PRO B 108 -18.81 15.46 41.78
N GLU B 109 -19.91 15.42 41.04
CA GLU B 109 -20.25 14.21 40.32
C GLU B 109 -19.21 13.89 39.22
N LYS B 110 -18.99 12.62 38.94
CA LYS B 110 -18.10 12.22 37.83
C LYS B 110 -18.51 12.77 36.45
N VAL B 111 -17.52 13.19 35.67
CA VAL B 111 -17.73 13.67 34.28
C VAL B 111 -17.19 12.65 33.24
N VAL B 112 -18.05 12.17 32.36
CA VAL B 112 -17.65 11.26 31.30
C VAL B 112 -16.99 12.09 30.20
N GLN B 113 -15.81 11.71 29.74
CA GLN B 113 -15.24 12.47 28.62
C GLN B 113 -15.86 12.01 27.30
N THR B 114 -16.17 12.95 26.41
CA THR B 114 -16.91 12.59 25.23
C THR B 114 -15.94 12.18 24.14
N GLU B 115 -16.41 11.38 23.21
CA GLU B 115 -15.62 11.07 22.02
C GLU B 115 -15.05 12.31 21.30
N GLU B 116 -15.83 13.38 21.17
CA GLU B 116 -15.32 14.57 20.48
C GLU B 116 -14.10 15.16 21.24
N ARG B 117 -14.09 15.09 22.57
CA ARG B 117 -12.95 15.64 23.30
C ARG B 117 -11.72 14.74 23.28
N LYS B 118 -11.92 13.43 23.27
CA LYS B 118 -10.80 12.48 23.04
C LYS B 118 -10.23 12.72 21.65
N LYS B 119 -11.10 12.90 20.68
CA LYS B 119 -10.66 13.11 19.31
C LYS B 119 -9.76 14.37 19.20
N ALA B 120 -10.09 15.40 19.96
CA ALA B 120 -9.43 16.67 19.86
C ALA B 120 -8.04 16.67 20.51
N ASN B 121 -7.77 15.68 21.39
CA ASN B 121 -6.40 15.46 21.92
C ASN B 121 -5.46 14.55 21.08
N GLN B 122 -5.98 13.85 20.09
CA GLN B 122 -5.18 12.87 19.29
C GLN B 122 -4.06 13.49 18.47
N PHE B 123 -3.06 12.68 18.14
CA PHE B 123 -1.88 13.17 17.42
C PHE B 123 -2.16 13.79 16.03
N ASP B 124 -3.24 13.37 15.38
CA ASP B 124 -3.56 13.85 14.04
C ASP B 124 -4.57 15.02 14.10
N ALA B 125 -4.95 15.45 15.30
CA ALA B 125 -5.81 16.63 15.46
C ALA B 125 -5.05 17.95 15.30
N PRO B 126 -5.74 18.97 14.78
CA PRO B 126 -5.16 20.31 14.88
C PRO B 126 -5.30 20.72 16.34
N ILE B 127 -4.23 21.20 16.94
CA ILE B 127 -4.31 21.54 18.33
C ILE B 127 -3.67 22.91 18.47
N SER B 128 -4.46 23.87 18.91
CA SER B 128 -3.99 25.23 19.03
C SER B 128 -4.51 25.75 20.37
N ILE B 129 -3.55 26.10 21.21
CA ILE B 129 -3.78 26.31 22.62
C ILE B 129 -3.68 27.78 22.98
N TYR B 130 -4.65 28.23 23.78
CA TYR B 130 -4.63 29.59 24.25
C TYR B 130 -4.30 29.48 25.69
N GLU B 131 -3.11 29.95 26.08
CA GLU B 131 -2.61 29.75 27.41
C GLU B 131 -2.99 30.99 28.26
N VAL B 132 -3.60 30.75 29.41
CA VAL B 132 -4.23 31.80 30.17
C VAL B 132 -3.99 31.68 31.66
N HIS B 133 -3.72 32.83 32.24
CA HIS B 133 -3.70 33.02 33.71
C HIS B 133 -4.99 33.72 34.12
N LEU B 134 -5.84 33.04 34.89
CA LEU B 134 -7.20 33.49 35.14
C LEU B 134 -7.26 34.85 35.84
N GLY B 135 -6.20 35.15 36.61
CA GLY B 135 -6.20 36.29 37.52
C GLY B 135 -5.70 37.54 36.87
N SER B 136 -5.31 37.46 35.60
CA SER B 136 -4.79 38.65 34.93
C SER B 136 -5.17 38.79 33.42
N TRP B 137 -6.17 38.02 32.99
CA TRP B 137 -6.63 38.04 31.62
C TRP B 137 -7.44 39.32 31.39
N ARG B 138 -8.52 39.51 32.17
CA ARG B 138 -9.21 40.78 32.31
C ARG B 138 -9.44 41.14 33.78
N ARG B 139 -9.74 42.41 34.05
CA ARG B 139 -10.24 42.88 35.34
C ARG B 139 -11.46 43.82 35.16
N HIS B 140 -12.29 43.90 36.20
CA HIS B 140 -13.32 44.90 36.22
C HIS B 140 -12.69 46.27 36.23
N THR B 141 -13.23 47.12 35.36
CA THR B 141 -12.76 48.46 35.05
C THR B 141 -12.75 49.45 36.20
N ASP B 142 -13.67 49.27 37.14
CA ASP B 142 -13.81 50.26 38.17
C ASP B 142 -12.75 49.99 39.23
N ASN B 143 -12.83 48.80 39.81
CA ASN B 143 -12.14 48.47 41.05
C ASN B 143 -10.97 47.55 40.80
N ASN B 144 -10.78 47.23 39.52
CA ASN B 144 -9.68 46.38 39.11
C ASN B 144 -9.82 45.00 39.72
N PHE B 145 -11.05 44.62 40.08
CA PHE B 145 -11.30 43.32 40.64
C PHE B 145 -11.24 42.19 39.60
N TRP B 146 -10.85 41.01 40.05
CA TRP B 146 -10.79 39.85 39.19
C TRP B 146 -12.18 39.54 38.64
N LEU B 147 -12.24 38.90 37.47
CA LEU B 147 -13.47 38.29 37.04
C LEU B 147 -13.70 37.04 37.85
N SER B 148 -14.95 36.68 38.05
CA SER B 148 -15.22 35.39 38.65
C SER B 148 -15.16 34.31 37.57
N TYR B 149 -15.30 33.05 37.99
CA TYR B 149 -15.38 31.94 37.08
C TYR B 149 -16.60 32.05 36.19
N ARG B 150 -17.70 32.62 36.70
CA ARG B 150 -18.96 32.76 35.93
C ARG B 150 -18.71 33.72 34.79
N GLU B 151 -18.11 34.86 35.13
CA GLU B 151 -17.73 35.90 34.19
C GLU B 151 -16.73 35.41 33.12
N LEU B 152 -15.72 34.66 33.55
CA LEU B 152 -14.74 34.11 32.63
C LEU B 152 -15.45 33.15 31.72
N ALA B 153 -16.39 32.38 32.26
CA ALA B 153 -17.16 31.49 31.40
C ALA B 153 -18.00 32.26 30.35
N ASP B 154 -18.46 33.48 30.67
CA ASP B 154 -19.27 34.28 29.72
C ASP B 154 -18.41 35.08 28.76
N GLN B 155 -17.15 35.30 29.08
CA GLN B 155 -16.23 36.19 28.32
C GLN B 155 -14.99 35.49 27.77
N LEU B 156 -14.28 34.67 28.57
CA LEU B 156 -13.06 34.07 28.06
C LEU B 156 -13.39 32.90 27.12
N VAL B 157 -14.38 32.10 27.50
CA VAL B 157 -14.74 30.96 26.72
C VAL B 157 -15.25 31.32 25.29
N PRO B 158 -16.24 32.26 25.18
CA PRO B 158 -16.61 32.72 23.84
C PRO B 158 -15.48 33.33 23.04
N TYR B 159 -14.58 34.07 23.71
CA TYR B 159 -13.45 34.71 23.02
C TYR B 159 -12.48 33.70 22.41
N ALA B 160 -12.06 32.72 23.20
CA ALA B 160 -11.12 31.70 22.71
C ALA B 160 -11.79 30.87 21.64
N LYS B 161 -13.07 30.60 21.78
N LYS B 161 -13.07 30.61 21.81
CA LYS B 161 -13.79 29.89 20.72
CA LYS B 161 -13.87 29.93 20.81
C LYS B 161 -13.79 30.67 19.42
C LYS B 161 -13.87 30.65 19.46
N TRP B 162 -14.22 31.93 19.49
CA TRP B 162 -14.27 32.81 18.29
C TRP B 162 -12.88 32.97 17.65
N MET B 163 -11.84 33.09 18.49
CA MET B 163 -10.48 33.19 17.94
C MET B 163 -9.97 31.93 17.25
N GLY B 164 -10.71 30.82 17.37
CA GLY B 164 -10.39 29.60 16.60
C GLY B 164 -9.48 28.61 17.34
N PHE B 165 -9.19 28.86 18.60
CA PHE B 165 -8.40 27.90 19.45
C PHE B 165 -9.16 26.61 19.76
N THR B 166 -8.46 25.51 19.90
CA THR B 166 -9.10 24.26 20.19
C THR B 166 -9.01 23.97 21.69
N HIS B 167 -7.98 24.51 22.34
CA HIS B 167 -7.73 24.21 23.76
C HIS B 167 -7.49 25.49 24.55
N LEU B 168 -7.95 25.49 25.79
CA LEU B 168 -7.65 26.52 26.75
C LEU B 168 -6.69 25.84 27.74
N GLU B 169 -5.52 26.46 28.00
CA GLU B 169 -4.61 25.96 29.02
C GLU B 169 -4.53 27.00 30.17
N LEU B 170 -4.83 26.53 31.38
CA LEU B 170 -4.83 27.41 32.59
C LEU B 170 -3.53 27.27 33.40
N LEU B 171 -2.91 28.40 33.72
CA LEU B 171 -1.88 28.41 34.74
C LEU B 171 -2.58 27.84 35.97
N PRO B 172 -1.83 27.26 36.91
CA PRO B 172 -2.40 26.37 37.92
C PRO B 172 -3.51 27.00 38.73
N ILE B 173 -4.63 26.29 38.86
CA ILE B 173 -5.75 26.79 39.61
C ILE B 173 -5.84 26.19 40.99
N ASN B 174 -4.92 25.29 41.33
CA ASN B 174 -4.88 24.81 42.70
C ASN B 174 -4.77 26.01 43.63
N GLU B 175 -5.43 25.93 44.79
CA GLU B 175 -5.29 26.99 45.81
C GLU B 175 -3.80 27.29 46.10
N HIS B 176 -3.46 28.57 46.26
CA HIS B 176 -2.09 29.05 46.48
C HIS B 176 -2.11 30.44 47.11
N PRO B 177 -1.18 30.71 48.02
CA PRO B 177 -1.33 31.92 48.85
C PRO B 177 -0.94 33.21 48.17
N PHE B 178 0.14 33.21 47.39
CA PHE B 178 0.65 34.43 46.81
C PHE B 178 0.30 34.46 45.32
N ASP B 179 -0.32 35.56 44.87
CA ASP B 179 -0.68 35.71 43.47
C ASP B 179 0.58 35.66 42.59
N GLY B 180 1.66 36.21 43.11
CA GLY B 180 2.95 36.29 42.37
C GLY B 180 3.67 34.98 42.05
N SER B 181 3.20 33.85 42.58
CA SER B 181 3.76 32.57 42.16
C SER B 181 3.04 32.05 40.92
N TRP B 182 1.94 32.72 40.56
CA TRP B 182 1.13 32.41 39.37
C TRP B 182 0.44 31.08 39.52
N GLY B 183 0.57 30.47 40.70
CA GLY B 183 -0.03 29.19 41.02
C GLY B 183 0.98 28.05 41.18
N TYR B 184 2.26 28.33 40.92
CA TYR B 184 3.30 27.27 40.97
C TYR B 184 3.83 26.96 42.39
N GLN B 185 3.47 27.76 43.39
CA GLN B 185 3.70 27.38 44.79
C GLN B 185 2.37 27.16 45.49
N PRO B 186 1.80 25.98 45.33
CA PRO B 186 0.46 25.66 45.85
C PRO B 186 0.40 25.32 47.34
N THR B 187 -0.81 25.31 47.89
CA THR B 187 -1.00 24.80 49.23
C THR B 187 -2.16 23.81 49.29
N GLY B 188 -3.08 23.90 48.35
CA GLY B 188 -4.22 22.99 48.34
C GLY B 188 -4.33 22.33 46.98
N LEU B 189 -3.81 21.12 46.90
CA LEU B 189 -3.78 20.40 45.65
C LEU B 189 -5.16 20.12 45.06
N TYR B 190 -6.13 19.92 45.92
CA TYR B 190 -7.43 19.37 45.54
C TYR B 190 -8.49 20.46 45.54
N ALA B 191 -8.07 21.69 45.76
CA ALA B 191 -9.02 22.79 45.86
C ALA B 191 -8.75 23.82 44.81
N PRO B 192 -9.72 24.05 43.93
CA PRO B 192 -9.56 25.14 42.96
C PRO B 192 -9.56 26.41 43.73
N THR B 193 -8.66 27.32 43.39
CA THR B 193 -8.52 28.51 44.17
C THR B 193 -9.81 29.35 44.33
N ARG B 194 -9.89 29.98 45.49
CA ARG B 194 -11.09 30.60 45.95
C ARG B 194 -11.20 32.05 45.40
N ARG B 195 -10.12 32.55 44.80
CA ARG B 195 -10.09 33.91 44.22
C ARG B 195 -11.26 34.20 43.27
N PHE B 196 -11.70 33.22 42.50
CA PHE B 196 -12.68 33.45 41.42
C PHE B 196 -14.08 32.90 41.73
N GLY B 197 -14.26 32.34 42.91
CA GLY B 197 -15.55 31.79 43.28
C GLY B 197 -15.38 30.40 43.86
N THR B 198 -16.47 29.62 43.85
CA THR B 198 -16.45 28.30 44.46
C THR B 198 -16.08 27.22 43.47
N ARG B 199 -15.96 26.01 43.96
CA ARG B 199 -15.49 24.91 43.17
C ARG B 199 -16.59 24.50 42.21
N ASP B 200 -17.82 24.79 42.58
CA ASP B 200 -18.96 24.56 41.69
C ASP B 200 -19.01 25.62 40.57
N ASP B 201 -18.57 26.84 40.87
CA ASP B 201 -18.37 27.88 39.87
C ASP B 201 -17.29 27.46 38.83
N PHE B 202 -16.21 26.85 39.32
CA PHE B 202 -15.10 26.46 38.46
C PHE B 202 -15.56 25.31 37.59
N ARG B 203 -16.32 24.39 38.15
CA ARG B 203 -16.87 23.29 37.39
C ARG B 203 -17.79 23.85 36.29
N TYR B 204 -18.60 24.86 36.62
CA TYR B 204 -19.40 25.57 35.62
C TYR B 204 -18.57 26.21 34.49
N PHE B 205 -17.47 26.85 34.86
CA PHE B 205 -16.53 27.37 33.88
C PHE B 205 -16.08 26.26 32.89
N ILE B 206 -15.70 25.09 33.41
CA ILE B 206 -15.17 24.01 32.57
C ILE B 206 -16.27 23.43 31.69
N ASP B 207 -17.41 23.18 32.28
CA ASP B 207 -18.62 22.82 31.53
C ASP B 207 -18.86 23.78 30.36
N ALA B 208 -18.68 25.07 30.63
CA ALA B 208 -18.97 26.10 29.61
C ALA B 208 -17.93 26.01 28.48
N ALA B 209 -16.69 25.67 28.83
CA ALA B 209 -15.64 25.54 27.83
C ALA B 209 -15.99 24.38 26.91
N HIS B 210 -16.42 23.27 27.49
CA HIS B 210 -16.81 22.08 26.73
C HIS B 210 -18.02 22.32 25.81
N ALA B 211 -19.01 23.08 26.30
CA ALA B 211 -20.24 23.36 25.56
C ALA B 211 -19.91 24.22 24.33
N ALA B 212 -18.87 25.03 24.44
CA ALA B 212 -18.36 25.82 23.33
C ALA B 212 -17.37 25.04 22.46
N GLY B 213 -17.15 23.76 22.74
CA GLY B 213 -16.25 22.97 21.94
C GLY B 213 -14.77 23.19 22.20
N LEU B 214 -14.41 23.62 23.40
CA LEU B 214 -12.99 23.67 23.75
C LEU B 214 -12.65 22.51 24.69
N ASN B 215 -11.46 21.94 24.48
CA ASN B 215 -10.82 21.09 25.51
C ASN B 215 -10.09 22.00 26.51
N VAL B 216 -9.96 21.52 27.75
CA VAL B 216 -9.22 22.24 28.77
C VAL B 216 -8.00 21.49 29.28
N ILE B 217 -6.86 22.19 29.25
CA ILE B 217 -5.61 21.73 29.80
C ILE B 217 -5.34 22.43 31.11
N LEU B 218 -5.00 21.67 32.15
CA LEU B 218 -4.67 22.28 33.46
C LEU B 218 -3.15 22.14 33.71
N ASP B 219 -2.49 23.24 34.05
CA ASP B 219 -1.11 23.14 34.50
C ASP B 219 -1.18 22.41 35.82
N TRP B 220 -0.51 21.28 35.89
CA TRP B 220 -0.59 20.44 37.07
C TRP B 220 0.80 20.47 37.74
N VAL B 221 0.84 20.59 39.06
CA VAL B 221 2.14 20.83 39.71
C VAL B 221 2.65 19.77 40.70
N PRO B 222 2.84 18.52 40.23
CA PRO B 222 3.38 17.52 41.19
C PRO B 222 4.87 17.71 41.45
N GLY B 223 5.48 18.65 40.74
CA GLY B 223 6.89 18.93 40.88
C GLY B 223 7.21 19.99 41.92
N HIS B 224 6.20 20.64 42.49
CA HIS B 224 6.51 21.75 43.40
C HIS B 224 5.86 21.54 44.73
N PHE B 225 6.63 21.01 45.68
CA PHE B 225 6.19 20.75 47.00
C PHE B 225 5.78 22.05 47.69
N PRO B 226 4.66 22.05 48.41
CA PRO B 226 4.14 23.19 49.19
C PRO B 226 5.11 23.78 50.19
N THR B 227 5.50 25.02 50.01
CA THR B 227 6.53 25.65 50.86
C THR B 227 5.95 26.73 51.79
N ASP B 228 4.69 27.12 51.56
CA ASP B 228 4.03 28.21 52.32
C ASP B 228 3.03 27.69 53.39
N ASP B 229 2.85 28.48 54.45
CA ASP B 229 1.82 28.24 55.50
C ASP B 229 1.99 26.94 56.29
N PHE B 230 3.20 26.37 56.29
CA PHE B 230 3.40 25.00 56.77
C PHE B 230 2.27 24.06 56.27
N ALA B 231 1.87 24.23 55.03
CA ALA B 231 0.73 23.50 54.53
C ALA B 231 0.92 21.96 54.46
N LEU B 232 2.12 21.47 54.13
CA LEU B 232 2.28 20.03 53.97
C LEU B 232 3.55 19.46 54.62
N ALA B 233 4.57 20.30 54.80
CA ALA B 233 5.85 19.87 55.38
C ALA B 233 5.64 19.33 56.78
N GLU B 234 6.40 18.29 57.13
CA GLU B 234 6.38 17.74 58.49
C GLU B 234 4.95 17.50 58.99
N PHE B 235 4.12 16.95 58.11
CA PHE B 235 2.68 16.95 58.36
C PHE B 235 2.30 16.40 59.73
N ASP B 236 2.90 15.28 60.13
CA ASP B 236 2.60 14.70 61.44
C ASP B 236 3.78 14.83 62.39
N GLY B 237 4.69 15.75 62.08
CA GLY B 237 5.87 15.91 62.91
C GLY B 237 7.04 15.10 62.39
N THR B 238 6.81 14.20 61.43
CA THR B 238 7.92 13.61 60.66
C THR B 238 7.86 14.06 59.19
N ASN B 239 8.87 13.67 58.41
CA ASN B 239 8.85 13.72 56.94
C ASN B 239 7.75 12.90 56.34
N LEU B 240 6.51 13.34 56.31
CA LEU B 240 5.47 12.44 55.81
C LEU B 240 5.41 12.47 54.27
N TYR B 241 5.17 13.66 53.72
CA TYR B 241 5.05 13.79 52.28
C TYR B 241 6.39 14.05 51.58
N GLU B 242 7.36 14.60 52.31
CA GLU B 242 8.57 15.07 51.69
C GLU B 242 9.73 14.16 52.01
N HIS B 243 10.73 14.18 51.14
CA HIS B 243 11.91 13.37 51.36
C HIS B 243 13.12 14.16 51.72
N SER B 244 13.81 13.76 52.79
CA SER B 244 15.11 14.34 53.11
C SER B 244 16.21 13.28 53.26
N ASP B 245 17.35 13.47 52.58
CA ASP B 245 18.52 12.58 52.76
C ASP B 245 19.01 12.60 54.20
N PRO B 246 19.46 11.45 54.72
CA PRO B 246 20.19 11.46 56.00
C PRO B 246 21.45 12.37 55.90
N ARG B 247 21.78 13.10 56.96
CA ARG B 247 22.74 14.19 56.76
C ARG B 247 23.94 14.38 57.69
N GLU B 248 23.75 14.49 58.99
CA GLU B 248 24.85 15.04 59.79
C GLU B 248 24.87 14.77 61.30
N THR B 256 15.87 22.17 50.43
CA THR B 256 14.68 22.49 49.63
C THR B 256 13.71 21.29 49.61
N LEU B 257 12.43 21.56 49.72
CA LEU B 257 11.45 20.49 49.90
C LEU B 257 11.16 19.77 48.60
N ILE B 258 11.19 18.45 48.62
CA ILE B 258 10.73 17.65 47.49
C ILE B 258 9.87 16.49 47.98
N TYR B 259 8.90 16.10 47.15
CA TYR B 259 8.07 14.95 47.47
C TYR B 259 8.91 13.67 47.62
N ASN B 260 8.51 12.81 48.53
CA ASN B 260 9.00 11.46 48.52
C ASN B 260 8.15 10.66 47.53
N TYR B 261 8.41 10.88 46.23
CA TYR B 261 7.63 10.18 45.19
C TYR B 261 7.49 8.65 45.35
N GLY B 262 8.49 8.01 45.95
CA GLY B 262 8.51 6.54 45.98
C GLY B 262 7.71 5.96 47.14
N ARG B 263 7.24 6.82 48.02
CA ARG B 263 6.38 6.39 49.11
C ARG B 263 4.91 6.21 48.63
N ARG B 264 4.42 4.99 48.80
CA ARG B 264 3.13 4.56 48.31
C ARG B 264 2.00 5.58 48.51
N GLU B 265 1.86 6.09 49.73
CA GLU B 265 0.83 7.07 50.01
C GLU B 265 1.01 8.43 49.36
N VAL B 266 2.27 8.82 49.14
CA VAL B 266 2.54 10.11 48.49
C VAL B 266 2.26 9.96 47.01
N SER B 267 2.67 8.83 46.49
CA SER B 267 2.33 8.44 45.12
C SER B 267 0.82 8.42 44.88
N ASN B 268 0.06 7.80 45.78
CA ASN B 268 -1.40 7.71 45.65
C ASN B 268 -2.00 9.11 45.64
N PHE B 269 -1.46 9.97 46.50
CA PHE B 269 -1.93 11.33 46.70
C PHE B 269 -1.78 12.09 45.40
N LEU B 270 -0.64 11.94 44.73
CA LEU B 270 -0.37 12.71 43.51
C LEU B 270 -1.08 12.13 42.30
N VAL B 271 -0.97 10.81 42.12
CA VAL B 271 -1.63 10.19 41.01
C VAL B 271 -3.14 10.35 41.17
N GLY B 272 -3.64 10.22 42.41
CA GLY B 272 -5.06 10.40 42.67
C GLY B 272 -5.49 11.81 42.25
N ASN B 273 -4.59 12.79 42.44
CA ASN B 273 -4.90 14.17 42.12
C ASN B 273 -5.12 14.39 40.61
N ALA B 274 -4.32 13.73 39.78
CA ALA B 274 -4.51 13.72 38.34
C ALA B 274 -5.88 13.15 38.01
N LEU B 275 -6.21 11.99 38.56
CA LEU B 275 -7.49 11.34 38.29
C LEU B 275 -8.71 12.20 38.75
N TYR B 276 -8.53 12.89 39.87
CA TYR B 276 -9.53 13.78 40.41
C TYR B 276 -9.90 14.90 39.43
N TRP B 277 -8.92 15.63 38.95
CA TRP B 277 -9.19 16.73 38.03
C TRP B 277 -9.90 16.20 36.80
N ILE B 278 -9.42 15.08 36.29
CA ILE B 278 -9.99 14.54 35.07
C ILE B 278 -11.36 13.96 35.28
N GLU B 279 -11.55 13.13 36.29
CA GLU B 279 -12.84 12.47 36.49
C GLU B 279 -13.90 13.38 37.10
N ARG B 280 -13.48 14.26 37.98
CA ARG B 280 -14.44 15.05 38.73
C ARG B 280 -14.66 16.45 38.17
N PHE B 281 -13.77 16.93 37.32
CA PHE B 281 -14.00 18.24 36.77
C PHE B 281 -14.00 18.22 35.24
N GLY B 282 -13.73 17.05 34.66
CA GLY B 282 -13.68 16.88 33.20
C GLY B 282 -12.51 17.56 32.51
N ILE B 283 -11.39 17.73 33.22
CA ILE B 283 -10.18 18.24 32.61
C ILE B 283 -9.72 17.24 31.51
N ASP B 284 -9.31 17.77 30.36
CA ASP B 284 -8.99 16.94 29.20
C ASP B 284 -7.51 16.56 29.11
N ALA B 285 -6.64 17.36 29.75
CA ALA B 285 -5.22 17.17 29.65
C ALA B 285 -4.54 17.84 30.81
N LEU B 286 -3.41 17.27 31.22
CA LEU B 286 -2.54 17.88 32.23
C LEU B 286 -1.18 18.22 31.68
N ARG B 287 -0.64 19.32 32.16
CA ARG B 287 0.68 19.76 31.76
C ARG B 287 1.57 19.88 33.01
N VAL B 288 2.72 19.18 32.99
CA VAL B 288 3.71 19.20 34.05
C VAL B 288 4.89 20.09 33.65
N ASP B 289 5.15 21.14 34.42
CA ASP B 289 6.28 21.99 34.17
C ASP B 289 7.49 21.48 34.96
N ALA B 290 8.66 22.00 34.61
CA ALA B 290 9.89 21.77 35.31
C ALA B 290 10.18 20.30 35.56
N VAL B 291 9.96 19.43 34.57
CA VAL B 291 10.28 18.02 34.69
C VAL B 291 11.77 17.75 35.04
N ALA B 292 12.69 18.58 34.55
CA ALA B 292 14.11 18.45 34.88
C ALA B 292 14.40 18.47 36.40
N SER B 293 13.77 19.40 37.11
CA SER B 293 14.00 19.48 38.55
C SER B 293 13.40 18.28 39.29
N MET B 294 12.50 17.53 38.69
CA MET B 294 12.00 16.30 39.35
C MET B 294 12.92 15.11 39.08
N ILE B 295 13.43 15.00 37.86
CA ILE B 295 14.12 13.79 37.52
C ILE B 295 15.62 13.80 37.87
N TYR B 296 16.15 14.95 38.28
CA TYR B 296 17.57 15.06 38.60
C TYR B 296 17.82 15.44 40.05
N ARG B 297 18.57 14.59 40.77
CA ARG B 297 19.03 14.93 42.12
C ARG B 297 19.87 16.21 42.04
N ASP B 298 20.56 16.37 40.91
CA ASP B 298 21.26 17.62 40.47
C ASP B 298 22.75 17.40 40.67
N TYR B 299 23.51 17.12 39.59
CA TYR B 299 23.03 17.00 38.25
C TYR B 299 22.45 15.63 38.09
N GLU B 305 25.36 20.39 47.43
CA GLU B 305 25.71 18.98 47.24
C GLU B 305 24.44 18.12 47.04
N TRP B 306 24.64 16.81 46.83
CA TRP B 306 23.57 15.86 46.47
C TRP B 306 24.20 14.46 46.40
N ILE B 307 23.38 13.42 46.58
CA ILE B 307 23.89 12.04 46.66
C ILE B 307 23.46 11.17 45.47
N PRO B 308 24.43 10.42 44.86
CA PRO B 308 24.20 9.52 43.73
C PRO B 308 23.16 8.44 44.06
N ASN B 309 22.44 7.94 43.06
CA ASN B 309 21.44 6.88 43.28
C ASN B 309 22.06 5.50 43.49
N GLU B 310 21.21 4.48 43.64
CA GLU B 310 21.71 3.11 43.89
C GLU B 310 22.71 2.60 42.84
N PHE B 311 22.69 3.20 41.64
CA PHE B 311 23.60 2.83 40.52
C PHE B 311 24.73 3.84 40.29
N GLY B 312 24.88 4.83 41.17
CA GLY B 312 25.93 5.85 41.05
C GLY B 312 25.62 6.98 40.06
N GLY B 313 24.40 6.98 39.52
CA GLY B 313 23.97 8.04 38.60
C GLY B 313 23.36 9.27 39.27
N ARG B 314 22.94 10.22 38.46
CA ARG B 314 22.47 11.54 38.93
C ARG B 314 20.93 11.68 38.94
N GLU B 315 20.25 10.66 38.40
CA GLU B 315 18.80 10.64 38.29
C GLU B 315 18.11 10.37 39.64
N ASN B 316 16.97 11.01 39.83
CA ASN B 316 16.08 10.62 40.90
C ASN B 316 15.17 9.52 40.36
N LEU B 317 15.52 8.28 40.63
CA LEU B 317 14.84 7.16 39.98
C LEU B 317 13.41 7.02 40.41
N GLU B 318 13.11 7.49 41.62
CA GLU B 318 11.75 7.39 42.13
C GLU B 318 10.83 8.41 41.45
N ALA B 319 11.37 9.61 41.16
CA ALA B 319 10.59 10.60 40.39
C ALA B 319 10.33 10.13 38.95
N ILE B 320 11.33 9.52 38.32
CA ILE B 320 11.16 9.05 36.97
C ILE B 320 10.14 7.95 36.97
N GLU B 321 10.18 7.07 37.96
CA GLU B 321 9.17 6.00 37.97
C GLU B 321 7.80 6.58 38.26
N PHE B 322 7.76 7.62 39.08
CA PHE B 322 6.51 8.25 39.39
C PHE B 322 5.87 8.81 38.09
N LEU B 323 6.63 9.54 37.30
CA LEU B 323 6.12 10.06 35.99
C LEU B 323 5.64 8.95 35.07
N ARG B 324 6.42 7.88 35.00
CA ARG B 324 6.12 6.74 34.10
C ARG B 324 4.84 6.09 34.52
N ASN B 325 4.77 5.81 35.81
CA ASN B 325 3.62 5.16 36.43
C ASN B 325 2.35 6.02 36.29
N THR B 326 2.42 7.32 36.59
CA THR B 326 1.29 8.22 36.34
C THR B 326 0.76 8.18 34.91
N ASN B 327 1.65 8.39 33.94
CA ASN B 327 1.25 8.33 32.52
C ASN B 327 0.61 6.98 32.16
N ARG B 328 1.07 5.90 32.78
CA ARG B 328 0.53 4.57 32.46
C ARG B 328 -0.90 4.41 33.05
N ILE B 329 -1.04 4.81 34.31
CA ILE B 329 -2.31 4.75 35.00
C ILE B 329 -3.32 5.65 34.27
N LEU B 330 -2.93 6.86 33.91
CA LEU B 330 -3.79 7.75 33.11
C LEU B 330 -4.19 7.10 31.77
N GLY B 331 -3.25 6.46 31.11
CA GLY B 331 -3.57 5.82 29.84
C GLY B 331 -4.53 4.66 30.04
N GLU B 332 -4.48 3.98 31.19
CA GLU B 332 -5.42 2.88 31.44
C GLU B 332 -6.77 3.32 32.02
N GLN B 333 -6.79 4.37 32.82
CA GLN B 333 -7.99 4.67 33.57
C GLN B 333 -8.89 5.69 32.87
N VAL B 334 -8.27 6.68 32.23
CA VAL B 334 -9.01 7.75 31.58
C VAL B 334 -8.56 7.97 30.14
N SER B 335 -8.73 6.94 29.33
CA SER B 335 -8.24 6.91 27.98
C SER B 335 -8.87 8.07 27.22
N GLY B 336 -8.07 8.79 26.45
CA GLY B 336 -8.55 10.02 25.85
C GLY B 336 -7.96 11.28 26.47
N ALA B 337 -7.64 11.26 27.76
CA ALA B 337 -6.94 12.38 28.35
C ALA B 337 -5.44 12.22 28.08
N VAL B 338 -4.69 13.31 28.01
CA VAL B 338 -3.28 13.24 27.64
C VAL B 338 -2.47 14.09 28.57
N THR B 339 -1.15 13.89 28.56
CA THR B 339 -0.28 14.71 29.36
C THR B 339 0.77 15.32 28.48
N MET B 340 1.32 16.43 28.94
CA MET B 340 2.27 17.14 28.20
C MET B 340 3.36 17.61 29.16
N ALA B 341 4.60 17.69 28.68
CA ALA B 341 5.71 18.03 29.56
C ALA B 341 6.55 19.19 29.09
N GLU B 342 7.00 19.99 30.04
CA GLU B 342 8.14 20.88 29.80
C GLU B 342 9.39 20.33 30.54
N GLU B 343 10.43 20.07 29.76
CA GLU B 343 11.67 19.46 30.23
C GLU B 343 12.83 20.10 29.49
N SER B 344 13.70 20.76 30.24
CA SER B 344 14.70 21.63 29.64
C SER B 344 16.11 21.07 29.51
N THR B 345 16.31 19.75 29.61
CA THR B 345 17.64 19.19 29.51
C THR B 345 17.81 18.13 28.40
N ASP B 346 16.85 18.01 27.49
CA ASP B 346 16.91 16.95 26.46
C ASP B 346 17.03 15.52 27.01
N PHE B 347 16.39 15.23 28.12
CA PHE B 347 16.29 13.84 28.60
C PHE B 347 15.64 13.04 27.47
N PRO B 348 16.19 11.87 27.11
CA PRO B 348 15.61 11.28 25.90
C PRO B 348 14.23 10.69 26.10
N GLY B 349 13.37 10.85 25.11
CA GLY B 349 12.11 10.11 25.09
C GLY B 349 11.10 10.58 26.12
N VAL B 350 11.09 11.88 26.42
CA VAL B 350 10.10 12.40 27.36
C VAL B 350 8.69 12.08 26.92
N SER B 351 8.44 12.16 25.61
CA SER B 351 7.13 11.80 25.10
C SER B 351 7.19 10.53 24.30
N ARG B 352 7.99 9.55 24.77
CA ARG B 352 8.04 8.21 24.18
C ARG B 352 7.59 7.19 25.22
N PRO B 353 7.06 6.03 24.75
CA PRO B 353 6.54 4.97 25.62
C PRO B 353 7.57 4.49 26.64
N GLN B 354 7.09 4.16 27.84
CA GLN B 354 7.93 3.59 28.90
C GLN B 354 8.67 2.30 28.49
N ASP B 355 8.04 1.47 27.65
CA ASP B 355 8.69 0.22 27.23
C ASP B 355 9.94 0.51 26.39
N MET B 356 10.04 1.74 25.88
CA MET B 356 11.20 2.20 25.09
C MET B 356 12.19 2.92 26.03
N GLY B 357 11.92 2.90 27.33
CA GLY B 357 12.68 3.75 28.25
C GLY B 357 12.23 5.21 28.34
N GLY B 358 11.07 5.56 27.76
CA GLY B 358 10.57 6.93 27.81
C GLY B 358 9.84 7.25 29.12
N LEU B 359 9.38 8.50 29.25
CA LEU B 359 8.64 8.95 30.41
C LEU B 359 7.15 8.74 30.21
N GLY B 360 6.76 8.55 28.97
CA GLY B 360 5.35 8.26 28.65
C GLY B 360 4.43 9.45 28.49
N PHE B 361 4.93 10.67 28.46
CA PHE B 361 4.09 11.83 28.05
C PHE B 361 3.62 11.70 26.62
N TRP B 362 2.48 12.32 26.31
CA TRP B 362 2.02 12.40 24.90
C TRP B 362 2.75 13.49 24.12
N TYR B 363 3.01 14.62 24.77
CA TYR B 363 3.57 15.78 24.10
C TYR B 363 4.67 16.42 24.92
N LYS B 364 5.60 17.10 24.25
CA LYS B 364 6.68 17.86 24.93
C LYS B 364 6.77 19.25 24.33
N TRP B 365 7.01 20.26 25.15
CA TRP B 365 7.20 21.64 24.70
C TRP B 365 8.52 21.75 23.93
N ASN B 366 8.51 22.40 22.78
CA ASN B 366 9.72 22.55 22.02
C ASN B 366 10.44 23.85 22.41
N LEU B 367 11.15 23.83 23.54
CA LEU B 367 11.89 24.99 24.00
C LEU B 367 12.96 25.38 22.99
N GLY B 368 13.58 24.37 22.35
CA GLY B 368 14.72 24.66 21.48
C GLY B 368 14.20 25.45 20.29
N TRP B 369 13.01 25.10 19.81
CA TRP B 369 12.41 25.78 18.66
C TRP B 369 12.08 27.21 19.01
N MET B 370 11.49 27.40 20.19
CA MET B 370 11.22 28.72 20.72
C MET B 370 12.50 29.56 20.79
N HIS B 371 13.58 29.01 21.37
CA HIS B 371 14.79 29.78 21.46
C HIS B 371 15.40 30.11 20.11
N ASP B 372 15.38 29.15 19.19
CA ASP B 372 16.02 29.36 17.91
C ASP B 372 15.25 30.35 17.02
N THR B 373 13.91 30.26 17.01
CA THR B 373 13.13 31.10 16.08
C THR B 373 13.03 32.52 16.63
N LEU B 374 12.90 32.66 17.93
CA LEU B 374 12.90 33.99 18.55
C LEU B 374 14.23 34.65 18.39
N ASP B 375 15.33 33.91 18.60
CA ASP B 375 16.65 34.48 18.30
C ASP B 375 16.79 34.92 16.83
N TYR B 376 16.25 34.14 15.90
CA TYR B 376 16.33 34.50 14.51
C TYR B 376 15.48 35.78 14.23
N MET B 377 14.27 35.82 14.76
CA MET B 377 13.39 36.99 14.56
C MET B 377 14.00 38.26 15.15
N LYS B 378 14.77 38.11 16.24
CA LYS B 378 15.39 39.26 16.91
C LYS B 378 16.45 39.93 16.03
N LEU B 379 17.03 39.18 15.10
CA LEU B 379 18.08 39.69 14.23
C LEU B 379 17.53 40.76 13.29
N ASP B 380 18.28 41.84 13.18
CA ASP B 380 18.08 42.71 12.06
C ASP B 380 18.18 41.83 10.81
N PRO B 381 17.27 42.05 9.86
CA PRO B 381 17.16 41.27 8.63
C PRO B 381 18.49 41.13 7.92
N VAL B 382 19.36 42.14 8.01
CA VAL B 382 20.62 42.04 7.30
C VAL B 382 21.51 40.93 7.84
N TYR B 383 21.29 40.51 9.09
CA TYR B 383 22.10 39.41 9.66
C TYR B 383 21.42 38.04 9.53
N ARG B 384 20.21 38.04 9.01
CA ARG B 384 19.47 36.81 8.90
C ARG B 384 20.10 35.80 7.96
N GLN B 385 20.76 36.26 6.90
CA GLN B 385 21.48 35.37 5.99
C GLN B 385 22.52 34.48 6.66
N TYR B 386 23.03 34.90 7.83
CA TYR B 386 24.10 34.18 8.49
C TYR B 386 23.57 33.24 9.59
N HIS B 387 22.26 33.24 9.81
CA HIS B 387 21.69 32.40 10.83
C HIS B 387 20.52 31.59 10.30
N HIS B 388 20.57 31.23 9.02
CA HIS B 388 19.55 30.43 8.39
C HIS B 388 19.33 29.11 9.15
N ASP B 389 20.38 28.56 9.77
CA ASP B 389 20.30 27.33 10.57
C ASP B 389 19.25 27.35 11.69
N LYS B 390 18.99 28.53 12.26
CA LYS B 390 18.02 28.65 13.34
C LYS B 390 16.58 28.28 12.93
N LEU B 391 16.27 28.42 11.64
CA LEU B 391 14.98 28.00 11.12
C LEU B 391 14.98 26.57 10.56
N THR B 392 16.13 26.07 10.12
CA THR B 392 16.20 24.77 9.48
C THR B 392 16.50 23.64 10.51
N PHE B 393 17.06 24.00 11.66
CA PHE B 393 17.50 22.97 12.61
C PHE B 393 16.33 22.13 13.16
N GLY B 394 15.20 22.78 13.43
CA GLY B 394 14.06 22.15 14.06
C GLY B 394 13.61 20.85 13.41
N ILE B 395 13.79 20.73 12.10
CA ILE B 395 13.31 19.61 11.36
C ILE B 395 14.18 18.41 11.74
N LEU B 396 15.46 18.65 12.02
CA LEU B 396 16.37 17.56 12.26
C LEU B 396 15.98 16.74 13.49
N TYR B 397 15.46 17.35 14.56
CA TYR B 397 15.09 16.56 15.75
C TYR B 397 13.55 16.44 15.97
N ASN B 398 12.78 16.87 14.97
CA ASN B 398 11.33 16.89 15.09
C ASN B 398 10.69 15.53 15.33
N TYR B 399 11.28 14.48 14.78
CA TYR B 399 10.71 13.14 14.91
C TYR B 399 11.21 12.40 16.16
N THR B 400 11.86 13.13 17.07
CA THR B 400 12.33 12.50 18.33
C THR B 400 11.34 12.69 19.48
N GLU B 401 10.44 13.67 19.37
CA GLU B 401 9.46 13.92 20.38
C GLU B 401 8.17 14.40 19.66
N ASN B 402 7.02 14.34 20.32
CA ASN B 402 5.83 14.92 19.77
C ASN B 402 5.71 16.35 20.30
N PHE B 403 6.08 17.31 19.49
CA PHE B 403 6.30 18.64 20.01
C PHE B 403 5.05 19.53 19.99
N VAL B 404 5.00 20.43 20.98
CA VAL B 404 4.13 21.58 20.98
C VAL B 404 5.05 22.82 20.78
N LEU B 405 4.74 23.72 19.84
CA LEU B 405 5.52 24.97 19.64
C LEU B 405 4.96 26.02 20.60
N PRO B 406 5.74 26.48 21.56
CA PRO B 406 5.11 27.25 22.63
C PRO B 406 5.63 28.67 22.74
N LEU B 407 4.76 29.67 22.66
CA LEU B 407 5.17 31.05 22.97
C LEU B 407 4.44 31.32 24.26
N SER B 408 5.06 30.93 25.38
CA SER B 408 4.38 30.82 26.63
C SER B 408 4.62 32.04 27.48
N HIS B 409 3.96 32.04 28.63
CA HIS B 409 4.08 33.08 29.63
C HIS B 409 5.51 33.25 30.12
N ASP B 410 6.29 32.18 30.16
CA ASP B 410 7.69 32.30 30.61
C ASP B 410 8.53 33.27 29.77
N GLU B 411 8.12 33.51 28.52
CA GLU B 411 8.93 34.28 27.58
C GLU B 411 8.66 35.80 27.57
N VAL B 412 7.66 36.22 28.33
CA VAL B 412 7.28 37.62 28.32
C VAL B 412 7.25 38.17 29.75
N VAL B 413 8.23 37.75 30.56
CA VAL B 413 8.42 38.33 31.90
C VAL B 413 9.87 38.59 32.29
N HIS B 414 10.06 39.29 33.40
CA HIS B 414 11.37 39.51 33.98
C HIS B 414 12.37 40.15 33.03
N GLY B 415 11.94 41.17 32.30
CA GLY B 415 12.85 41.84 31.36
C GLY B 415 13.11 41.09 30.04
N LYS B 416 12.39 40.02 29.79
CA LYS B 416 12.53 39.36 28.48
C LYS B 416 11.83 40.10 27.33
N LYS B 417 10.89 41.00 27.69
CA LYS B 417 10.07 41.76 26.71
C LYS B 417 8.85 40.99 26.17
N SER B 418 7.96 41.70 25.48
CA SER B 418 6.83 41.05 24.82
C SER B 418 7.41 40.43 23.58
N ILE B 419 6.63 39.58 22.90
CA ILE B 419 7.05 39.06 21.60
C ILE B 419 7.23 40.23 20.60
N LEU B 420 6.25 41.16 20.58
CA LEU B 420 6.31 42.29 19.63
C LEU B 420 7.59 43.13 19.80
N ASP B 421 7.97 43.45 21.03
CA ASP B 421 9.14 44.33 21.24
C ASP B 421 10.51 43.61 21.00
N ARG B 422 10.49 42.32 20.74
CA ARG B 422 11.69 41.62 20.27
C ARG B 422 11.91 41.87 18.77
N MET B 423 10.90 42.34 18.06
CA MET B 423 11.02 42.45 16.61
C MET B 423 11.83 43.69 16.26
N PRO B 424 12.66 43.61 15.23
CA PRO B 424 13.43 44.77 14.78
C PRO B 424 12.67 45.64 13.76
N GLY B 425 13.10 46.90 13.64
CA GLY B 425 12.63 47.78 12.57
C GLY B 425 11.75 48.93 13.03
N ASP B 426 11.14 49.64 12.08
CA ASP B 426 10.12 50.62 12.40
C ASP B 426 8.81 49.91 12.78
N ALA B 427 7.80 50.68 13.19
CA ALA B 427 6.52 50.09 13.56
C ALA B 427 5.99 49.16 12.49
N TRP B 428 5.98 49.57 11.23
CA TRP B 428 5.45 48.72 10.20
C TRP B 428 6.21 47.38 10.18
N GLN B 429 7.53 47.45 10.24
CA GLN B 429 8.40 46.26 10.11
C GLN B 429 8.24 45.35 11.32
N LYS B 430 8.01 45.96 12.48
CA LYS B 430 7.83 45.18 13.70
C LYS B 430 6.59 44.30 13.63
N PHE B 431 5.45 44.89 13.26
CA PHE B 431 4.23 44.11 13.14
C PHE B 431 4.31 43.11 11.99
N ALA B 432 4.97 43.51 10.89
CA ALA B 432 5.15 42.58 9.77
C ALA B 432 5.99 41.36 10.17
N ASN B 433 7.14 41.59 10.81
CA ASN B 433 7.94 40.51 11.35
C ASN B 433 7.10 39.59 12.24
N LEU B 434 6.38 40.17 13.19
CA LEU B 434 5.57 39.34 14.08
C LEU B 434 4.54 38.47 13.31
N ARG B 435 3.80 39.08 12.38
CA ARG B 435 2.83 38.36 11.55
C ARG B 435 3.50 37.27 10.73
N ALA B 436 4.65 37.58 10.15
CA ALA B 436 5.36 36.61 9.28
C ALA B 436 5.78 35.45 10.16
N TYR B 437 6.18 35.78 11.39
CA TYR B 437 6.61 34.72 12.33
C TYR B 437 5.43 33.82 12.74
N TYR B 438 4.28 34.42 13.02
CA TYR B 438 3.09 33.59 13.34
C TYR B 438 2.70 32.76 12.11
N GLY B 439 2.89 33.28 10.90
CA GLY B 439 2.57 32.47 9.72
C GLY B 439 3.46 31.25 9.63
N TRP B 440 4.73 31.43 9.99
CA TRP B 440 5.72 30.34 10.03
C TRP B 440 5.37 29.32 11.10
N MET B 441 5.15 29.81 12.30
CA MET B 441 4.82 28.92 13.40
C MET B 441 3.57 28.03 13.14
N TRP B 442 2.48 28.60 12.62
CA TRP B 442 1.27 27.82 12.38
C TRP B 442 1.45 26.77 11.25
N ALA B 443 2.50 26.90 10.43
CA ALA B 443 2.80 25.96 9.32
C ALA B 443 3.85 24.92 9.70
N PHE B 444 4.67 25.23 10.70
CA PHE B 444 5.77 24.39 11.08
C PHE B 444 5.30 23.16 11.92
N PRO B 445 5.87 21.98 11.67
CA PRO B 445 5.41 20.76 12.38
C PRO B 445 5.38 20.98 13.87
N GLY B 446 4.37 20.40 14.53
CA GLY B 446 4.12 20.55 15.98
C GLY B 446 2.79 21.27 16.28
N LYS B 447 2.20 21.00 17.43
CA LYS B 447 1.01 21.72 17.86
C LYS B 447 1.38 23.16 18.30
N LYS B 448 0.37 24.02 18.50
CA LYS B 448 0.64 25.42 18.78
C LYS B 448 0.20 25.79 20.17
N LEU B 449 0.94 26.71 20.77
CA LEU B 449 0.54 27.28 22.03
C LEU B 449 0.89 28.74 22.04
N LEU B 450 -0.08 29.56 22.44
CA LEU B 450 0.12 30.98 22.46
C LEU B 450 -0.43 31.52 23.76
N PHE B 451 0.40 32.29 24.45
CA PHE B 451 0.00 32.94 25.67
C PHE B 451 -0.85 34.20 25.41
N MET B 452 -1.89 34.36 26.22
CA MET B 452 -2.75 35.52 26.17
C MET B 452 -1.97 36.83 26.08
N GLY B 453 -2.46 37.74 25.22
CA GLY B 453 -1.79 38.99 24.91
C GLY B 453 -0.92 38.91 23.65
N ASN B 454 -0.33 37.76 23.41
CA ASN B 454 0.47 37.59 22.18
C ASN B 454 -0.38 37.78 20.93
N GLU B 455 -1.65 37.39 20.99
CA GLU B 455 -2.54 37.35 19.83
C GLU B 455 -3.03 38.73 19.41
N PHE B 456 -2.84 39.75 20.23
CA PHE B 456 -3.09 41.07 19.74
C PHE B 456 -1.83 41.91 19.88
N ALA B 457 -0.71 41.23 20.05
CA ALA B 457 0.59 41.87 20.13
C ALA B 457 0.70 42.94 21.20
N GLN B 458 0.44 42.54 22.44
CA GLN B 458 0.70 43.46 23.56
C GLN B 458 2.12 43.99 23.48
N GLY B 459 2.30 45.29 23.80
CA GLY B 459 3.67 45.87 23.80
C GLY B 459 4.42 45.59 25.10
N ARG B 460 3.72 45.79 26.22
CA ARG B 460 4.29 45.50 27.53
C ARG B 460 4.31 44.00 27.86
N GLU B 461 5.28 43.62 28.68
CA GLU B 461 5.36 42.30 29.32
C GLU B 461 4.09 41.95 30.07
N TRP B 462 3.81 40.67 30.23
CA TRP B 462 2.66 40.30 31.04
C TRP B 462 2.85 40.69 32.54
N ASN B 463 1.77 41.17 33.15
CA ASN B 463 1.74 41.59 34.55
C ASN B 463 0.65 40.79 35.23
N HIS B 464 1.01 39.81 36.05
CA HIS B 464 0.02 38.97 36.75
C HIS B 464 -0.86 39.78 37.67
N ASP B 465 -0.48 41.01 37.92
CA ASP B 465 -1.18 41.86 38.87
C ASP B 465 -2.17 42.83 38.17
N ALA B 466 -2.36 42.69 36.86
CA ALA B 466 -3.22 43.62 36.13
C ALA B 466 -3.95 42.89 35.01
N SER B 467 -4.95 43.55 34.44
CA SER B 467 -5.49 43.17 33.16
C SER B 467 -4.42 43.22 32.05
N LEU B 468 -4.57 42.41 31.02
CA LEU B 468 -3.86 42.66 29.80
C LEU B 468 -4.26 44.04 29.23
N ASP B 469 -3.47 44.53 28.28
CA ASP B 469 -3.68 45.84 27.67
C ASP B 469 -4.75 45.89 26.58
N TRP B 470 -5.98 45.51 26.94
CA TRP B 470 -7.12 45.54 26.02
C TRP B 470 -7.41 46.95 25.49
N HIS B 471 -6.87 47.96 26.15
CA HIS B 471 -6.98 49.33 25.67
C HIS B 471 -6.28 49.52 24.30
N LEU B 472 -5.36 48.64 23.96
CA LEU B 472 -4.72 48.65 22.62
C LEU B 472 -5.74 48.50 21.48
N LEU B 473 -6.86 47.86 21.79
CA LEU B 473 -7.89 47.49 20.84
C LEU B 473 -9.04 48.47 20.80
N GLU B 474 -8.99 49.50 21.66
CA GLU B 474 -9.93 50.62 21.64
C GLU B 474 -9.65 51.52 20.45
N GLY B 475 -10.68 52.27 20.03
CA GLY B 475 -10.53 53.22 18.92
C GLY B 475 -10.60 52.56 17.56
N GLY B 476 -10.17 53.29 16.53
CA GLY B 476 -10.20 52.80 15.16
C GLY B 476 -9.26 51.63 14.91
N ASP B 477 -9.51 50.94 13.80
CA ASP B 477 -8.80 49.74 13.46
C ASP B 477 -7.30 50.03 13.33
N ASN B 478 -6.49 49.24 14.03
CA ASN B 478 -5.05 49.51 14.14
C ASN B 478 -4.24 48.22 13.99
N TRP B 479 -2.92 48.31 14.13
CA TRP B 479 -1.99 47.19 13.93
C TRP B 479 -2.35 45.98 14.78
N HIS B 480 -2.78 46.23 16.00
CA HIS B 480 -3.10 45.18 16.96
C HIS B 480 -4.33 44.37 16.53
N HIS B 481 -5.35 45.06 16.01
CA HIS B 481 -6.54 44.43 15.46
C HIS B 481 -6.12 43.53 14.31
N GLY B 482 -5.10 43.98 13.57
CA GLY B 482 -4.68 43.24 12.40
C GLY B 482 -4.01 41.94 12.77
N VAL B 483 -3.15 41.98 13.79
CA VAL B 483 -2.55 40.75 14.34
C VAL B 483 -3.64 39.83 14.90
N GLN B 484 -4.59 40.40 15.63
CA GLN B 484 -5.68 39.59 16.17
C GLN B 484 -6.48 38.89 15.05
N ARG B 485 -6.73 39.57 13.94
CA ARG B 485 -7.44 38.96 12.82
C ARG B 485 -6.61 37.87 12.18
N LEU B 486 -5.29 38.07 12.11
CA LEU B 486 -4.43 37.06 11.53
C LEU B 486 -4.43 35.82 12.39
N VAL B 487 -4.36 36.02 13.70
CA VAL B 487 -4.28 34.82 14.57
C VAL B 487 -5.55 33.94 14.40
N ARG B 488 -6.72 34.59 14.34
CA ARG B 488 -7.95 33.88 14.04
C ARG B 488 -7.93 33.17 12.69
N ASP B 489 -7.59 33.89 11.62
CA ASP B 489 -7.52 33.24 10.31
C ASP B 489 -6.55 32.04 10.30
N LEU B 490 -5.43 32.21 10.98
CA LEU B 490 -4.40 31.18 11.06
C LEU B 490 -4.97 29.90 11.73
N ASN B 491 -5.61 30.08 12.88
CA ASN B 491 -6.36 29.00 13.53
C ASN B 491 -7.39 28.34 12.62
N LEU B 492 -8.22 29.14 11.91
CA LEU B 492 -9.30 28.56 11.17
C LEU B 492 -8.76 27.83 9.95
N THR B 493 -7.75 28.40 9.32
CA THR B 493 -7.16 27.82 8.13
C THR B 493 -6.38 26.55 8.52
N TYR B 494 -5.57 26.65 9.58
CA TYR B 494 -4.85 25.49 10.15
C TYR B 494 -5.78 24.31 10.44
N ARG B 495 -6.99 24.57 10.95
CA ARG B 495 -7.87 23.51 11.39
C ARG B 495 -8.64 22.90 10.24
N HIS B 496 -8.87 23.67 9.19
CA HIS B 496 -9.63 23.24 8.07
C HIS B 496 -8.82 22.31 7.12
N HIS B 497 -7.56 22.62 6.86
CA HIS B 497 -6.72 21.81 5.97
C HIS B 497 -5.87 20.78 6.71
N LYS B 498 -6.20 19.52 6.51
CA LYS B 498 -5.49 18.39 7.13
C LYS B 498 -4.01 18.37 6.92
N ALA B 499 -3.53 18.81 5.74
CA ALA B 499 -2.10 18.90 5.51
C ALA B 499 -1.39 19.75 6.59
N MET B 500 -2.07 20.73 7.17
CA MET B 500 -1.41 21.56 8.21
C MET B 500 -1.21 20.84 9.55
N HIS B 501 -1.87 19.70 9.78
CA HIS B 501 -1.83 19.14 11.11
C HIS B 501 -1.88 17.62 11.20
N GLU B 502 -2.24 16.95 10.13
CA GLU B 502 -2.48 15.51 10.21
C GLU B 502 -1.21 14.68 10.38
N LEU B 503 -0.10 15.16 9.85
CA LEU B 503 1.08 14.34 9.91
C LEU B 503 2.29 15.12 10.47
N ASP B 504 2.11 15.89 11.55
CA ASP B 504 3.21 16.63 12.18
C ASP B 504 4.38 15.74 12.55
N PHE B 505 4.06 14.48 12.91
CA PHE B 505 5.02 13.57 13.54
C PHE B 505 5.45 12.43 12.60
N ASP B 506 5.17 12.57 11.32
CA ASP B 506 5.59 11.62 10.28
C ASP B 506 6.40 12.41 9.22
N PRO B 507 7.58 11.92 8.87
CA PRO B 507 8.48 12.57 7.90
C PRO B 507 7.79 12.88 6.58
N TYR B 508 6.84 12.04 6.21
CA TYR B 508 6.06 12.28 5.00
C TYR B 508 5.25 13.61 5.05
N GLY B 509 5.00 14.13 6.25
CA GLY B 509 4.16 15.30 6.39
C GLY B 509 4.85 16.64 6.13
N PHE B 510 6.16 16.62 5.92
CA PHE B 510 6.95 17.84 5.70
C PHE B 510 8.05 17.62 4.66
N GLU B 511 8.24 18.54 3.72
CA GLU B 511 9.36 18.45 2.80
C GLU B 511 9.81 19.85 2.38
N TRP B 512 11.10 20.13 2.47
CA TRP B 512 11.64 21.39 1.98
C TRP B 512 11.52 21.48 0.46
N LEU B 513 11.18 22.67 -0.03
CA LEU B 513 11.29 22.96 -1.46
C LEU B 513 12.49 23.87 -1.67
N VAL B 514 12.71 24.83 -0.77
CA VAL B 514 13.90 25.72 -0.81
C VAL B 514 14.48 25.84 0.60
N VAL B 515 15.55 25.09 0.87
CA VAL B 515 16.15 25.04 2.20
C VAL B 515 17.40 25.92 2.30
N ASP B 516 17.95 26.33 1.15
CA ASP B 516 19.24 27.01 1.17
C ASP B 516 19.26 28.39 0.49
N ASP B 517 18.13 29.08 0.39
CA ASP B 517 18.21 30.48 0.00
C ASP B 517 18.56 31.39 1.19
N LYS B 518 19.83 31.33 1.58
CA LYS B 518 20.36 32.12 2.67
C LYS B 518 20.49 33.58 2.29
N GLU B 519 21.10 33.85 1.13
CA GLU B 519 21.31 35.26 0.73
C GLU B 519 20.01 36.06 0.89
N ARG B 520 18.88 35.46 0.49
CA ARG B 520 17.62 36.22 0.46
C ARG B 520 16.71 35.97 1.66
N SER B 521 17.15 35.11 2.57
CA SER B 521 16.31 34.67 3.69
C SER B 521 14.88 34.28 3.27
N VAL B 522 14.77 33.47 2.22
CA VAL B 522 13.49 32.94 1.79
C VAL B 522 13.54 31.45 2.04
N LEU B 523 12.45 30.90 2.59
CA LEU B 523 12.42 29.51 2.95
C LEU B 523 11.09 29.02 2.51
N ILE B 524 11.07 27.85 1.91
CA ILE B 524 9.86 27.30 1.33
C ILE B 524 9.77 25.80 1.55
N PHE B 525 8.62 25.34 2.06
CA PHE B 525 8.44 23.93 2.26
C PHE B 525 7.01 23.56 1.99
N VAL B 526 6.74 22.28 2.06
CA VAL B 526 5.40 21.80 1.82
C VAL B 526 4.94 21.04 3.08
N ARG B 527 3.67 21.18 3.45
CA ARG B 527 3.06 20.28 4.44
C ARG B 527 2.17 19.32 3.70
N ARG B 528 2.11 18.06 4.14
CA ARG B 528 1.29 17.04 3.45
C ARG B 528 0.31 16.30 4.35
N ASP B 529 -0.86 15.99 3.81
CA ASP B 529 -1.80 15.14 4.51
C ASP B 529 -1.72 13.67 4.06
N LYS B 530 -2.47 12.79 4.70
CA LYS B 530 -2.42 11.36 4.34
C LYS B 530 -2.75 11.01 2.87
N GLU B 531 -3.59 11.82 2.19
CA GLU B 531 -3.94 11.58 0.79
C GLU B 531 -2.92 12.18 -0.14
N GLY B 532 -1.88 12.82 0.40
CA GLY B 532 -0.87 13.41 -0.48
C GLY B 532 -1.12 14.83 -0.92
N ASN B 533 -2.24 15.43 -0.52
CA ASN B 533 -2.43 16.86 -0.77
C ASN B 533 -1.30 17.72 -0.14
N GLU B 534 -0.84 18.72 -0.88
CA GLU B 534 0.25 19.53 -0.38
C GLU B 534 -0.20 20.99 -0.24
N ILE B 535 0.31 21.64 0.78
CA ILE B 535 0.17 23.10 0.89
C ILE B 535 1.56 23.66 0.89
N ILE B 536 1.80 24.67 0.06
CA ILE B 536 3.09 25.29 -0.03
C ILE B 536 3.14 26.45 0.94
N VAL B 537 4.23 26.55 1.70
CA VAL B 537 4.44 27.60 2.67
C VAL B 537 5.70 28.33 2.26
N ALA B 538 5.60 29.62 1.94
CA ALA B 538 6.79 30.38 1.59
C ALA B 538 6.93 31.62 2.47
N SER B 539 8.13 31.82 2.99
CA SER B 539 8.36 32.92 3.91
C SER B 539 9.49 33.78 3.40
N ASN B 540 9.33 35.09 3.56
CA ASN B 540 10.32 36.05 3.12
C ASN B 540 10.64 36.89 4.32
N PHE B 541 11.85 36.72 4.86
CA PHE B 541 12.21 37.30 6.15
C PHE B 541 13.10 38.54 6.05
N THR B 542 12.97 39.20 4.91
CA THR B 542 13.63 40.46 4.55
C THR B 542 12.55 41.46 4.07
N PRO B 543 12.79 42.77 4.23
CA PRO B 543 11.81 43.77 3.80
C PRO B 543 11.81 44.01 2.28
N VAL B 544 12.57 43.24 1.54
CA VAL B 544 12.62 43.35 0.09
C VAL B 544 11.64 42.39 -0.58
N PRO B 545 10.66 42.94 -1.31
CA PRO B 545 9.68 42.09 -1.99
C PRO B 545 10.40 41.32 -3.09
N ARG B 546 9.93 40.11 -3.42
CA ARG B 546 10.61 39.29 -4.43
C ARG B 546 9.64 39.00 -5.53
N HIS B 547 10.02 39.35 -6.74
CA HIS B 547 9.13 39.14 -7.87
C HIS B 547 9.75 38.05 -8.72
N ASP B 548 8.92 37.21 -9.36
CA ASP B 548 9.42 36.16 -10.27
C ASP B 548 10.40 35.25 -9.56
N TYR B 549 10.03 34.89 -8.34
CA TYR B 549 10.80 33.95 -7.55
C TYR B 549 10.39 32.55 -8.00
N ARG B 550 11.28 31.90 -8.76
CA ARG B 550 11.00 30.54 -9.24
C ARG B 550 11.57 29.44 -8.32
N PHE B 551 10.74 28.45 -8.00
CA PHE B 551 11.23 27.32 -7.22
C PHE B 551 10.48 26.09 -7.72
N GLY B 552 11.11 24.94 -7.60
CA GLY B 552 10.50 23.63 -7.96
C GLY B 552 9.44 23.16 -6.98
N ILE B 553 8.49 22.41 -7.51
CA ILE B 553 7.35 21.95 -6.77
C ILE B 553 7.17 20.49 -7.17
N ASN B 554 6.31 19.77 -6.46
CA ASN B 554 6.05 18.34 -6.71
C ASN B 554 4.77 18.03 -7.45
N GLN B 555 3.83 18.98 -7.42
CA GLN B 555 2.52 18.78 -8.03
C GLN B 555 2.19 19.90 -8.98
N PRO B 556 2.30 19.64 -10.28
CA PRO B 556 2.00 20.69 -11.22
C PRO B 556 0.53 21.03 -11.14
N GLY B 557 0.18 22.25 -11.53
CA GLY B 557 -1.22 22.66 -11.66
C GLY B 557 -1.50 24.11 -11.28
N LYS B 558 -2.73 24.40 -10.90
CA LYS B 558 -3.13 25.76 -10.52
C LYS B 558 -3.02 25.97 -9.02
N TRP B 559 -2.31 27.01 -8.61
CA TRP B 559 -2.07 27.24 -7.20
C TRP B 559 -2.56 28.64 -6.80
N ARG B 560 -3.01 28.76 -5.56
CA ARG B 560 -3.65 29.97 -5.12
C ARG B 560 -3.37 30.15 -3.61
N GLU B 561 -3.19 31.40 -3.19
CA GLU B 561 -3.02 31.79 -1.77
C GLU B 561 -4.26 31.53 -0.90
N ILE B 562 -4.04 30.92 0.27
CA ILE B 562 -5.10 30.74 1.22
C ILE B 562 -4.79 31.49 2.51
N LEU B 563 -3.56 32.00 2.61
CA LEU B 563 -3.15 32.77 3.75
C LEU B 563 -2.05 33.71 3.24
N ASN B 564 -2.11 34.98 3.59
CA ASN B 564 -1.08 35.92 3.22
C ASN B 564 -0.94 36.95 4.32
N THR B 565 0.15 36.89 5.10
CA THR B 565 0.31 37.77 6.28
C THR B 565 0.56 39.23 5.95
N ASP B 566 0.85 39.54 4.69
CA ASP B 566 0.98 40.92 4.20
C ASP B 566 -0.36 41.53 3.66
N SER B 567 -1.44 40.79 3.80
CA SER B 567 -2.73 41.29 3.37
C SER B 567 -3.08 42.63 4.04
N MET B 568 -3.73 43.54 3.29
CA MET B 568 -4.18 44.79 3.84
C MET B 568 -5.19 44.56 4.96
N HIS B 569 -5.84 43.38 4.95
N HIS B 569 -5.88 43.41 4.96
CA HIS B 569 -6.77 42.96 6.00
CA HIS B 569 -6.82 43.08 6.04
C HIS B 569 -6.09 42.92 7.37
C HIS B 569 -6.08 43.01 7.39
N TYR B 570 -4.77 42.75 7.35
CA TYR B 570 -3.95 42.78 8.61
C TYR B 570 -3.00 44.02 8.71
N HIS B 571 -3.22 45.01 7.85
CA HIS B 571 -2.37 46.19 7.74
C HIS B 571 -1.02 45.96 7.12
N GLY B 572 -0.90 44.89 6.30
CA GLY B 572 0.28 44.68 5.48
C GLY B 572 0.19 45.53 4.24
N SER B 573 1.16 45.41 3.34
CA SER B 573 1.18 46.31 2.17
C SER B 573 0.36 45.73 1.01
N ASN B 574 -0.22 44.54 1.23
CA ASN B 574 -1.12 43.95 0.25
C ASN B 574 -0.43 43.46 -1.03
N ALA B 575 0.85 43.16 -0.93
CA ALA B 575 1.57 42.54 -2.02
C ALA B 575 1.14 41.05 -2.09
N GLY B 576 1.31 40.41 -3.24
CA GLY B 576 0.81 39.04 -3.37
C GLY B 576 0.66 38.64 -4.81
N ASN B 577 0.10 37.47 -5.04
CA ASN B 577 -0.03 36.97 -6.39
C ASN B 577 -1.34 37.30 -7.16
N GLY B 578 -2.33 37.85 -6.47
CA GLY B 578 -3.56 38.33 -7.12
C GLY B 578 -4.30 37.29 -7.98
N GLY B 579 -4.60 36.13 -7.41
CA GLY B 579 -5.23 35.08 -8.18
C GLY B 579 -4.46 33.77 -8.31
N THR B 580 -5.02 32.88 -9.10
CA THR B 580 -4.38 31.63 -9.46
C THR B 580 -3.06 31.82 -10.23
N VAL B 581 -2.05 31.07 -9.85
CA VAL B 581 -0.85 30.99 -10.64
C VAL B 581 -0.64 29.55 -11.14
N HIS B 582 -0.37 29.40 -12.43
CA HIS B 582 -0.15 28.08 -13.01
C HIS B 582 1.32 27.68 -12.95
N SER B 583 1.62 26.45 -12.55
CA SER B 583 3.00 25.95 -12.66
C SER B 583 3.50 25.96 -14.13
N ASP B 584 4.83 25.92 -14.30
CA ASP B 584 5.45 25.80 -15.60
C ASP B 584 6.23 24.51 -15.62
N GLU B 585 6.29 23.85 -16.77
CA GLU B 585 7.18 22.72 -16.91
C GLU B 585 8.61 23.19 -17.21
N ILE B 586 9.20 23.84 -16.21
CA ILE B 586 10.55 24.34 -16.24
C ILE B 586 11.26 23.82 -14.98
N ALA B 587 12.27 22.98 -15.18
CA ALA B 587 12.98 22.37 -14.05
C ALA B 587 13.57 23.40 -13.09
N SER B 588 13.50 23.11 -11.79
CA SER B 588 14.09 23.99 -10.75
C SER B 588 14.35 23.16 -9.47
N HIS B 589 15.51 23.33 -8.84
CA HIS B 589 15.84 22.63 -7.60
C HIS B 589 15.66 21.14 -7.69
N GLY B 590 15.97 20.57 -8.85
CA GLY B 590 15.91 19.11 -9.04
C GLY B 590 14.54 18.55 -9.41
N ARG B 591 13.57 19.43 -9.60
CA ARG B 591 12.18 19.02 -9.81
C ARG B 591 11.73 19.35 -11.21
N GLN B 592 10.85 18.52 -11.77
CA GLN B 592 10.38 18.69 -13.14
C GLN B 592 9.56 19.97 -13.40
N HIS B 593 8.83 20.44 -12.40
CA HIS B 593 7.91 21.60 -12.55
C HIS B 593 8.24 22.66 -11.52
N SER B 594 7.81 23.89 -11.78
CA SER B 594 8.10 24.98 -10.86
C SER B 594 7.00 26.05 -10.85
N LEU B 595 7.07 26.93 -9.84
CA LEU B 595 6.17 28.07 -9.77
C LEU B 595 7.02 29.31 -9.72
N SER B 596 6.53 30.39 -10.33
CA SER B 596 7.21 31.66 -10.23
C SER B 596 6.29 32.67 -9.57
N LEU B 597 6.63 33.10 -8.38
CA LEU B 597 5.69 33.86 -7.54
C LEU B 597 6.27 35.18 -7.10
N THR B 598 5.37 36.05 -6.68
CA THR B 598 5.75 37.16 -5.81
C THR B 598 5.73 36.70 -4.34
N LEU B 599 6.81 37.05 -3.63
CA LEU B 599 6.90 36.89 -2.20
C LEU B 599 6.86 38.27 -1.53
N PRO B 600 5.75 38.57 -0.85
CA PRO B 600 5.59 39.83 -0.14
C PRO B 600 6.71 40.04 0.90
N PRO B 601 7.07 41.29 1.15
CA PRO B 601 8.17 41.53 2.08
C PRO B 601 7.79 41.18 3.54
N LEU B 602 8.75 40.66 4.31
CA LEU B 602 8.50 40.30 5.75
C LEU B 602 7.17 39.62 5.92
N ALA B 603 6.95 38.51 5.21
CA ALA B 603 5.64 37.92 5.18
C ALA B 603 5.69 36.44 4.89
N THR B 604 4.62 35.75 5.28
CA THR B 604 4.50 34.32 4.99
C THR B 604 3.22 34.10 4.20
N ILE B 605 3.28 33.30 3.14
CA ILE B 605 2.09 32.93 2.42
C ILE B 605 1.93 31.43 2.39
N TRP B 606 0.68 30.94 2.37
CA TRP B 606 0.41 29.51 2.17
C TRP B 606 -0.38 29.36 0.91
N LEU B 607 -0.11 28.29 0.17
CA LEU B 607 -0.81 28.08 -1.11
C LEU B 607 -1.39 26.67 -1.21
N VAL B 608 -2.59 26.60 -1.78
CA VAL B 608 -3.29 25.35 -2.04
C VAL B 608 -3.32 25.09 -3.56
N ARG B 609 -3.39 23.83 -3.98
CA ARG B 609 -3.52 23.51 -5.39
C ARG B 609 -4.99 23.31 -5.75
N GLU B 610 -5.46 23.96 -6.81
CA GLU B 610 -6.88 23.87 -7.14
C GLU B 610 -7.13 22.57 -7.94
N ALA B 611 -8.26 21.91 -7.67
CA ALA B 611 -8.63 20.69 -8.42
C ALA B 611 -8.92 20.93 -9.89
N GLU B 612 -8.56 19.96 -10.74
CA GLU B 612 -8.99 19.98 -12.15
C GLU B 612 -10.47 19.49 -12.32
N HIS C 2 20.90 -63.90 -9.94
CA HIS C 2 19.66 -63.10 -9.75
C HIS C 2 20.01 -61.75 -9.12
N LEU C 3 20.32 -60.77 -9.97
CA LEU C 3 20.62 -59.41 -9.52
C LEU C 3 19.41 -58.72 -8.89
N ARG C 4 18.21 -59.11 -9.31
CA ARG C 4 16.97 -58.49 -8.86
C ARG C 4 15.96 -59.50 -8.29
N PRO C 5 16.19 -59.95 -7.04
CA PRO C 5 15.29 -60.92 -6.39
C PRO C 5 13.92 -60.34 -6.04
N TYR C 6 13.82 -59.01 -6.01
CA TYR C 6 12.54 -58.33 -5.79
C TYR C 6 11.58 -58.52 -6.97
N GLU C 7 12.13 -58.93 -8.11
CA GLU C 7 11.30 -59.18 -9.28
C GLU C 7 10.52 -60.51 -9.18
N THR C 8 10.92 -61.42 -8.28
CA THR C 8 10.15 -62.66 -8.06
C THR C 8 9.81 -63.00 -6.58
N LEU C 9 10.76 -62.80 -5.67
CA LEU C 9 10.50 -62.97 -4.23
C LEU C 9 9.55 -61.89 -3.70
N GLY C 10 8.74 -62.27 -2.71
CA GLY C 10 7.79 -61.35 -2.07
C GLY C 10 6.33 -61.69 -2.38
N ALA C 11 5.52 -60.66 -2.59
CA ALA C 11 4.11 -60.82 -2.99
C ALA C 11 3.84 -60.13 -4.33
N HIS C 12 3.43 -60.91 -5.35
CA HIS C 12 3.28 -60.37 -6.70
C HIS C 12 1.97 -60.76 -7.39
N ALA C 13 1.42 -59.84 -8.18
CA ALA C 13 0.27 -60.16 -9.00
C ALA C 13 0.65 -61.26 -9.99
N ASP C 14 -0.14 -62.34 -10.00
CA ASP C 14 0.15 -63.52 -10.83
C ASP C 14 -1.15 -64.18 -11.29
N THR C 15 -1.04 -65.05 -12.29
CA THR C 15 -2.19 -65.82 -12.77
C THR C 15 -1.79 -67.28 -13.06
N MET C 16 -2.48 -68.22 -12.40
CA MET C 16 -2.29 -69.65 -12.68
C MET C 16 -3.61 -70.31 -13.12
N ASP C 17 -3.63 -70.83 -14.34
CA ASP C 17 -4.83 -71.46 -14.95
C ASP C 17 -6.04 -70.52 -15.00
N GLY C 18 -5.85 -69.33 -15.55
CA GLY C 18 -6.94 -68.37 -15.76
C GLY C 18 -7.46 -67.67 -14.52
N VAL C 19 -6.81 -67.88 -13.38
CA VAL C 19 -7.26 -67.28 -12.11
C VAL C 19 -6.22 -66.30 -11.56
N THR C 20 -6.58 -65.02 -11.51
CA THR C 20 -5.70 -63.99 -10.94
C THR C 20 -5.60 -64.11 -9.42
N GLY C 21 -4.49 -63.64 -8.88
CA GLY C 21 -4.24 -63.65 -7.43
C GLY C 21 -2.87 -63.07 -7.14
N THR C 22 -2.17 -63.66 -6.17
CA THR C 22 -0.78 -63.28 -5.90
C THR C 22 0.08 -64.44 -5.41
N ARG C 23 1.23 -64.61 -6.05
CA ARG C 23 2.20 -65.62 -5.65
C ARG C 23 3.10 -65.08 -4.53
N PHE C 24 2.96 -65.67 -3.34
CA PHE C 24 3.82 -65.34 -2.20
C PHE C 24 5.04 -66.25 -2.19
N SER C 25 6.24 -65.68 -2.15
CA SER C 25 7.46 -66.49 -2.02
C SER C 25 8.52 -65.88 -1.10
N VAL C 26 8.96 -66.67 -0.12
CA VAL C 26 9.98 -66.21 0.84
C VAL C 26 11.15 -67.19 0.93
N TRP C 27 12.35 -66.66 1.05
CA TRP C 27 13.55 -67.47 1.17
C TRP C 27 13.86 -67.79 2.63
N ALA C 28 13.47 -68.99 3.08
CA ALA C 28 13.73 -69.43 4.47
C ALA C 28 14.07 -70.92 4.53
N PRO C 29 15.31 -71.28 4.13
CA PRO C 29 15.70 -72.67 3.87
C PRO C 29 15.61 -73.63 5.06
N ASN C 30 15.67 -73.10 6.28
CA ASN C 30 15.76 -73.97 7.46
C ASN C 30 14.53 -73.96 8.37
N ALA C 31 13.41 -73.42 7.88
CA ALA C 31 12.17 -73.38 8.66
C ALA C 31 11.37 -74.68 8.56
N ARG C 32 10.48 -74.92 9.52
CA ARG C 32 9.72 -76.17 9.62
C ARG C 32 8.45 -76.15 8.75
N ARG C 33 7.48 -75.32 9.14
CA ARG C 33 6.31 -75.04 8.32
C ARG C 33 6.02 -73.53 8.31
N VAL C 34 5.79 -72.97 7.13
CA VAL C 34 5.50 -71.54 7.00
C VAL C 34 4.15 -71.33 6.30
N SER C 35 3.35 -70.41 6.84
CA SER C 35 2.03 -70.12 6.33
C SER C 35 1.86 -68.63 5.98
N VAL C 36 1.03 -68.33 4.98
CA VAL C 36 0.66 -66.95 4.70
C VAL C 36 -0.65 -66.62 5.41
N VAL C 37 -0.58 -65.75 6.40
CA VAL C 37 -1.76 -65.29 7.13
C VAL C 37 -2.06 -63.83 6.82
N GLY C 38 -3.19 -63.34 7.31
CA GLY C 38 -3.59 -61.96 7.11
C GLY C 38 -5.04 -61.73 7.49
N GLN C 39 -5.67 -60.72 6.89
CA GLN C 39 -7.07 -60.48 7.15
C GLN C 39 -7.98 -61.10 6.09
N PHE C 40 -7.38 -61.86 5.17
CA PHE C 40 -8.16 -62.65 4.22
C PHE C 40 -8.58 -64.03 4.78
N ASN C 41 -7.73 -64.60 5.64
CA ASN C 41 -8.05 -65.84 6.35
C ASN C 41 -8.15 -65.63 7.85
N TYR C 42 -8.15 -64.36 8.27
CA TYR C 42 -8.32 -63.96 9.67
C TYR C 42 -7.18 -64.43 10.58
N TRP C 43 -5.95 -64.38 10.06
CA TRP C 43 -4.74 -64.74 10.82
C TRP C 43 -4.66 -66.22 11.22
N ASP C 44 -5.52 -67.04 10.62
CA ASP C 44 -5.51 -68.48 10.85
C ASP C 44 -4.41 -69.12 10.00
N GLY C 45 -3.35 -69.58 10.66
CA GLY C 45 -2.21 -70.20 9.97
C GLY C 45 -2.49 -71.61 9.45
N ARG C 46 -3.73 -72.06 9.62
CA ARG C 46 -4.16 -73.35 9.12
C ARG C 46 -4.60 -73.30 7.66
N ARG C 47 -5.13 -72.15 7.26
CA ARG C 47 -5.84 -72.05 5.98
C ARG C 47 -4.97 -72.14 4.73
N HIS C 48 -3.91 -71.34 4.67
CA HIS C 48 -3.10 -71.23 3.46
C HIS C 48 -1.64 -71.61 3.69
N PRO C 49 -1.36 -72.91 3.83
CA PRO C 49 0.03 -73.33 4.04
C PRO C 49 0.87 -73.22 2.77
N MET C 50 2.17 -72.96 2.94
CA MET C 50 3.11 -72.84 1.82
C MET C 50 3.92 -74.13 1.62
N ARG C 51 4.49 -74.30 0.43
CA ARG C 51 5.27 -75.51 0.14
C ARG C 51 6.74 -75.20 -0.18
N LEU C 52 7.63 -75.72 0.66
CA LEU C 52 9.06 -75.51 0.49
C LEU C 52 9.50 -76.10 -0.85
N ARG C 53 10.22 -75.29 -1.64
CA ARG C 53 10.89 -75.80 -2.83
C ARG C 53 12.31 -76.17 -2.41
N LYS C 54 12.60 -77.46 -2.38
CA LYS C 54 13.88 -77.95 -1.85
C LYS C 54 15.11 -77.38 -2.58
N GLU C 55 14.95 -77.15 -3.88
CA GLU C 55 16.01 -76.63 -4.73
C GLU C 55 16.74 -75.41 -4.15
N SER C 56 15.99 -74.35 -3.88
CA SER C 56 16.53 -73.02 -3.59
C SER C 56 16.40 -72.59 -2.14
N GLY C 57 15.38 -73.13 -1.46
CA GLY C 57 15.07 -72.73 -0.10
C GLY C 57 13.93 -71.72 -0.10
N ILE C 58 13.20 -71.67 -1.20
CA ILE C 58 12.08 -70.74 -1.34
C ILE C 58 10.70 -71.39 -1.09
N TRP C 59 10.04 -70.96 -0.02
CA TRP C 59 8.65 -71.32 0.25
C TRP C 59 7.71 -70.56 -0.69
N GLU C 60 6.84 -71.29 -1.37
CA GLU C 60 5.95 -70.67 -2.35
C GLU C 60 4.48 -71.06 -2.18
N LEU C 61 3.59 -70.09 -2.38
CA LEU C 61 2.15 -70.35 -2.42
C LEU C 61 1.42 -69.33 -3.28
N PHE C 62 0.54 -69.82 -4.14
CA PHE C 62 -0.35 -68.95 -4.90
C PHE C 62 -1.72 -68.90 -4.23
N ILE C 63 -2.17 -67.69 -3.93
CA ILE C 63 -3.48 -67.48 -3.31
C ILE C 63 -4.40 -66.70 -4.25
N PRO C 64 -5.42 -67.38 -4.81
CA PRO C 64 -6.38 -66.75 -5.72
C PRO C 64 -7.22 -65.67 -5.02
N GLY C 65 -7.50 -64.58 -5.73
CA GLY C 65 -8.37 -63.53 -5.20
C GLY C 65 -7.73 -62.50 -4.29
N ALA C 66 -6.55 -62.83 -3.75
CA ALA C 66 -5.81 -61.92 -2.88
C ALA C 66 -5.25 -60.76 -3.70
N HIS C 67 -5.66 -59.54 -3.36
CA HIS C 67 -5.35 -58.37 -4.18
C HIS C 67 -4.53 -57.34 -3.41
N ASN C 68 -4.14 -56.27 -4.12
CA ASN C 68 -3.41 -55.17 -3.51
C ASN C 68 -4.24 -54.44 -2.46
N GLY C 69 -3.59 -54.04 -1.36
CA GLY C 69 -4.28 -53.35 -0.28
C GLY C 69 -4.55 -54.23 0.94
N GLN C 70 -4.57 -55.54 0.73
CA GLN C 70 -4.79 -56.50 1.82
C GLN C 70 -3.50 -56.80 2.57
N LEU C 71 -3.57 -56.76 3.91
CA LEU C 71 -2.42 -57.02 4.75
C LEU C 71 -2.09 -58.52 4.88
N TYR C 72 -0.82 -58.81 5.15
CA TYR C 72 -0.33 -60.19 5.30
C TYR C 72 0.98 -60.22 6.07
N LYS C 73 1.17 -61.26 6.88
CA LYS C 73 2.47 -61.55 7.50
C LYS C 73 2.84 -62.99 7.11
N TYR C 74 3.95 -63.47 7.64
CA TYR C 74 4.28 -64.90 7.54
C TYR C 74 4.29 -65.55 8.92
N GLU C 75 3.35 -66.47 9.15
CA GLU C 75 3.30 -67.25 10.38
C GLU C 75 4.15 -68.50 10.18
N MET C 76 5.31 -68.55 10.83
CA MET C 76 6.31 -69.57 10.57
C MET C 76 6.72 -70.35 11.81
N ILE C 77 6.77 -71.68 11.67
CA ILE C 77 7.32 -72.54 12.71
C ILE C 77 8.84 -72.53 12.60
N ASP C 78 9.49 -72.09 13.68
CA ASP C 78 10.94 -71.91 13.76
C ASP C 78 11.75 -73.11 13.26
N ALA C 79 13.07 -72.97 13.27
CA ALA C 79 13.96 -74.10 13.00
C ALA C 79 14.15 -74.90 14.29
N ASN C 80 13.95 -74.22 15.42
CA ASN C 80 14.07 -74.85 16.73
C ASN C 80 12.70 -75.14 17.35
N GLY C 81 11.64 -74.95 16.55
CA GLY C 81 10.29 -75.29 16.97
C GLY C 81 9.37 -74.12 17.31
N ASN C 82 9.96 -73.00 17.71
CA ASN C 82 9.19 -71.85 18.18
C ASN C 82 8.24 -71.24 17.15
N LEU C 83 7.18 -70.59 17.63
CA LEU C 83 6.22 -69.93 16.76
C LEU C 83 6.53 -68.43 16.69
N ARG C 84 6.82 -67.93 15.49
CA ARG C 84 7.16 -66.52 15.28
C ARG C 84 6.31 -65.84 14.20
N LEU C 85 5.88 -64.60 14.46
CA LEU C 85 5.22 -63.78 13.43
C LEU C 85 6.24 -62.89 12.71
N LYS C 86 6.64 -63.30 11.51
CA LYS C 86 7.67 -62.59 10.75
C LYS C 86 7.13 -61.66 9.65
N SER C 87 7.80 -60.54 9.43
CA SER C 87 7.42 -59.55 8.43
C SER C 87 8.19 -59.80 7.13
N ASP C 88 7.50 -59.78 5.99
CA ASP C 88 8.13 -59.99 4.69
C ASP C 88 9.31 -59.04 4.49
N PRO C 89 10.52 -59.60 4.28
CA PRO C 89 11.69 -58.76 4.02
C PRO C 89 11.55 -57.99 2.71
N TYR C 90 10.76 -58.53 1.78
CA TYR C 90 10.53 -57.91 0.47
C TYR C 90 9.16 -57.26 0.34
N ALA C 91 8.60 -56.79 1.45
CA ALA C 91 7.35 -56.06 1.42
C ALA C 91 7.61 -54.65 0.90
N PHE C 92 6.88 -54.25 -0.13
CA PHE C 92 7.12 -52.97 -0.78
C PHE C 92 6.29 -51.83 -0.17
N GLU C 93 5.64 -52.14 0.95
CA GLU C 93 4.92 -51.15 1.76
C GLU C 93 4.38 -51.79 3.03
N ALA C 94 4.26 -50.99 4.10
CA ALA C 94 3.74 -51.46 5.38
C ALA C 94 2.91 -50.38 6.08
N GLN C 95 2.86 -50.44 7.42
CA GLN C 95 2.33 -49.32 8.22
C GLN C 95 3.45 -48.62 8.99
N GLU C 99 3.95 -50.36 12.69
CA GLU C 99 2.91 -51.06 13.44
C GLU C 99 2.73 -52.50 12.94
N THR C 100 3.78 -53.03 12.30
CA THR C 100 3.91 -54.49 12.01
C THR C 100 3.81 -54.95 10.53
N ALA C 101 2.60 -55.19 10.05
CA ALA C 101 2.36 -55.97 8.82
C ALA C 101 2.88 -55.39 7.49
N SER C 102 2.83 -56.24 6.46
CA SER C 102 3.21 -55.88 5.10
C SER C 102 1.96 -55.66 4.26
N LEU C 103 2.14 -55.08 3.08
CA LEU C 103 1.00 -54.75 2.23
C LEU C 103 1.26 -55.16 0.79
N ILE C 104 0.41 -56.03 0.27
CA ILE C 104 0.50 -56.45 -1.13
C ILE C 104 0.40 -55.23 -2.04
N CYS C 105 1.27 -55.21 -3.05
CA CYS C 105 1.22 -54.21 -4.10
C CYS C 105 2.32 -54.59 -5.06
N GLY C 106 2.21 -54.20 -6.32
CA GLY C 106 3.20 -54.62 -7.28
C GLY C 106 4.50 -53.84 -7.17
N LEU C 107 5.42 -54.14 -8.06
CA LEU C 107 6.57 -53.30 -8.31
C LEU C 107 6.04 -52.09 -9.06
N PRO C 108 6.57 -50.88 -8.73
CA PRO C 108 6.20 -49.75 -9.60
C PRO C 108 6.75 -50.06 -10.97
N GLU C 109 6.30 -49.38 -12.02
CA GLU C 109 6.88 -49.62 -13.32
C GLU C 109 8.27 -48.98 -13.36
N LYS C 110 9.13 -49.51 -14.23
CA LYS C 110 10.50 -49.01 -14.36
C LYS C 110 10.53 -47.53 -14.76
N VAL C 111 11.41 -46.79 -14.12
CA VAL C 111 11.66 -45.39 -14.44
C VAL C 111 12.99 -45.26 -15.20
N VAL C 112 12.94 -44.72 -16.42
CA VAL C 112 14.15 -44.47 -17.20
C VAL C 112 14.82 -43.15 -16.79
N GLN C 113 16.08 -43.24 -16.42
CA GLN C 113 16.86 -42.07 -16.04
C GLN C 113 17.18 -41.28 -17.30
N THR C 114 16.81 -40.01 -17.32
CA THR C 114 17.10 -39.13 -18.46
C THR C 114 18.59 -38.83 -18.58
N GLU C 115 19.03 -38.50 -19.78
CA GLU C 115 20.42 -38.14 -20.02
C GLU C 115 20.78 -36.86 -19.24
N GLU C 116 19.81 -35.95 -19.14
CA GLU C 116 20.00 -34.69 -18.42
C GLU C 116 20.26 -34.90 -16.93
N ARG C 117 19.58 -35.86 -16.33
CA ARG C 117 19.81 -36.21 -14.93
C ARG C 117 21.14 -36.96 -14.70
N LYS C 118 21.59 -37.70 -15.70
CA LYS C 118 22.89 -38.38 -15.64
C LYS C 118 24.02 -37.37 -15.70
N LYS C 119 23.90 -36.43 -16.63
CA LYS C 119 24.83 -35.33 -16.74
C LYS C 119 24.99 -34.56 -15.45
N ALA C 120 23.88 -34.36 -14.73
CA ALA C 120 23.92 -33.59 -13.48
C ALA C 120 24.62 -34.35 -12.34
N ASN C 121 25.01 -35.60 -12.60
CA ASN C 121 25.80 -36.39 -11.64
C ASN C 121 27.32 -36.39 -11.91
N GLN C 122 27.73 -35.85 -13.06
CA GLN C 122 29.13 -35.94 -13.53
C GLN C 122 30.14 -35.14 -12.71
N PHE C 123 31.39 -35.57 -12.77
CA PHE C 123 32.49 -34.89 -12.10
C PHE C 123 32.55 -33.40 -12.46
N ASP C 124 32.19 -33.09 -13.71
CA ASP C 124 32.28 -31.73 -14.26
C ASP C 124 30.98 -30.92 -14.10
N ALA C 125 30.04 -31.45 -13.32
CA ALA C 125 28.78 -30.77 -13.11
C ALA C 125 28.83 -29.89 -11.87
N PRO C 126 28.07 -28.78 -11.89
CA PRO C 126 27.78 -28.10 -10.66
C PRO C 126 26.87 -29.00 -9.81
N ILE C 127 27.33 -29.38 -8.62
CA ILE C 127 26.52 -30.21 -7.72
C ILE C 127 26.39 -29.55 -6.36
N SER C 128 25.20 -29.01 -6.09
CA SER C 128 24.91 -28.38 -4.80
C SER C 128 23.78 -29.12 -4.10
N ILE C 129 24.13 -29.78 -2.99
CA ILE C 129 23.18 -30.67 -2.33
C ILE C 129 22.49 -30.04 -1.12
N TYR C 130 21.17 -30.19 -1.10
CA TYR C 130 20.34 -29.82 0.03
C TYR C 130 19.88 -31.09 0.73
N GLU C 131 20.44 -31.33 1.92
CA GLU C 131 20.19 -32.55 2.68
C GLU C 131 18.99 -32.36 3.60
N VAL C 132 18.02 -33.27 3.54
CA VAL C 132 16.83 -33.13 4.38
C VAL C 132 16.37 -34.41 5.08
N HIS C 133 15.87 -34.22 6.30
CA HIS C 133 15.11 -35.24 7.01
C HIS C 133 13.63 -34.88 6.82
N LEU C 134 12.91 -35.69 6.04
CA LEU C 134 11.52 -35.40 5.70
C LEU C 134 10.60 -35.22 6.92
N GLY C 135 10.86 -35.97 7.99
CA GLY C 135 10.04 -35.88 9.19
C GLY C 135 10.27 -34.65 10.06
N SER C 136 11.20 -33.78 9.66
CA SER C 136 11.57 -32.63 10.52
C SER C 136 11.87 -31.33 9.76
N TRP C 137 11.64 -31.31 8.45
CA TRP C 137 11.89 -30.10 7.65
C TRP C 137 10.86 -29.00 7.94
N ARG C 138 9.59 -29.39 8.02
CA ARG C 138 8.50 -28.46 8.23
C ARG C 138 7.27 -29.23 8.72
N ARG C 139 6.47 -28.59 9.56
CA ARG C 139 5.29 -29.20 10.19
C ARG C 139 4.06 -28.33 9.99
N HIS C 140 2.87 -28.91 10.11
CA HIS C 140 1.64 -28.12 10.13
C HIS C 140 1.60 -27.23 11.38
N THR C 141 1.37 -25.93 11.18
CA THR C 141 1.58 -24.93 12.21
C THR C 141 0.64 -25.02 13.41
N ASP C 142 -0.44 -25.79 13.28
CA ASP C 142 -1.44 -25.88 14.36
C ASP C 142 -1.33 -27.12 15.26
N ASN C 143 -1.17 -28.31 14.67
CA ASN C 143 -1.12 -29.56 15.43
C ASN C 143 0.22 -30.30 15.43
N ASN C 144 1.15 -29.84 14.60
CA ASN C 144 2.55 -30.34 14.56
C ASN C 144 2.80 -31.70 13.87
N PHE C 145 1.88 -32.14 13.01
CA PHE C 145 2.05 -33.42 12.31
C PHE C 145 2.84 -33.27 11.00
N TRP C 146 3.46 -34.38 10.58
CA TRP C 146 4.31 -34.41 9.38
C TRP C 146 3.61 -33.91 8.12
N LEU C 147 4.37 -33.32 7.20
CA LEU C 147 3.87 -33.06 5.86
C LEU C 147 3.78 -34.39 5.11
N SER C 148 2.85 -34.49 4.17
CA SER C 148 2.75 -35.71 3.35
C SER C 148 3.74 -35.64 2.19
N TYR C 149 3.86 -36.74 1.44
CA TYR C 149 4.71 -36.74 0.25
C TYR C 149 4.21 -35.71 -0.76
N ARG C 150 2.89 -35.57 -0.85
CA ARG C 150 2.26 -34.65 -1.79
C ARG C 150 2.43 -33.19 -1.32
N GLU C 151 2.46 -32.99 -0.01
CA GLU C 151 2.72 -31.67 0.56
C GLU C 151 4.21 -31.31 0.42
N LEU C 152 5.09 -32.30 0.54
CA LEU C 152 6.51 -32.08 0.32
C LEU C 152 6.79 -31.80 -1.16
N ALA C 153 6.12 -32.54 -2.04
CA ALA C 153 6.25 -32.32 -3.49
C ALA C 153 5.88 -30.88 -3.85
N ASP C 154 4.83 -30.36 -3.21
CA ASP C 154 4.35 -29.00 -3.47
C ASP C 154 5.17 -27.91 -2.79
N GLN C 155 5.94 -28.27 -1.76
CA GLN C 155 6.59 -27.29 -0.90
C GLN C 155 8.12 -27.36 -0.83
N LEU C 156 8.64 -28.55 -0.53
CA LEU C 156 10.10 -28.73 -0.43
C LEU C 156 10.77 -28.54 -1.80
N VAL C 157 10.20 -29.18 -2.82
CA VAL C 157 10.73 -29.14 -4.19
C VAL C 157 10.85 -27.70 -4.77
N PRO C 158 9.74 -26.93 -4.81
CA PRO C 158 9.84 -25.54 -5.28
C PRO C 158 10.81 -24.71 -4.44
N TYR C 159 10.88 -24.97 -3.13
CA TYR C 159 11.82 -24.22 -2.28
C TYR C 159 13.26 -24.55 -2.68
N ALA C 160 13.56 -25.85 -2.71
CA ALA C 160 14.85 -26.34 -3.15
C ALA C 160 15.21 -25.84 -4.55
N LYS C 161 14.25 -25.91 -5.47
CA LYS C 161 14.49 -25.44 -6.82
C LYS C 161 14.81 -23.95 -6.77
N TRP C 162 13.94 -23.21 -6.08
CA TRP C 162 14.08 -21.78 -6.04
C TRP C 162 15.38 -21.38 -5.34
N MET C 163 15.79 -22.15 -4.34
CA MET C 163 17.08 -21.91 -3.68
C MET C 163 18.34 -22.24 -4.52
N GLY C 164 18.14 -22.84 -5.70
CA GLY C 164 19.23 -23.09 -6.63
C GLY C 164 20.04 -24.37 -6.40
N PHE C 165 19.57 -25.23 -5.53
CA PHE C 165 20.20 -26.55 -5.38
C PHE C 165 19.97 -27.39 -6.63
N THR C 166 20.93 -28.25 -6.94
CA THR C 166 20.80 -29.18 -8.05
C THR C 166 20.33 -30.55 -7.56
N HIS C 167 20.69 -30.88 -6.31
CA HIS C 167 20.42 -32.21 -5.75
C HIS C 167 19.67 -32.11 -4.42
N LEU C 168 18.68 -32.99 -4.28
CA LEU C 168 17.91 -33.17 -3.04
C LEU C 168 18.36 -34.49 -2.40
N GLU C 169 19.03 -34.43 -1.24
CA GLU C 169 19.47 -35.65 -0.55
C GLU C 169 18.63 -35.97 0.68
N LEU C 170 18.02 -37.17 0.67
CA LEU C 170 17.08 -37.58 1.71
C LEU C 170 17.73 -38.51 2.72
N LEU C 171 17.51 -38.21 4.00
CA LEU C 171 17.84 -39.17 5.05
C LEU C 171 16.97 -40.41 4.86
N PRO C 172 17.48 -41.58 5.27
CA PRO C 172 16.88 -42.87 4.89
C PRO C 172 15.36 -42.88 5.03
N ILE C 173 14.66 -43.21 3.94
CA ILE C 173 13.20 -43.26 3.94
C ILE C 173 12.66 -44.70 3.89
N ASN C 174 13.56 -45.68 3.97
CA ASN C 174 13.11 -47.06 4.18
C ASN C 174 12.41 -47.15 5.52
N GLU C 175 11.51 -48.11 5.68
CA GLU C 175 10.76 -48.24 6.93
C GLU C 175 11.67 -48.40 8.15
N HIS C 176 11.29 -47.71 9.24
CA HIS C 176 11.96 -47.82 10.53
C HIS C 176 11.00 -47.38 11.64
N PRO C 177 11.02 -48.08 12.80
CA PRO C 177 10.08 -47.85 13.89
C PRO C 177 10.59 -46.90 14.98
N PHE C 178 11.57 -46.07 14.66
CA PHE C 178 12.12 -45.14 15.64
C PHE C 178 12.45 -43.82 14.94
N ASP C 179 11.63 -42.80 15.17
CA ASP C 179 11.91 -41.45 14.67
C ASP C 179 13.35 -41.10 15.02
N GLY C 180 13.71 -41.44 16.26
CA GLY C 180 15.01 -41.11 16.85
C GLY C 180 16.20 -41.69 16.13
N SER C 181 15.96 -42.68 15.26
CA SER C 181 17.03 -43.23 14.43
C SER C 181 17.22 -42.43 13.14
N TRP C 182 16.27 -41.55 12.84
CA TRP C 182 16.28 -40.72 11.62
C TRP C 182 16.15 -41.55 10.35
N GLY C 183 16.14 -42.87 10.53
CA GLY C 183 16.01 -43.82 9.41
C GLY C 183 17.17 -44.80 9.33
N TYR C 184 18.16 -44.64 10.20
CA TYR C 184 19.38 -45.45 10.16
C TYR C 184 19.26 -46.82 10.81
N GLN C 185 18.12 -47.12 11.41
CA GLN C 185 17.83 -48.49 11.91
C GLN C 185 16.63 -49.08 11.18
N PRO C 186 16.83 -49.49 9.91
CA PRO C 186 15.69 -49.94 9.09
C PRO C 186 15.01 -51.20 9.61
N THR C 187 13.77 -51.43 9.18
CA THR C 187 13.14 -52.75 9.32
C THR C 187 12.70 -53.28 7.95
N GLY C 188 12.21 -52.39 7.10
CA GLY C 188 11.79 -52.73 5.74
C GLY C 188 12.60 -51.99 4.69
N LEU C 189 13.53 -52.71 4.05
CA LEU C 189 14.43 -52.12 3.07
C LEU C 189 13.75 -51.72 1.77
N TYR C 190 12.75 -52.49 1.34
CA TYR C 190 12.07 -52.22 0.06
C TYR C 190 10.81 -51.35 0.21
N ALA C 191 10.53 -50.93 1.45
CA ALA C 191 9.35 -50.12 1.74
C ALA C 191 9.66 -48.67 2.12
N PRO C 192 9.22 -47.72 1.29
CA PRO C 192 9.26 -46.32 1.68
C PRO C 192 8.38 -46.16 2.91
N THR C 193 8.86 -45.44 3.92
CA THR C 193 8.13 -45.30 5.19
C THR C 193 6.71 -44.74 5.00
N ARG C 194 5.77 -45.28 5.75
CA ARG C 194 4.34 -44.91 5.63
C ARG C 194 3.95 -43.66 6.46
N ARG C 195 4.93 -43.05 7.11
CA ARG C 195 4.72 -41.79 7.84
C ARG C 195 4.09 -40.69 6.98
N PHE C 196 4.50 -40.62 5.72
CA PHE C 196 4.19 -39.47 4.87
C PHE C 196 3.23 -39.84 3.74
N GLY C 197 2.79 -41.10 3.72
CA GLY C 197 1.87 -41.60 2.71
C GLY C 197 2.21 -42.98 2.17
N THR C 198 1.53 -43.36 1.09
CA THR C 198 1.77 -44.63 0.41
C THR C 198 3.06 -44.55 -0.43
N ARG C 199 3.51 -45.68 -0.95
CA ARG C 199 4.67 -45.71 -1.82
C ARG C 199 4.42 -44.97 -3.13
N ASP C 200 3.18 -45.02 -3.62
CA ASP C 200 2.74 -44.25 -4.77
C ASP C 200 2.88 -42.74 -4.48
N ASP C 201 2.66 -42.35 -3.23
CA ASP C 201 2.87 -40.96 -2.81
C ASP C 201 4.35 -40.56 -2.92
N PHE C 202 5.25 -41.43 -2.44
CA PHE C 202 6.70 -41.21 -2.53
C PHE C 202 7.20 -41.06 -3.99
N ARG C 203 6.70 -41.93 -4.87
CA ARG C 203 7.03 -41.87 -6.30
C ARG C 203 6.61 -40.54 -6.93
N TYR C 204 5.40 -40.08 -6.60
CA TYR C 204 4.90 -38.79 -7.05
C TYR C 204 5.79 -37.62 -6.56
N PHE C 205 6.33 -37.73 -5.34
CA PHE C 205 7.25 -36.72 -4.81
C PHE C 205 8.58 -36.69 -5.55
N ILE C 206 9.08 -37.87 -5.92
CA ILE C 206 10.30 -38.00 -6.71
C ILE C 206 10.05 -37.49 -8.13
N ASP C 207 8.90 -37.85 -8.71
CA ASP C 207 8.49 -37.37 -10.03
C ASP C 207 8.47 -35.83 -10.05
N ALA C 208 8.02 -35.23 -8.95
CA ALA C 208 7.94 -33.78 -8.84
C ALA C 208 9.32 -33.14 -8.75
N ALA C 209 10.21 -33.76 -7.98
CA ALA C 209 11.58 -33.27 -7.89
C ALA C 209 12.22 -33.30 -9.26
N HIS C 210 12.08 -34.43 -9.97
CA HIS C 210 12.60 -34.56 -11.33
C HIS C 210 12.06 -33.47 -12.27
N ALA C 211 10.73 -33.35 -12.34
CA ALA C 211 10.04 -32.38 -13.21
C ALA C 211 10.41 -30.93 -12.92
N ALA C 212 10.96 -30.67 -11.74
CA ALA C 212 11.47 -29.34 -11.40
C ALA C 212 13.00 -29.25 -11.55
N GLY C 213 13.62 -30.24 -12.19
CA GLY C 213 15.04 -30.19 -12.49
C GLY C 213 15.97 -30.54 -11.34
N LEU C 214 15.46 -31.26 -10.36
CA LEU C 214 16.30 -31.78 -9.28
C LEU C 214 16.70 -33.24 -9.51
N ASN C 215 17.92 -33.58 -9.11
CA ASN C 215 18.30 -34.96 -8.90
C ASN C 215 17.99 -35.32 -7.45
N VAL C 216 17.60 -36.58 -7.23
CA VAL C 216 17.35 -37.03 -5.86
C VAL C 216 18.40 -38.06 -5.41
N ILE C 217 19.03 -37.77 -4.26
CA ILE C 217 19.97 -38.69 -3.64
C ILE C 217 19.34 -39.37 -2.41
N LEU C 218 19.20 -40.69 -2.47
CA LEU C 218 18.65 -41.44 -1.36
C LEU C 218 19.80 -41.89 -0.47
N ASP C 219 19.66 -41.70 0.83
CA ASP C 219 20.56 -42.36 1.78
C ASP C 219 20.21 -43.84 1.82
N TRP C 220 21.24 -44.67 1.69
CA TRP C 220 21.04 -46.11 1.56
C TRP C 220 21.87 -46.82 2.65
N VAL C 221 21.26 -47.78 3.34
CA VAL C 221 21.84 -48.35 4.55
C VAL C 221 22.04 -49.86 4.54
N PRO C 222 23.06 -50.33 3.77
CA PRO C 222 23.42 -51.74 3.83
C PRO C 222 24.41 -52.04 4.96
N GLY C 223 24.83 -50.99 5.68
CA GLY C 223 25.79 -51.15 6.76
C GLY C 223 25.09 -51.35 8.09
N HIS C 224 23.82 -50.93 8.17
CA HIS C 224 23.05 -51.03 9.40
C HIS C 224 22.07 -52.20 9.40
N PHE C 225 22.41 -53.25 10.15
CA PHE C 225 21.54 -54.40 10.32
C PHE C 225 20.51 -54.14 11.44
N PRO C 226 19.24 -54.47 11.18
CA PRO C 226 18.15 -54.23 12.14
C PRO C 226 18.04 -55.25 13.27
N THR C 227 18.31 -54.82 14.50
CA THR C 227 17.98 -55.62 15.69
C THR C 227 16.56 -55.29 16.14
N ASP C 228 15.90 -54.40 15.37
CA ASP C 228 14.57 -53.92 15.70
C ASP C 228 13.49 -54.95 15.36
N ASP C 229 12.71 -55.32 16.37
CA ASP C 229 11.49 -56.12 16.21
C ASP C 229 11.64 -57.47 15.52
N PHE C 230 12.78 -58.13 15.73
CA PHE C 230 13.02 -59.43 15.12
C PHE C 230 12.59 -59.41 13.65
N ALA C 231 12.98 -58.36 12.93
CA ALA C 231 12.56 -58.19 11.53
C ALA C 231 13.38 -59.04 10.56
N LEU C 232 14.68 -59.08 10.77
CA LEU C 232 15.58 -59.87 9.93
C LEU C 232 16.45 -60.81 10.76
N ALA C 233 16.61 -60.49 12.05
CA ALA C 233 17.39 -61.33 12.96
C ALA C 233 16.80 -62.74 13.08
N GLU C 234 17.67 -63.75 12.96
CA GLU C 234 17.28 -65.16 13.04
C GLU C 234 16.03 -65.47 12.22
N PHE C 235 16.06 -65.12 10.93
CA PHE C 235 14.85 -65.12 10.11
C PHE C 235 14.14 -66.48 10.00
N ASP C 236 14.90 -67.54 9.75
CA ASP C 236 14.34 -68.89 9.62
C ASP C 236 14.65 -69.78 10.82
N GLY C 237 15.41 -69.26 11.78
CA GLY C 237 15.77 -70.02 12.97
C GLY C 237 17.26 -70.22 13.12
N THR C 238 18.02 -69.63 12.21
CA THR C 238 19.47 -69.71 12.25
C THR C 238 20.10 -68.39 11.85
N ASN C 239 21.38 -68.44 11.50
CA ASN C 239 22.09 -67.26 11.02
C ASN C 239 21.94 -67.10 9.51
N LEU C 240 20.76 -66.66 9.08
CA LEU C 240 20.47 -66.52 7.66
C LEU C 240 21.13 -65.27 7.05
N TYR C 241 20.86 -64.11 7.64
CA TYR C 241 21.39 -62.84 7.15
C TYR C 241 22.52 -62.27 8.01
N GLU C 242 23.05 -63.04 8.97
CA GLU C 242 24.09 -62.53 9.88
C GLU C 242 25.14 -63.57 10.32
N HIS C 243 26.15 -63.12 11.06
CA HIS C 243 27.29 -63.96 11.47
C HIS C 243 27.17 -64.59 12.86
N SER C 244 28.23 -64.40 13.66
CA SER C 244 28.34 -65.03 14.97
C SER C 244 28.92 -64.08 16.03
N LEU C 257 26.93 -57.44 15.23
CA LEU C 257 26.33 -58.38 14.28
C LEU C 257 26.34 -57.84 12.85
N ILE C 258 27.33 -58.27 12.07
CA ILE C 258 27.47 -57.82 10.68
C ILE C 258 26.46 -58.53 9.76
N TYR C 259 26.50 -58.21 8.47
CA TYR C 259 25.53 -58.70 7.50
C TYR C 259 25.84 -60.05 6.87
N ASN C 260 27.11 -60.46 6.88
CA ASN C 260 27.51 -61.67 6.18
C ASN C 260 27.33 -61.50 4.67
N TYR C 261 28.10 -60.56 4.12
CA TYR C 261 28.01 -60.22 2.71
C TYR C 261 28.60 -61.30 1.82
N GLY C 262 29.41 -62.17 2.42
CA GLY C 262 30.03 -63.28 1.70
C GLY C 262 29.03 -64.35 1.33
N ARG C 263 27.83 -64.24 1.90
CA ARG C 263 26.72 -65.14 1.62
C ARG C 263 26.02 -64.71 0.33
N ARG C 264 26.23 -65.49 -0.73
CA ARG C 264 25.68 -65.23 -2.07
C ARG C 264 24.28 -64.58 -2.04
N GLU C 265 23.34 -65.17 -1.30
CA GLU C 265 21.94 -64.72 -1.31
C GLU C 265 21.64 -63.43 -0.50
N VAL C 266 22.44 -63.17 0.54
CA VAL C 266 22.28 -61.95 1.31
C VAL C 266 22.85 -60.78 0.52
N SER C 267 23.87 -61.07 -0.27
CA SER C 267 24.45 -60.10 -1.18
C SER C 267 23.49 -59.75 -2.33
N ASN C 268 22.52 -60.63 -2.58
CA ASN C 268 21.53 -60.40 -3.62
C ASN C 268 20.38 -59.57 -3.08
N PHE C 269 20.06 -59.78 -1.81
CA PHE C 269 19.10 -58.97 -1.09
C PHE C 269 19.47 -57.48 -1.11
N LEU C 270 20.69 -57.17 -0.69
CA LEU C 270 21.17 -55.79 -0.59
C LEU C 270 21.41 -55.10 -1.94
N VAL C 271 22.24 -55.71 -2.78
CA VAL C 271 22.51 -55.20 -4.12
C VAL C 271 21.20 -54.98 -4.89
N GLY C 272 20.29 -55.95 -4.78
CA GLY C 272 18.96 -55.88 -5.40
C GLY C 272 18.17 -54.68 -4.90
N ASN C 273 18.40 -54.29 -3.65
CA ASN C 273 17.72 -53.15 -3.08
C ASN C 273 18.25 -51.82 -3.66
N ALA C 274 19.54 -51.79 -3.99
CA ALA C 274 20.13 -50.62 -4.65
C ALA C 274 19.55 -50.50 -6.05
N LEU C 275 19.49 -51.61 -6.77
CA LEU C 275 18.88 -51.67 -8.10
C LEU C 275 17.41 -51.27 -8.09
N TYR C 276 16.71 -51.67 -7.03
CA TYR C 276 15.30 -51.34 -6.82
C TYR C 276 15.02 -49.82 -6.67
N TRP C 277 15.68 -49.16 -5.72
CA TRP C 277 15.42 -47.74 -5.55
C TRP C 277 15.65 -46.96 -6.85
N ILE C 278 16.73 -47.30 -7.55
CA ILE C 278 17.15 -46.59 -8.75
C ILE C 278 16.26 -46.88 -9.97
N GLU C 279 15.90 -48.15 -10.17
CA GLU C 279 15.09 -48.53 -11.33
C GLU C 279 13.59 -48.39 -11.11
N ARG C 280 13.14 -48.62 -9.88
CA ARG C 280 11.71 -48.67 -9.60
C ARG C 280 11.15 -47.36 -9.05
N PHE C 281 12.01 -46.50 -8.52
CA PHE C 281 11.55 -45.20 -7.99
C PHE C 281 12.20 -43.99 -8.65
N GLY C 282 13.25 -44.25 -9.45
CA GLY C 282 13.92 -43.21 -10.20
C GLY C 282 14.93 -42.37 -9.42
N ILE C 283 15.29 -42.80 -8.21
CA ILE C 283 16.27 -42.02 -7.47
C ILE C 283 17.62 -42.12 -8.18
N ASP C 284 18.35 -41.01 -8.15
CA ASP C 284 19.47 -40.82 -9.06
C ASP C 284 20.84 -41.16 -8.48
N ALA C 285 20.92 -41.27 -7.15
CA ALA C 285 22.18 -41.56 -6.49
C ALA C 285 21.98 -42.16 -5.08
N LEU C 286 22.99 -42.87 -4.61
CA LEU C 286 22.96 -43.42 -3.26
C LEU C 286 24.12 -42.93 -2.42
N ARG C 287 23.87 -42.75 -1.13
CA ARG C 287 24.94 -42.44 -0.21
C ARG C 287 25.05 -43.53 0.86
N VAL C 288 26.27 -43.96 1.13
CA VAL C 288 26.54 -44.93 2.19
C VAL C 288 27.28 -44.31 3.37
N ASP C 289 26.56 -44.09 4.47
CA ASP C 289 27.14 -43.60 5.72
C ASP C 289 27.95 -44.70 6.39
N ALA C 290 28.72 -44.33 7.41
CA ALA C 290 29.40 -45.29 8.27
C ALA C 290 30.05 -46.45 7.50
N VAL C 291 30.88 -46.12 6.52
CA VAL C 291 31.58 -47.14 5.74
C VAL C 291 32.69 -47.79 6.59
N ALA C 292 33.26 -47.00 7.50
CA ALA C 292 34.31 -47.52 8.39
C ALA C 292 33.80 -48.65 9.30
N SER C 293 32.52 -48.61 9.66
CA SER C 293 31.93 -49.63 10.54
C SER C 293 31.42 -50.86 9.77
N MET C 294 31.71 -50.89 8.46
CA MET C 294 31.45 -52.08 7.67
C MET C 294 32.75 -52.81 7.40
N ILE C 295 33.79 -52.07 7.04
CA ILE C 295 35.08 -52.67 6.67
C ILE C 295 36.01 -52.92 7.87
N TYR C 296 35.55 -52.59 9.07
CA TYR C 296 36.32 -52.88 10.29
C TYR C 296 35.45 -53.62 11.33
N ARG C 314 41.76 -54.62 12.35
CA ARG C 314 41.21 -55.84 11.79
C ARG C 314 40.25 -55.49 10.65
N GLU C 315 40.42 -56.14 9.51
CA GLU C 315 39.66 -55.76 8.30
C GLU C 315 38.71 -56.82 7.76
N ASN C 316 37.47 -56.41 7.49
CA ASN C 316 36.44 -57.28 6.94
C ASN C 316 36.61 -57.46 5.43
N LEU C 317 37.23 -58.57 5.03
CA LEU C 317 37.39 -58.93 3.62
C LEU C 317 36.06 -58.95 2.87
N GLU C 318 35.04 -59.51 3.51
CA GLU C 318 33.70 -59.58 2.95
C GLU C 318 33.05 -58.20 2.72
N ALA C 319 33.15 -57.30 3.68
CA ALA C 319 32.56 -55.98 3.55
C ALA C 319 33.20 -55.18 2.41
N ILE C 320 34.52 -55.26 2.31
CA ILE C 320 35.24 -54.60 1.23
C ILE C 320 34.79 -55.13 -0.12
N GLU C 321 34.79 -56.45 -0.28
CA GLU C 321 34.40 -57.04 -1.55
C GLU C 321 32.94 -56.80 -1.87
N PHE C 322 32.10 -56.70 -0.84
CA PHE C 322 30.71 -56.35 -1.04
C PHE C 322 30.63 -54.98 -1.70
N LEU C 323 31.33 -54.01 -1.13
CA LEU C 323 31.31 -52.63 -1.64
C LEU C 323 31.90 -52.48 -3.05
N ARG C 324 33.06 -53.11 -3.28
CA ARG C 324 33.63 -53.16 -4.62
C ARG C 324 32.63 -53.74 -5.64
N ASN C 325 32.05 -54.89 -5.30
CA ASN C 325 31.13 -55.61 -6.18
C ASN C 325 29.85 -54.84 -6.47
N THR C 326 29.32 -54.19 -5.43
CA THR C 326 28.09 -53.40 -5.53
C THR C 326 28.25 -52.21 -6.50
N ASN C 327 29.39 -51.51 -6.39
CA ASN C 327 29.70 -50.39 -7.28
C ASN C 327 30.06 -50.84 -8.71
N ARG C 328 30.68 -52.01 -8.82
CA ARG C 328 30.89 -52.65 -10.12
C ARG C 328 29.54 -52.87 -10.82
N ILE C 329 28.61 -53.52 -10.13
CA ILE C 329 27.31 -53.88 -10.68
C ILE C 329 26.47 -52.65 -11.03
N LEU C 330 26.40 -51.69 -10.12
CA LEU C 330 25.66 -50.46 -10.38
C LEU C 330 26.20 -49.70 -11.60
N GLY C 331 27.53 -49.68 -11.74
CA GLY C 331 28.20 -48.99 -12.85
C GLY C 331 28.03 -49.67 -14.20
N GLU C 332 27.64 -50.93 -14.18
CA GLU C 332 27.37 -51.67 -15.41
C GLU C 332 25.86 -51.82 -15.66
N GLN C 333 25.05 -51.74 -14.61
CA GLN C 333 23.59 -51.93 -14.73
C GLN C 333 22.80 -50.62 -14.85
N VAL C 334 23.16 -49.63 -14.02
CA VAL C 334 22.46 -48.35 -14.01
C VAL C 334 23.44 -47.18 -14.11
N SER C 335 24.42 -47.28 -15.01
CA SER C 335 25.44 -46.25 -15.14
C SER C 335 24.80 -44.90 -15.43
N GLY C 336 25.40 -43.86 -14.89
CA GLY C 336 24.73 -42.56 -14.83
C GLY C 336 24.29 -42.30 -13.41
N ALA C 337 23.94 -43.36 -12.69
CA ALA C 337 23.59 -43.27 -11.29
C ALA C 337 24.86 -43.41 -10.41
N VAL C 338 25.21 -42.38 -9.66
CA VAL C 338 26.44 -42.43 -8.87
C VAL C 338 26.22 -42.90 -7.41
N THR C 339 27.30 -43.33 -6.79
CA THR C 339 27.30 -43.64 -5.35
C THR C 339 28.28 -42.76 -4.59
N MET C 340 27.87 -42.35 -3.39
CA MET C 340 28.72 -41.54 -2.53
C MET C 340 28.90 -42.28 -1.21
N ALA C 341 30.00 -41.99 -0.52
CA ALA C 341 30.26 -42.64 0.76
C ALA C 341 30.78 -41.67 1.81
N GLU C 342 30.66 -42.08 3.07
CA GLU C 342 31.29 -41.41 4.19
C GLU C 342 32.12 -42.46 4.95
N GLU C 343 33.37 -42.14 5.24
CA GLU C 343 34.28 -43.10 5.85
C GLU C 343 35.21 -42.37 6.84
N SER C 344 34.99 -42.63 8.13
CA SER C 344 35.62 -41.89 9.23
C SER C 344 37.13 -42.07 9.39
N THR C 345 37.65 -43.26 9.08
CA THR C 345 39.09 -43.47 9.07
C THR C 345 39.64 -42.96 7.73
N ASP C 346 40.93 -43.16 7.46
CA ASP C 346 41.51 -42.64 6.21
C ASP C 346 41.76 -43.74 5.18
N PHE C 347 40.83 -44.68 5.10
CA PHE C 347 40.92 -45.80 4.16
C PHE C 347 41.15 -45.30 2.73
N PRO C 348 42.27 -45.75 2.12
CA PRO C 348 42.77 -45.29 0.81
C PRO C 348 41.98 -45.77 -0.41
N GLY C 349 41.65 -44.84 -1.30
CA GLY C 349 41.01 -45.13 -2.58
C GLY C 349 39.52 -45.45 -2.54
N VAL C 350 38.80 -44.85 -1.60
CA VAL C 350 37.35 -45.03 -1.47
C VAL C 350 36.59 -44.69 -2.76
N SER C 351 36.83 -43.50 -3.31
CA SER C 351 36.24 -43.09 -4.59
C SER C 351 37.18 -43.35 -5.77
N ARG C 352 37.98 -44.40 -5.66
CA ARG C 352 38.89 -44.82 -6.72
C ARG C 352 38.47 -46.19 -7.28
N PRO C 353 38.85 -46.48 -8.55
CA PRO C 353 38.43 -47.72 -9.24
C PRO C 353 38.93 -48.99 -8.55
N GLN C 354 38.09 -50.03 -8.61
CA GLN C 354 38.33 -51.31 -7.94
C GLN C 354 39.66 -51.97 -8.30
N ASP C 355 40.09 -51.80 -9.55
CA ASP C 355 41.33 -52.41 -10.04
C ASP C 355 42.59 -51.89 -9.34
N MET C 356 42.58 -50.61 -9.00
CA MET C 356 43.73 -49.96 -8.35
C MET C 356 43.75 -50.19 -6.83
N GLY C 357 42.93 -51.11 -6.34
CA GLY C 357 42.78 -51.31 -4.90
C GLY C 357 41.87 -50.27 -4.27
N GLY C 358 40.88 -49.83 -5.03
CA GLY C 358 39.87 -48.88 -4.55
C GLY C 358 38.53 -49.55 -4.29
N LEU C 359 37.59 -48.77 -3.74
CA LEU C 359 36.25 -49.29 -3.41
C LEU C 359 35.23 -49.09 -4.54
N GLY C 360 35.45 -48.09 -5.39
CA GLY C 360 34.59 -47.89 -6.56
C GLY C 360 33.49 -46.84 -6.44
N PHE C 361 33.38 -46.20 -5.28
CA PHE C 361 32.46 -45.08 -5.14
C PHE C 361 32.86 -43.95 -6.08
N TRP C 362 31.87 -43.15 -6.50
CA TRP C 362 32.16 -41.97 -7.31
C TRP C 362 32.56 -40.76 -6.45
N TYR C 363 31.98 -40.65 -5.26
CA TYR C 363 32.25 -39.49 -4.41
C TYR C 363 32.52 -39.90 -2.95
N LYS C 364 33.25 -39.05 -2.25
CA LYS C 364 33.56 -39.25 -0.84
C LYS C 364 33.40 -37.94 -0.07
N TRP C 365 32.72 -38.01 1.08
CA TRP C 365 32.62 -36.87 1.98
C TRP C 365 33.99 -36.49 2.54
N ASN C 366 34.33 -35.20 2.47
CA ASN C 366 35.56 -34.68 3.03
C ASN C 366 35.34 -34.31 4.51
N LEU C 367 35.35 -35.33 5.37
CA LEU C 367 35.18 -35.11 6.81
C LEU C 367 36.33 -34.25 7.36
N GLY C 368 37.54 -34.49 6.83
CA GLY C 368 38.71 -33.69 7.19
C GLY C 368 38.56 -32.21 6.87
N TRP C 369 37.95 -31.91 5.72
CA TRP C 369 37.71 -30.51 5.36
C TRP C 369 36.71 -29.85 6.31
N MET C 370 35.66 -30.57 6.68
CA MET C 370 34.69 -30.03 7.62
C MET C 370 35.39 -29.73 8.94
N HIS C 371 36.10 -30.72 9.48
CA HIS C 371 36.74 -30.57 10.78
C HIS C 371 37.77 -29.43 10.84
N ASP C 372 38.57 -29.30 9.79
CA ASP C 372 39.62 -28.27 9.76
C ASP C 372 39.09 -26.83 9.62
N THR C 373 38.23 -26.61 8.64
CA THR C 373 37.70 -25.25 8.37
C THR C 373 36.80 -24.75 9.50
N LEU C 374 35.96 -25.63 10.03
CA LEU C 374 35.12 -25.32 11.18
C LEU C 374 35.98 -25.03 12.42
N ASP C 375 36.99 -25.85 12.66
CA ASP C 375 37.89 -25.63 13.78
C ASP C 375 38.58 -24.29 13.61
N TYR C 376 38.66 -23.82 12.36
CA TYR C 376 39.29 -22.54 12.04
C TYR C 376 38.34 -21.38 12.34
N MET C 377 37.07 -21.54 11.96
CA MET C 377 36.05 -20.51 12.17
C MET C 377 35.68 -20.33 13.64
N LYS C 378 35.73 -21.41 14.41
CA LYS C 378 35.49 -21.34 15.86
C LYS C 378 36.52 -20.42 16.53
N LEU C 379 37.71 -20.37 15.95
CA LEU C 379 38.83 -19.58 16.49
C LEU C 379 38.58 -18.08 16.40
N ASP C 380 38.87 -17.38 17.49
CA ASP C 380 38.75 -15.92 17.50
C ASP C 380 39.76 -15.28 16.55
N PRO C 381 39.31 -14.31 15.72
CA PRO C 381 40.13 -13.63 14.72
C PRO C 381 41.61 -13.39 15.10
N VAL C 382 41.88 -12.99 16.34
CA VAL C 382 43.25 -12.72 16.79
C VAL C 382 44.16 -13.97 16.84
N TYR C 383 43.55 -15.16 16.91
CA TYR C 383 44.30 -16.42 16.91
C TYR C 383 44.33 -17.11 15.54
N ARG C 384 43.52 -16.64 14.60
CA ARG C 384 43.37 -17.30 13.30
C ARG C 384 44.66 -17.31 12.47
N GLN C 385 45.66 -16.54 12.91
CA GLN C 385 46.93 -16.49 12.21
C GLN C 385 47.88 -17.63 12.61
N TYR C 386 47.63 -18.24 13.77
CA TYR C 386 48.47 -19.33 14.25
C TYR C 386 47.95 -20.71 13.83
N HIS C 387 46.75 -20.73 13.25
CA HIS C 387 46.15 -21.96 12.76
C HIS C 387 45.70 -21.77 11.32
N HIS C 388 46.50 -20.99 10.59
CA HIS C 388 46.23 -20.64 9.21
C HIS C 388 46.22 -21.88 8.32
N ASP C 389 47.06 -22.84 8.67
CA ASP C 389 47.20 -24.08 7.92
C ASP C 389 46.00 -25.03 7.98
N LYS C 390 44.91 -24.61 8.61
CA LYS C 390 43.66 -25.39 8.61
C LYS C 390 42.83 -25.12 7.35
N LEU C 391 43.18 -24.07 6.63
CA LEU C 391 42.50 -23.67 5.39
C LEU C 391 43.29 -24.01 4.14
N THR C 392 44.62 -24.11 4.27
CA THR C 392 45.49 -24.42 3.14
C THR C 392 45.76 -25.92 2.98
N PHE C 393 45.40 -26.70 4.00
CA PHE C 393 45.68 -28.14 4.05
C PHE C 393 44.84 -28.94 3.04
N GLY C 394 43.64 -28.44 2.74
CA GLY C 394 42.74 -29.09 1.78
C GLY C 394 43.31 -29.31 0.39
N ILE C 395 44.20 -28.42 -0.05
CA ILE C 395 44.85 -28.55 -1.36
C ILE C 395 45.80 -29.76 -1.46
N LEU C 396 46.45 -30.09 -0.35
CA LEU C 396 47.48 -31.14 -0.32
C LEU C 396 46.97 -32.54 -0.66
N TYR C 397 45.69 -32.81 -0.38
CA TYR C 397 45.15 -34.15 -0.60
C TYR C 397 43.86 -34.15 -1.43
N ASN C 398 43.47 -32.99 -1.95
CA ASN C 398 42.23 -32.84 -2.71
C ASN C 398 42.15 -33.81 -3.90
N TYR C 399 43.31 -34.21 -4.43
CA TYR C 399 43.33 -35.09 -5.60
C TYR C 399 43.47 -36.58 -5.26
N THR C 400 43.31 -36.93 -3.99
CA THR C 400 43.37 -38.35 -3.59
C THR C 400 41.97 -38.98 -3.68
N GLU C 401 40.94 -38.12 -3.70
CA GLU C 401 39.54 -38.53 -3.73
C GLU C 401 38.66 -37.49 -4.44
N ASN C 402 37.46 -37.90 -4.85
CA ASN C 402 36.51 -36.93 -5.40
C ASN C 402 35.58 -36.43 -4.30
N PHE C 403 35.92 -35.27 -3.73
CA PHE C 403 35.28 -34.81 -2.50
C PHE C 403 33.95 -34.06 -2.63
N VAL C 404 33.08 -34.27 -1.64
CA VAL C 404 31.96 -33.38 -1.38
C VAL C 404 32.25 -32.63 -0.07
N LEU C 405 32.07 -31.32 -0.08
CA LEU C 405 32.28 -30.51 1.11
C LEU C 405 31.00 -30.53 1.96
N PRO C 406 31.02 -31.26 3.09
CA PRO C 406 29.75 -31.52 3.75
C PRO C 406 29.58 -30.72 5.05
N LEU C 407 28.49 -29.97 5.13
CA LEU C 407 27.96 -29.47 6.39
C LEU C 407 26.67 -30.23 6.68
N SER C 408 26.81 -31.42 7.24
CA SER C 408 25.70 -32.37 7.30
C SER C 408 24.99 -32.35 8.65
N HIS C 409 23.97 -33.19 8.77
CA HIS C 409 23.15 -33.29 9.97
C HIS C 409 23.92 -33.73 11.20
N ASP C 410 24.95 -34.56 11.00
CA ASP C 410 25.76 -35.11 12.08
C ASP C 410 26.48 -34.01 12.87
N GLU C 411 26.71 -32.86 12.23
CA GLU C 411 27.45 -31.79 12.87
C GLU C 411 26.58 -30.80 13.67
N VAL C 412 25.26 -30.89 13.52
CA VAL C 412 24.35 -30.02 14.27
C VAL C 412 23.45 -30.78 15.25
N VAL C 413 24.03 -31.77 15.94
CA VAL C 413 23.29 -32.60 16.89
C VAL C 413 24.09 -32.81 18.18
N HIS C 414 23.48 -33.49 19.14
CA HIS C 414 24.13 -33.86 20.41
C HIS C 414 25.04 -32.78 21.00
N GLY C 415 24.47 -31.63 21.32
CA GLY C 415 25.22 -30.54 21.96
C GLY C 415 26.50 -30.16 21.21
N LYS C 416 26.48 -30.31 19.89
CA LYS C 416 27.60 -29.88 19.07
C LYS C 416 27.38 -28.46 18.57
N LYS C 417 26.21 -27.92 18.87
CA LYS C 417 25.81 -26.56 18.46
C LYS C 417 25.47 -26.51 16.98
N SER C 418 24.67 -25.51 16.61
CA SER C 418 24.41 -25.24 15.20
C SER C 418 25.69 -24.74 14.56
N ILE C 419 25.69 -24.62 13.24
CA ILE C 419 26.83 -24.04 12.54
C ILE C 419 27.03 -22.58 12.94
N LEU C 420 25.93 -21.83 13.03
CA LEU C 420 25.96 -20.41 13.42
C LEU C 420 26.51 -20.15 14.83
N ASP C 421 26.08 -20.98 15.78
CA ASP C 421 26.52 -20.82 17.17
C ASP C 421 28.01 -21.16 17.38
N ARG C 422 28.64 -21.73 16.36
CA ARG C 422 30.08 -21.97 16.39
C ARG C 422 30.91 -20.70 16.16
N MET C 423 30.31 -19.69 15.53
CA MET C 423 31.01 -18.45 15.17
C MET C 423 31.21 -17.52 16.37
N PRO C 424 32.38 -16.86 16.43
CA PRO C 424 32.73 -15.89 17.48
C PRO C 424 32.24 -14.48 17.19
N GLY C 425 32.18 -13.64 18.22
CA GLY C 425 31.87 -12.21 18.06
C GLY C 425 30.49 -11.76 18.50
N ASP C 426 30.19 -10.48 18.30
CA ASP C 426 28.85 -9.93 18.55
C ASP C 426 27.88 -10.42 17.47
N ALA C 427 26.70 -9.82 17.39
CA ALA C 427 25.69 -10.22 16.39
C ALA C 427 26.19 -10.08 14.95
N TRP C 428 26.74 -8.91 14.62
CA TRP C 428 27.24 -8.63 13.28
C TRP C 428 28.36 -9.60 12.84
N GLN C 429 29.35 -9.82 13.72
CA GLN C 429 30.53 -10.61 13.36
C GLN C 429 30.24 -12.11 13.14
N LYS C 430 29.38 -12.69 13.99
CA LYS C 430 29.04 -14.11 13.88
C LYS C 430 28.47 -14.41 12.50
N PHE C 431 27.46 -13.63 12.11
CA PHE C 431 26.80 -13.73 10.81
C PHE C 431 27.73 -13.38 9.64
N ALA C 432 28.62 -12.41 9.86
CA ALA C 432 29.64 -12.09 8.86
C ALA C 432 30.61 -13.26 8.70
N ASN C 433 31.04 -13.83 9.83
CA ASN C 433 31.88 -15.02 9.79
C ASN C 433 31.20 -16.14 9.00
N LEU C 434 29.93 -16.39 9.30
CA LEU C 434 29.17 -17.46 8.65
C LEU C 434 29.07 -17.23 7.15
N ARG C 435 28.78 -15.99 6.78
CA ARG C 435 28.65 -15.63 5.38
C ARG C 435 29.96 -15.83 4.62
N ALA C 436 31.05 -15.29 5.18
CA ALA C 436 32.42 -15.50 4.64
C ALA C 436 32.80 -16.97 4.49
N TYR C 437 32.40 -17.78 5.47
CA TYR C 437 32.69 -19.21 5.44
C TYR C 437 31.97 -19.90 4.28
N TYR C 438 30.67 -19.63 4.11
CA TYR C 438 29.92 -20.17 2.98
C TYR C 438 30.55 -19.72 1.65
N GLY C 439 30.98 -18.46 1.60
CA GLY C 439 31.66 -17.92 0.42
C GLY C 439 32.90 -18.73 0.09
N TRP C 440 33.70 -19.03 1.13
CA TRP C 440 34.90 -19.83 0.96
C TRP C 440 34.53 -21.25 0.48
N MET C 441 33.49 -21.82 1.10
CA MET C 441 33.00 -23.16 0.78
C MET C 441 32.55 -23.37 -0.69
N TRP C 442 31.78 -22.42 -1.22
CA TRP C 442 31.27 -22.51 -2.60
C TRP C 442 32.33 -22.35 -3.69
N ALA C 443 33.46 -21.73 -3.31
CA ALA C 443 34.61 -21.51 -4.19
C ALA C 443 35.65 -22.63 -4.10
N PHE C 444 35.77 -23.24 -2.93
CA PHE C 444 36.78 -24.30 -2.67
C PHE C 444 36.46 -25.61 -3.41
N PRO C 445 37.50 -26.26 -3.99
CA PRO C 445 37.33 -27.49 -4.78
C PRO C 445 36.50 -28.56 -4.06
N GLY C 446 35.68 -29.27 -4.84
CA GLY C 446 34.71 -30.22 -4.29
C GLY C 446 33.28 -29.74 -4.39
N LYS C 447 32.36 -30.70 -4.53
CA LYS C 447 30.91 -30.42 -4.61
C LYS C 447 30.35 -29.93 -3.26
N LYS C 448 29.14 -29.38 -3.27
CA LYS C 448 28.55 -28.76 -2.09
C LYS C 448 27.42 -29.60 -1.45
N LEU C 449 27.37 -29.61 -0.12
CA LEU C 449 26.28 -30.23 0.62
C LEU C 449 25.98 -29.43 1.90
N LEU C 450 24.73 -28.99 2.01
CA LEU C 450 24.27 -28.17 3.13
C LEU C 450 23.02 -28.79 3.76
N PHE C 451 23.09 -29.11 5.05
CA PHE C 451 21.92 -29.64 5.74
C PHE C 451 20.88 -28.55 5.97
N MET C 452 19.61 -28.90 5.78
CA MET C 452 18.49 -27.98 5.95
C MET C 452 18.56 -27.18 7.26
N GLY C 453 18.28 -25.88 7.16
CA GLY C 453 18.37 -25.01 8.33
C GLY C 453 19.72 -24.32 8.40
N ASN C 454 20.70 -24.80 7.63
CA ASN C 454 21.98 -24.11 7.57
C ASN C 454 21.85 -22.86 6.69
N GLU C 455 21.06 -22.97 5.63
CA GLU C 455 20.88 -21.88 4.66
C GLU C 455 20.25 -20.61 5.27
N PHE C 456 19.54 -20.74 6.38
CA PHE C 456 19.02 -19.54 7.06
C PHE C 456 19.64 -19.30 8.44
N ALA C 457 20.78 -19.96 8.69
CA ALA C 457 21.51 -19.84 9.94
C ALA C 457 20.61 -20.10 11.15
N GLN C 458 20.10 -21.32 11.28
CA GLN C 458 19.28 -21.65 12.43
C GLN C 458 20.07 -21.49 13.74
N GLY C 459 19.42 -20.94 14.77
CA GLY C 459 20.04 -20.77 16.09
C GLY C 459 20.26 -22.08 16.84
N ARG C 460 19.18 -22.80 17.12
CA ARG C 460 19.25 -24.07 17.85
C ARG C 460 19.77 -25.22 16.98
N GLU C 461 20.19 -26.30 17.63
CA GLU C 461 20.59 -27.51 16.93
C GLU C 461 19.37 -28.16 16.23
N TRP C 462 19.62 -29.09 15.32
CA TRP C 462 18.53 -29.75 14.60
C TRP C 462 17.72 -30.65 15.51
N ASN C 463 16.40 -30.46 15.53
CA ASN C 463 15.50 -31.33 16.26
C ASN C 463 14.61 -32.20 15.34
N HIS C 464 14.93 -33.48 15.23
CA HIS C 464 14.16 -34.41 14.39
C HIS C 464 12.71 -34.56 14.85
N ASP C 465 12.48 -34.25 16.13
CA ASP C 465 11.17 -34.43 16.75
C ASP C 465 10.24 -33.23 16.49
N ALA C 466 10.70 -32.29 15.67
CA ALA C 466 9.93 -31.08 15.41
C ALA C 466 10.30 -30.39 14.10
N SER C 467 9.62 -29.28 13.83
CA SER C 467 9.87 -28.43 12.67
C SER C 467 11.22 -27.72 12.81
N LEU C 468 11.80 -27.30 11.67
CA LEU C 468 12.92 -26.37 11.67
C LEU C 468 12.41 -25.01 12.13
N ASP C 469 13.32 -24.14 12.58
CA ASP C 469 12.93 -22.84 13.11
C ASP C 469 12.68 -21.80 12.01
N TRP C 470 11.63 -22.02 11.23
CA TRP C 470 11.23 -21.10 10.16
C TRP C 470 10.73 -19.75 10.69
N HIS C 471 10.29 -19.73 11.94
CA HIS C 471 9.83 -18.48 12.58
C HIS C 471 10.94 -17.43 12.64
N LEU C 472 12.19 -17.87 12.52
CA LEU C 472 13.34 -16.97 12.42
C LEU C 472 13.23 -16.09 11.18
N LEU C 473 12.55 -16.61 10.15
CA LEU C 473 12.39 -15.90 8.87
C LEU C 473 11.14 -15.02 8.86
N GLU C 474 10.56 -14.75 10.02
CA GLU C 474 9.37 -13.91 10.00
C GLU C 474 9.62 -12.50 10.55
N GLY C 475 8.66 -11.62 10.29
CA GLY C 475 8.79 -10.21 10.62
C GLY C 475 9.57 -9.47 9.56
N GLY C 476 10.02 -8.26 9.92
CA GLY C 476 10.85 -7.45 9.04
C GLY C 476 12.10 -8.24 8.70
N ASP C 477 12.75 -7.84 7.60
CA ASP C 477 13.94 -8.53 7.13
C ASP C 477 15.07 -8.49 8.16
N ASN C 478 15.70 -9.63 8.40
CA ASN C 478 16.75 -9.72 9.39
C ASN C 478 18.01 -10.43 8.88
N TRP C 479 18.96 -10.65 9.77
CA TRP C 479 20.20 -11.36 9.45
C TRP C 479 19.98 -12.74 8.80
N HIS C 480 18.95 -13.47 9.22
CA HIS C 480 18.66 -14.80 8.65
C HIS C 480 18.23 -14.74 7.18
N HIS C 481 17.47 -13.71 6.81
CA HIS C 481 17.13 -13.48 5.40
C HIS C 481 18.40 -13.24 4.56
N GLY C 482 19.37 -12.56 5.17
CA GLY C 482 20.65 -12.26 4.55
C GLY C 482 21.39 -13.55 4.25
N VAL C 483 21.55 -14.38 5.27
CA VAL C 483 22.18 -15.68 5.08
C VAL C 483 21.43 -16.45 3.99
N GLN C 484 20.10 -16.42 4.04
CA GLN C 484 19.32 -17.18 3.11
C GLN C 484 19.52 -16.65 1.70
N ARG C 485 19.65 -15.33 1.59
N ARG C 485 19.64 -15.32 1.56
CA ARG C 485 19.82 -14.65 0.30
CA ARG C 485 19.80 -14.71 0.25
C ARG C 485 21.18 -14.98 -0.32
C ARG C 485 21.18 -15.07 -0.33
N LEU C 486 22.20 -15.06 0.52
CA LEU C 486 23.54 -15.41 0.05
C LEU C 486 23.59 -16.85 -0.51
N VAL C 487 23.02 -17.81 0.24
CA VAL C 487 23.04 -19.22 -0.17
C VAL C 487 22.46 -19.43 -1.58
N ARG C 488 21.36 -18.72 -1.85
CA ARG C 488 20.74 -18.76 -3.18
C ARG C 488 21.68 -18.20 -4.24
N ASP C 489 22.21 -17.00 -3.99
CA ASP C 489 23.14 -16.33 -4.93
C ASP C 489 24.42 -17.13 -5.17
N LEU C 490 24.92 -17.78 -4.12
CA LEU C 490 26.07 -18.64 -4.23
C LEU C 490 25.77 -19.79 -5.18
N ASN C 491 24.61 -20.44 -5.00
CA ASN C 491 24.18 -21.51 -5.88
C ASN C 491 24.08 -21.04 -7.34
N LEU C 492 23.36 -19.94 -7.54
CA LEU C 492 23.12 -19.46 -8.90
C LEU C 492 24.42 -19.06 -9.60
N THR C 493 25.34 -18.46 -8.85
CA THR C 493 26.62 -18.01 -9.40
C THR C 493 27.56 -19.19 -9.62
N TYR C 494 27.63 -20.06 -8.61
CA TYR C 494 28.39 -21.29 -8.66
C TYR C 494 28.04 -22.11 -9.89
N ARG C 495 26.75 -22.13 -10.25
CA ARG C 495 26.28 -22.89 -11.43
C ARG C 495 26.54 -22.21 -12.77
N HIS C 496 26.35 -20.90 -12.81
CA HIS C 496 26.50 -20.11 -14.04
C HIS C 496 27.95 -20.05 -14.54
N HIS C 497 28.91 -20.16 -13.63
CA HIS C 497 30.31 -20.07 -14.01
C HIS C 497 31.02 -21.40 -13.98
N LYS C 498 31.48 -21.82 -15.15
CA LYS C 498 32.10 -23.12 -15.30
C LYS C 498 33.38 -23.28 -14.44
N ALA C 499 34.21 -22.23 -14.36
CA ALA C 499 35.41 -22.23 -13.50
C ALA C 499 35.15 -22.66 -12.05
N MET C 500 33.95 -22.42 -11.54
CA MET C 500 33.65 -22.78 -10.16
C MET C 500 33.38 -24.29 -9.96
N HIS C 501 33.14 -25.03 -11.05
CA HIS C 501 32.77 -26.45 -10.92
C HIS C 501 33.32 -27.45 -11.96
N GLU C 502 33.86 -26.96 -13.08
CA GLU C 502 34.26 -27.82 -14.19
C GLU C 502 35.46 -28.73 -13.88
N LEU C 503 36.32 -28.27 -13.00
CA LEU C 503 37.62 -28.92 -12.80
C LEU C 503 38.02 -28.90 -11.34
N ASP C 504 37.16 -29.47 -10.50
CA ASP C 504 37.44 -29.63 -9.07
C ASP C 504 38.55 -30.65 -8.81
N PHE C 505 38.53 -31.75 -9.56
CA PHE C 505 39.41 -32.88 -9.28
C PHE C 505 40.60 -32.89 -10.24
N ASP C 506 40.99 -31.71 -10.69
CA ASP C 506 42.12 -31.54 -11.60
C ASP C 506 42.97 -30.36 -11.11
N PRO C 507 44.29 -30.58 -10.92
CA PRO C 507 45.19 -29.53 -10.38
C PRO C 507 45.19 -28.23 -11.21
N TYR C 508 44.83 -28.31 -12.49
CA TYR C 508 44.70 -27.16 -13.38
C TYR C 508 43.53 -26.23 -12.98
N GLY C 509 42.54 -26.79 -12.28
CA GLY C 509 41.36 -26.03 -11.85
C GLY C 509 41.49 -25.21 -10.57
N PHE C 510 42.61 -25.35 -9.86
CA PHE C 510 42.87 -24.53 -8.68
C PHE C 510 44.31 -24.00 -8.65
N GLU C 511 44.49 -22.73 -8.27
CA GLU C 511 45.83 -22.19 -8.05
C GLU C 511 45.89 -21.05 -7.03
N TRP C 512 46.83 -21.15 -6.08
CA TRP C 512 47.03 -20.11 -5.08
C TRP C 512 47.61 -18.84 -5.68
N LEU C 513 47.00 -17.68 -5.36
CA LEU C 513 47.61 -16.40 -5.67
C LEU C 513 48.29 -15.80 -4.43
N VAL C 514 47.60 -15.89 -3.29
CA VAL C 514 48.17 -15.52 -1.99
C VAL C 514 47.95 -16.64 -0.95
N VAL C 515 49.00 -17.42 -0.71
CA VAL C 515 48.91 -18.62 0.14
C VAL C 515 49.40 -18.39 1.57
N ASP C 516 50.31 -17.44 1.76
CA ASP C 516 50.98 -17.30 3.06
C ASP C 516 50.94 -15.90 3.68
N ASP C 517 49.76 -15.30 3.71
CA ASP C 517 49.54 -14.09 4.49
C ASP C 517 48.88 -14.47 5.82
N LYS C 518 49.67 -15.01 6.73
CA LYS C 518 49.21 -15.42 8.05
C LYS C 518 48.81 -14.20 8.89
N GLU C 519 49.62 -13.14 8.80
CA GLU C 519 49.44 -11.92 9.59
C GLU C 519 48.01 -11.39 9.56
N ARG C 520 47.49 -11.19 8.36
CA ARG C 520 46.19 -10.55 8.19
C ARG C 520 45.06 -11.55 7.90
N SER C 521 45.40 -12.85 7.95
CA SER C 521 44.47 -13.93 7.62
C SER C 521 43.71 -13.68 6.31
N VAL C 522 44.47 -13.37 5.26
CA VAL C 522 43.91 -13.17 3.93
C VAL C 522 44.37 -14.31 3.04
N LEU C 523 43.41 -14.98 2.41
CA LEU C 523 43.72 -16.06 1.47
C LEU C 523 43.13 -15.71 0.11
N ILE C 524 43.94 -15.84 -0.93
CA ILE C 524 43.49 -15.59 -2.29
C ILE C 524 43.89 -16.71 -3.26
N PHE C 525 42.89 -17.26 -3.94
CA PHE C 525 43.12 -18.27 -4.96
C PHE C 525 42.30 -18.02 -6.22
N VAL C 526 42.57 -18.84 -7.23
CA VAL C 526 41.95 -18.70 -8.55
C VAL C 526 41.23 -19.99 -8.97
N ARG C 527 40.02 -19.87 -9.55
CA ARG C 527 39.35 -21.02 -10.14
C ARG C 527 39.36 -20.97 -11.66
N ARG C 528 39.84 -22.04 -12.28
CA ARG C 528 40.07 -22.07 -13.73
C ARG C 528 39.11 -23.07 -14.43
N ASP C 529 38.61 -22.68 -15.60
CA ASP C 529 37.80 -23.60 -16.41
C ASP C 529 38.65 -24.26 -17.53
N LYS C 530 38.07 -25.19 -18.29
CA LYS C 530 38.81 -25.88 -19.36
C LYS C 530 39.42 -24.93 -20.40
N GLU C 531 38.76 -23.78 -20.59
CA GLU C 531 39.22 -22.77 -21.55
C GLU C 531 40.27 -21.81 -20.98
N GLY C 532 40.61 -21.97 -19.70
CA GLY C 532 41.59 -21.13 -19.05
C GLY C 532 41.06 -19.89 -18.36
N ASN C 533 39.73 -19.71 -18.38
CA ASN C 533 39.11 -18.56 -17.71
C ASN C 533 39.19 -18.68 -16.18
N GLU C 534 39.59 -17.60 -15.52
CA GLU C 534 39.85 -17.60 -14.09
C GLU C 534 38.90 -16.70 -13.28
N ILE C 535 38.39 -17.23 -12.18
CA ILE C 535 37.67 -16.44 -11.18
C ILE C 535 38.52 -16.32 -9.92
N ILE C 536 38.69 -15.08 -9.44
CA ILE C 536 39.57 -14.84 -8.30
C ILE C 536 38.72 -14.84 -7.05
N VAL C 537 39.11 -15.67 -6.09
CA VAL C 537 38.43 -15.77 -4.80
C VAL C 537 39.31 -15.16 -3.71
N ALA C 538 38.85 -14.07 -3.11
CA ALA C 538 39.62 -13.39 -2.06
C ALA C 538 38.90 -13.40 -0.70
N SER C 539 39.59 -13.89 0.32
CA SER C 539 38.96 -14.09 1.61
C SER C 539 39.61 -13.31 2.74
N ASN C 540 38.80 -12.61 3.53
CA ASN C 540 39.31 -11.83 4.67
C ASN C 540 38.70 -12.30 6.00
N PHE C 541 39.40 -13.19 6.69
CA PHE C 541 38.88 -13.77 7.92
C PHE C 541 39.23 -12.95 9.16
N THR C 542 39.26 -11.63 8.98
CA THR C 542 39.41 -10.67 10.08
C THR C 542 38.46 -9.48 9.89
N PRO C 543 37.87 -8.98 10.98
CA PRO C 543 36.98 -7.79 11.01
C PRO C 543 37.66 -6.44 10.69
N VAL C 544 38.97 -6.48 10.42
CA VAL C 544 39.69 -5.29 9.96
C VAL C 544 39.70 -5.26 8.42
N PRO C 545 39.09 -4.23 7.82
CA PRO C 545 39.07 -4.06 6.36
C PRO C 545 40.45 -3.78 5.77
N ARG C 546 40.73 -4.40 4.63
CA ARG C 546 41.99 -4.19 3.92
C ARG C 546 41.79 -3.30 2.70
N HIS C 547 42.46 -2.15 2.71
CA HIS C 547 42.44 -1.25 1.56
C HIS C 547 43.78 -1.35 0.81
N ASP C 548 43.74 -1.10 -0.50
CA ASP C 548 44.94 -1.08 -1.33
C ASP C 548 45.78 -2.35 -1.16
N TYR C 549 45.09 -3.49 -1.13
CA TYR C 549 45.73 -4.79 -0.94
C TYR C 549 46.20 -5.34 -2.28
N ARG C 550 47.52 -5.32 -2.48
CA ARG C 550 48.13 -5.69 -3.76
C ARG C 550 48.59 -7.14 -3.81
N PHE C 551 48.07 -7.89 -4.80
CA PHE C 551 48.49 -9.27 -5.02
C PHE C 551 48.72 -9.58 -6.50
N GLY C 552 49.56 -10.58 -6.78
CA GLY C 552 49.85 -10.97 -8.15
C GLY C 552 48.72 -11.75 -8.83
N ILE C 553 48.51 -11.49 -10.11
CA ILE C 553 47.50 -12.22 -10.87
C ILE C 553 48.10 -12.78 -12.16
N ASN C 554 47.32 -13.62 -12.85
CA ASN C 554 47.77 -14.30 -14.08
C ASN C 554 47.24 -13.68 -15.36
N GLN C 555 46.12 -12.96 -15.26
CA GLN C 555 45.46 -12.38 -16.43
C GLN C 555 45.17 -10.89 -16.24
N PRO C 556 45.97 -10.03 -16.91
CA PRO C 556 45.78 -8.58 -16.94
C PRO C 556 44.47 -8.19 -17.63
N GLY C 557 43.92 -7.05 -17.24
CA GLY C 557 42.65 -6.59 -17.77
C GLY C 557 41.80 -6.03 -16.65
N LYS C 558 40.50 -5.92 -16.90
CA LYS C 558 39.61 -5.35 -15.90
C LYS C 558 38.77 -6.41 -15.20
N TRP C 559 38.71 -6.32 -13.88
CA TRP C 559 38.01 -7.29 -13.04
C TRP C 559 36.89 -6.62 -12.26
N ARG C 560 35.83 -7.37 -11.96
CA ARG C 560 34.75 -6.86 -11.11
C ARG C 560 34.15 -7.96 -10.24
N GLU C 561 33.56 -7.57 -9.12
CA GLU C 561 32.85 -8.51 -8.23
C GLU C 561 31.62 -9.12 -8.91
N ILE C 562 31.45 -10.43 -8.72
CA ILE C 562 30.21 -11.14 -9.10
C ILE C 562 29.54 -11.67 -7.85
N LEU C 563 30.29 -11.60 -6.73
CA LEU C 563 29.84 -12.02 -5.42
C LEU C 563 30.63 -11.31 -4.30
N ASN C 564 29.92 -10.89 -3.26
CA ASN C 564 30.52 -10.15 -2.14
C ASN C 564 29.65 -10.45 -0.90
N THR C 565 30.19 -11.21 0.05
CA THR C 565 29.41 -11.60 1.23
C THR C 565 29.18 -10.44 2.22
N ASP C 566 29.99 -9.38 2.14
CA ASP C 566 29.78 -8.19 2.98
C ASP C 566 28.75 -7.23 2.40
N SER C 567 28.15 -7.60 1.27
CA SER C 567 27.12 -6.76 0.64
C SER C 567 25.95 -6.37 1.56
N MET C 568 25.48 -5.13 1.40
N MET C 568 25.46 -5.15 1.41
CA MET C 568 24.30 -4.62 2.09
CA MET C 568 24.30 -4.67 2.16
C MET C 568 23.10 -5.58 2.00
C MET C 568 23.09 -5.60 2.02
N HIS C 569 22.88 -6.16 0.82
CA HIS C 569 21.76 -7.09 0.57
C HIS C 569 21.76 -8.32 1.49
N TYR C 570 22.94 -8.66 2.02
CA TYR C 570 23.08 -9.78 2.94
C TYR C 570 23.19 -9.33 4.41
N HIS C 571 23.26 -8.02 4.63
CA HIS C 571 23.37 -7.43 5.98
C HIS C 571 24.80 -7.19 6.44
N GLY C 572 25.70 -7.06 5.48
CA GLY C 572 27.08 -6.70 5.76
C GLY C 572 27.22 -5.19 5.67
N SER C 573 28.46 -4.71 5.81
CA SER C 573 28.75 -3.28 5.87
C SER C 573 28.80 -2.61 4.50
N ASN C 574 28.70 -3.43 3.44
CA ASN C 574 28.66 -2.93 2.06
C ASN C 574 29.99 -2.35 1.55
N ALA C 575 31.08 -2.77 2.18
CA ALA C 575 32.42 -2.47 1.69
C ALA C 575 32.65 -3.31 0.44
N GLY C 576 33.35 -2.74 -0.53
CA GLY C 576 33.69 -3.43 -1.77
C GLY C 576 34.61 -2.57 -2.63
N ASN C 577 34.69 -2.89 -3.92
CA ASN C 577 35.55 -2.12 -4.82
C ASN C 577 34.76 -1.09 -5.63
N GLY C 578 33.44 -1.18 -5.54
CA GLY C 578 32.56 -0.21 -6.18
C GLY C 578 32.79 -0.26 -7.67
N GLY C 579 32.69 -1.47 -8.22
CA GLY C 579 32.76 -1.65 -9.66
C GLY C 579 34.09 -2.12 -10.20
N THR C 580 34.37 -1.79 -11.45
CA THR C 580 35.52 -2.35 -12.16
C THR C 580 36.84 -1.83 -11.62
N VAL C 581 37.78 -2.75 -11.45
CA VAL C 581 39.14 -2.40 -11.10
C VAL C 581 40.09 -2.92 -12.18
N HIS C 582 40.96 -2.04 -12.67
CA HIS C 582 41.92 -2.42 -13.67
C HIS C 582 43.18 -3.00 -13.02
N SER C 583 43.89 -3.85 -13.73
CA SER C 583 45.14 -4.40 -13.23
C SER C 583 46.30 -3.45 -13.53
N ASP C 584 47.46 -3.73 -12.92
CA ASP C 584 48.65 -2.93 -13.11
C ASP C 584 49.78 -3.84 -13.56
N GLU C 585 50.74 -3.30 -14.32
CA GLU C 585 51.96 -4.05 -14.55
C GLU C 585 53.00 -3.70 -13.48
N ILE C 586 52.79 -4.25 -12.28
CA ILE C 586 53.69 -4.09 -11.14
C ILE C 586 53.87 -5.44 -10.48
N ALA C 587 55.04 -6.05 -10.66
CA ALA C 587 55.30 -7.38 -10.09
C ALA C 587 54.83 -7.52 -8.64
N SER C 588 54.15 -8.62 -8.34
CA SER C 588 53.66 -8.90 -6.99
C SER C 588 53.60 -10.41 -6.79
N HIS C 589 54.24 -10.89 -5.71
CA HIS C 589 54.30 -12.32 -5.43
C HIS C 589 54.94 -13.09 -6.58
N GLY C 590 55.79 -12.40 -7.34
CA GLY C 590 56.49 -13.02 -8.47
C GLY C 590 55.72 -13.13 -9.78
N ARG C 591 54.69 -12.29 -9.95
CA ARG C 591 53.90 -12.26 -11.19
C ARG C 591 54.00 -10.88 -11.88
N GLN C 592 54.06 -10.87 -13.21
CA GLN C 592 54.17 -9.63 -14.00
C GLN C 592 53.13 -8.57 -13.63
N HIS C 593 51.85 -8.96 -13.70
CA HIS C 593 50.73 -8.07 -13.44
C HIS C 593 50.10 -8.32 -12.08
N SER C 594 49.36 -7.33 -11.57
CA SER C 594 48.75 -7.41 -10.24
C SER C 594 47.46 -6.60 -10.12
N LEU C 595 46.72 -6.85 -9.06
CA LEU C 595 45.53 -6.08 -8.74
C LEU C 595 45.63 -5.46 -7.33
N SER C 596 45.11 -4.25 -7.18
CA SER C 596 45.08 -3.58 -5.88
C SER C 596 43.62 -3.39 -5.48
N LEU C 597 43.20 -4.13 -4.44
CA LEU C 597 41.77 -4.24 -4.11
C LEU C 597 41.44 -3.83 -2.68
N THR C 598 40.17 -3.50 -2.46
CA THR C 598 39.63 -3.49 -1.09
C THR C 598 39.03 -4.88 -0.77
N LEU C 599 39.44 -5.46 0.36
CA LEU C 599 38.86 -6.71 0.85
C LEU C 599 38.00 -6.42 2.10
N PRO C 600 36.67 -6.56 1.98
CA PRO C 600 35.71 -6.25 3.05
C PRO C 600 35.99 -7.06 4.32
N PRO C 601 35.53 -6.57 5.49
CA PRO C 601 35.77 -7.29 6.76
C PRO C 601 34.97 -8.61 6.90
N LEU C 602 35.59 -9.62 7.51
CA LEU C 602 35.00 -10.97 7.67
C LEU C 602 34.14 -11.30 6.46
N ALA C 603 34.75 -11.29 5.28
CA ALA C 603 34.03 -11.47 4.04
C ALA C 603 34.86 -12.13 2.94
N THR C 604 34.16 -12.76 2.00
CA THR C 604 34.82 -13.26 0.80
C THR C 604 34.15 -12.71 -0.45
N ILE C 605 34.96 -12.50 -1.49
CA ILE C 605 34.47 -11.92 -2.74
C ILE C 605 35.01 -12.72 -3.93
N TRP C 606 34.20 -12.85 -4.98
CA TRP C 606 34.65 -13.50 -6.20
C TRP C 606 34.74 -12.46 -7.31
N LEU C 607 35.79 -12.54 -8.10
CA LEU C 607 36.05 -11.60 -9.19
C LEU C 607 36.13 -12.31 -10.53
N VAL C 608 35.43 -11.77 -11.54
CA VAL C 608 35.51 -12.25 -12.91
C VAL C 608 36.20 -11.20 -13.79
N ARG C 609 36.90 -11.66 -14.81
CA ARG C 609 37.57 -10.79 -15.76
C ARG C 609 36.65 -10.43 -16.94
N GLU C 610 36.49 -9.14 -17.19
CA GLU C 610 35.57 -8.66 -18.24
C GLU C 610 36.11 -8.85 -19.65
N ALA C 611 35.22 -9.15 -20.58
CA ALA C 611 35.61 -9.36 -21.96
C ALA C 611 35.37 -8.11 -22.83
N THR D 1 5.40 -29.48 -53.07
CA THR D 1 6.71 -29.65 -52.35
C THR D 1 7.96 -29.74 -53.25
N HIS D 2 8.45 -28.63 -53.82
CA HIS D 2 7.85 -27.30 -53.76
C HIS D 2 8.14 -26.50 -52.47
N LEU D 3 8.08 -27.18 -51.33
CA LEU D 3 8.10 -26.48 -50.06
C LEU D 3 9.50 -26.02 -49.70
N ARG D 4 10.51 -26.74 -50.18
CA ARG D 4 11.89 -26.47 -49.80
C ARG D 4 12.77 -26.25 -51.01
N PRO D 5 12.46 -25.24 -51.84
CA PRO D 5 13.20 -25.05 -53.08
C PRO D 5 14.71 -24.83 -52.88
N TYR D 6 15.11 -24.38 -51.68
CA TYR D 6 16.52 -24.17 -51.37
C TYR D 6 17.29 -25.49 -51.26
N GLU D 7 16.57 -26.60 -51.33
CA GLU D 7 17.26 -27.85 -51.26
C GLU D 7 17.85 -28.21 -52.62
N THR D 8 17.33 -27.58 -53.69
CA THR D 8 17.83 -27.83 -55.04
C THR D 8 18.34 -26.58 -55.74
N LEU D 9 17.58 -25.49 -55.68
CA LEU D 9 18.03 -24.21 -56.21
C LEU D 9 19.28 -23.72 -55.52
N GLY D 10 20.08 -22.91 -56.21
CA GLY D 10 21.32 -22.39 -55.62
C GLY D 10 22.54 -23.25 -55.96
N ALA D 11 23.55 -23.20 -55.10
CA ALA D 11 24.80 -23.91 -55.37
C ALA D 11 25.03 -25.06 -54.38
N HIS D 12 24.93 -26.28 -54.87
CA HIS D 12 25.04 -27.48 -54.02
C HIS D 12 26.14 -28.45 -54.44
N ALA D 13 26.83 -29.00 -53.44
CA ALA D 13 27.79 -30.04 -53.74
C ALA D 13 27.06 -31.23 -54.34
N ASP D 14 27.65 -31.83 -55.35
CA ASP D 14 27.05 -32.98 -55.98
C ASP D 14 28.19 -33.82 -56.54
N THR D 15 27.84 -34.98 -57.09
CA THR D 15 28.79 -35.86 -57.76
C THR D 15 28.11 -36.34 -59.02
N MET D 16 28.87 -36.41 -60.11
CA MET D 16 28.34 -36.91 -61.37
C MET D 16 29.37 -37.82 -62.02
N ASP D 17 29.02 -39.10 -62.14
CA ASP D 17 29.90 -40.10 -62.75
C ASP D 17 31.20 -40.26 -61.97
N GLY D 18 31.11 -40.34 -60.64
CA GLY D 18 32.30 -40.43 -59.81
C GLY D 18 33.14 -39.17 -59.81
N VAL D 19 32.56 -38.04 -60.22
CA VAL D 19 33.26 -36.75 -60.27
C VAL D 19 32.67 -35.68 -59.34
N THR D 20 33.48 -35.22 -58.39
CA THR D 20 33.17 -34.13 -57.46
C THR D 20 33.06 -32.77 -58.13
N GLY D 21 32.06 -31.99 -57.75
CA GLY D 21 31.93 -30.60 -58.19
C GLY D 21 30.75 -29.92 -57.53
N THR D 22 30.21 -28.90 -58.17
CA THR D 22 28.97 -28.29 -57.66
C THR D 22 27.95 -27.99 -58.74
N ARG D 23 26.69 -28.23 -58.40
CA ARG D 23 25.58 -28.02 -59.31
C ARG D 23 24.95 -26.67 -58.96
N PHE D 24 24.72 -25.85 -59.98
CA PHE D 24 24.15 -24.53 -59.84
C PHE D 24 22.80 -24.55 -60.53
N SER D 25 21.75 -23.99 -59.90
CA SER D 25 20.48 -23.80 -60.61
C SER D 25 19.89 -22.49 -60.19
N VAL D 26 19.25 -21.81 -61.13
CA VAL D 26 18.70 -20.52 -60.83
C VAL D 26 17.47 -20.32 -61.69
N TRP D 27 16.42 -19.85 -61.08
CA TRP D 27 15.16 -19.65 -61.76
C TRP D 27 15.15 -18.32 -62.52
N ALA D 28 15.02 -18.37 -63.84
CA ALA D 28 14.99 -17.16 -64.65
C ALA D 28 14.31 -17.45 -65.99
N PRO D 29 13.00 -17.64 -65.95
CA PRO D 29 12.33 -18.19 -67.13
C PRO D 29 12.53 -17.36 -68.39
N ASN D 30 12.74 -16.05 -68.25
CA ASN D 30 12.72 -15.18 -69.43
C ASN D 30 14.08 -14.69 -69.92
N ALA D 31 15.14 -15.10 -69.24
CA ALA D 31 16.48 -14.69 -69.62
C ALA D 31 16.78 -15.34 -70.97
N ARG D 32 17.64 -14.70 -71.77
CA ARG D 32 17.98 -15.28 -73.09
C ARG D 32 19.11 -16.30 -72.94
N ARG D 33 19.97 -16.03 -71.98
CA ARG D 33 21.16 -16.82 -71.79
C ARG D 33 21.58 -16.63 -70.35
N VAL D 34 22.15 -17.67 -69.75
CA VAL D 34 22.70 -17.56 -68.41
C VAL D 34 23.95 -18.44 -68.25
N SER D 35 25.04 -17.86 -67.75
CA SER D 35 26.27 -18.59 -67.42
C SER D 35 26.68 -18.47 -65.96
N VAL D 36 27.44 -19.45 -65.49
CA VAL D 36 28.06 -19.34 -64.19
C VAL D 36 29.48 -18.75 -64.33
N VAL D 37 29.74 -17.66 -63.63
CA VAL D 37 31.07 -17.05 -63.57
C VAL D 37 31.55 -17.06 -62.13
N GLY D 38 32.84 -17.30 -61.94
CA GLY D 38 33.38 -17.47 -60.58
C GLY D 38 34.88 -17.65 -60.56
N GLN D 39 35.43 -17.93 -59.38
CA GLN D 39 36.87 -18.15 -59.24
C GLN D 39 37.40 -19.36 -60.03
N PHE D 40 36.59 -20.38 -60.18
CA PHE D 40 36.96 -21.61 -60.91
C PHE D 40 37.00 -21.45 -62.44
N ASN D 41 37.26 -20.25 -62.93
CA ASN D 41 36.57 -19.77 -64.12
C ASN D 41 37.25 -18.46 -64.59
N TYR D 42 38.06 -17.88 -63.70
CA TYR D 42 38.53 -16.51 -63.89
C TYR D 42 37.42 -15.62 -64.40
N TRP D 43 36.18 -15.88 -63.97
CA TRP D 43 35.05 -14.98 -64.19
C TRP D 43 34.74 -14.86 -65.67
N ASP D 44 35.07 -15.92 -66.41
CA ASP D 44 34.86 -15.96 -67.86
C ASP D 44 33.45 -16.45 -68.21
N GLY D 45 32.61 -15.54 -68.70
CA GLY D 45 31.22 -15.85 -69.03
C GLY D 45 30.99 -16.78 -70.22
N ARG D 46 32.05 -17.04 -70.99
CA ARG D 46 31.90 -17.94 -72.15
C ARG D 46 32.25 -19.35 -71.74
N ARG D 47 32.92 -19.50 -70.61
CA ARG D 47 33.34 -20.82 -70.18
C ARG D 47 32.21 -21.80 -69.80
N HIS D 48 31.22 -21.32 -69.04
CA HIS D 48 30.23 -22.24 -68.46
C HIS D 48 28.79 -21.83 -68.65
N PRO D 49 28.31 -21.80 -69.89
CA PRO D 49 26.92 -21.47 -70.13
C PRO D 49 26.05 -22.56 -69.50
N MET D 50 24.83 -22.22 -69.12
CA MET D 50 23.92 -23.15 -68.46
C MET D 50 22.85 -23.54 -69.46
N ARG D 51 22.11 -24.61 -69.21
CA ARG D 51 21.01 -24.94 -70.08
C ARG D 51 19.67 -24.73 -69.35
N LEU D 52 18.74 -24.05 -70.01
CA LEU D 52 17.37 -23.84 -69.54
C LEU D 52 16.46 -25.08 -69.61
N ARG D 53 15.90 -25.46 -68.47
CA ARG D 53 14.84 -26.47 -68.41
C ARG D 53 13.52 -25.76 -68.70
N LYS D 54 13.03 -25.88 -69.93
CA LYS D 54 11.83 -25.15 -70.34
C LYS D 54 10.58 -25.43 -69.49
N GLU D 55 10.50 -26.61 -68.87
CA GLU D 55 9.31 -26.96 -68.08
C GLU D 55 9.14 -26.07 -66.85
N SER D 56 10.25 -25.64 -66.25
CA SER D 56 10.24 -25.06 -64.92
C SER D 56 10.82 -23.64 -64.89
N GLY D 57 11.49 -23.27 -65.97
CA GLY D 57 12.10 -21.94 -66.05
C GLY D 57 13.45 -21.84 -65.35
N ILE D 58 14.01 -22.99 -64.97
CA ILE D 58 15.25 -23.06 -64.23
C ILE D 58 16.45 -23.33 -65.14
N TRP D 59 17.52 -22.53 -65.00
CA TRP D 59 18.80 -22.81 -65.65
C TRP D 59 19.63 -23.67 -64.69
N GLU D 60 20.32 -24.66 -65.24
CA GLU D 60 21.06 -25.60 -64.41
C GLU D 60 22.33 -26.03 -65.12
N LEU D 61 23.36 -26.30 -64.32
CA LEU D 61 24.64 -26.72 -64.84
C LEU D 61 25.47 -27.26 -63.71
N PHE D 62 26.13 -28.37 -63.97
CA PHE D 62 27.03 -28.99 -63.03
C PHE D 62 28.40 -28.62 -63.53
N ILE D 63 29.27 -28.19 -62.60
CA ILE D 63 30.68 -27.87 -62.90
C ILE D 63 31.58 -28.70 -61.98
N PRO D 64 32.32 -29.66 -62.53
CA PRO D 64 33.26 -30.51 -61.79
C PRO D 64 34.41 -29.71 -61.21
N GLY D 65 34.85 -30.03 -60.00
CA GLY D 65 35.95 -29.27 -59.40
C GLY D 65 35.57 -27.95 -58.71
N ALA D 66 34.42 -27.37 -59.03
CA ALA D 66 33.93 -26.18 -58.28
C ALA D 66 33.51 -26.65 -56.91
N HIS D 67 33.91 -25.93 -55.87
CA HIS D 67 33.82 -26.49 -54.54
C HIS D 67 33.65 -25.40 -53.48
N ASN D 68 33.28 -25.81 -52.27
CA ASN D 68 33.00 -24.86 -51.19
C ASN D 68 34.15 -23.86 -51.04
N GLY D 69 33.80 -22.59 -50.93
CA GLY D 69 34.77 -21.58 -50.60
C GLY D 69 34.96 -20.58 -51.71
N GLN D 70 34.52 -20.95 -52.93
CA GLN D 70 34.75 -20.14 -54.14
C GLN D 70 33.62 -19.14 -54.39
N LEU D 71 34.00 -17.95 -54.85
CA LEU D 71 33.05 -16.91 -55.17
C LEU D 71 32.42 -17.18 -56.52
N TYR D 72 31.20 -16.69 -56.73
CA TYR D 72 30.50 -16.86 -58.00
C TYR D 72 29.27 -15.94 -58.16
N LYS D 73 28.88 -15.70 -59.41
CA LYS D 73 27.64 -15.03 -59.75
C LYS D 73 27.11 -15.66 -61.01
N TYR D 74 25.97 -15.16 -61.48
CA TYR D 74 25.43 -15.55 -62.77
C TYR D 74 25.60 -14.38 -63.73
N GLU D 75 26.13 -14.67 -64.91
CA GLU D 75 26.19 -13.68 -65.97
C GLU D 75 25.02 -13.96 -66.88
N MET D 76 24.20 -12.95 -67.12
CA MET D 76 22.92 -13.15 -67.79
C MET D 76 22.68 -12.17 -68.93
N ILE D 77 22.24 -12.68 -70.08
CA ILE D 77 21.61 -11.81 -71.07
C ILE D 77 20.10 -11.82 -70.74
N ASP D 78 19.64 -10.67 -70.26
CA ASP D 78 18.23 -10.29 -70.02
C ASP D 78 17.21 -10.76 -71.01
N ALA D 79 15.94 -10.69 -70.60
CA ALA D 79 14.85 -10.74 -71.55
C ALA D 79 14.96 -9.61 -72.57
N ASN D 80 15.58 -8.51 -72.16
CA ASN D 80 15.72 -7.32 -73.02
C ASN D 80 17.05 -7.25 -73.78
N GLY D 81 17.91 -8.25 -73.59
CA GLY D 81 19.20 -8.28 -74.27
C GLY D 81 20.38 -7.68 -73.50
N ASN D 82 20.13 -7.18 -72.31
CA ASN D 82 21.15 -6.53 -71.50
C ASN D 82 22.04 -7.51 -70.72
N LEU D 83 23.35 -7.29 -70.75
CA LEU D 83 24.29 -8.07 -69.97
C LEU D 83 24.28 -7.62 -68.48
N ARG D 84 24.03 -8.56 -67.56
CA ARG D 84 23.92 -8.26 -66.13
C ARG D 84 24.64 -9.32 -65.30
N LEU D 85 25.24 -8.91 -64.19
CA LEU D 85 25.79 -9.86 -63.23
C LEU D 85 24.88 -9.89 -62.00
N LYS D 86 24.43 -11.08 -61.63
CA LYS D 86 23.44 -11.26 -60.56
C LYS D 86 24.07 -12.08 -59.44
N SER D 87 23.81 -11.67 -58.21
CA SER D 87 24.08 -12.53 -57.07
C SER D 87 22.96 -13.57 -57.04
N ASP D 88 23.29 -14.77 -56.55
CA ASP D 88 22.30 -15.84 -56.39
C ASP D 88 21.24 -15.50 -55.31
N PRO D 89 19.95 -15.55 -55.68
CA PRO D 89 18.94 -15.26 -54.66
C PRO D 89 18.99 -16.29 -53.53
N TYR D 90 19.50 -17.48 -53.84
CA TYR D 90 19.64 -18.54 -52.84
C TYR D 90 21.07 -18.61 -52.28
N ALA D 91 21.79 -17.49 -52.34
CA ALA D 91 23.09 -17.42 -51.71
C ALA D 91 22.97 -17.79 -50.26
N PHE D 92 23.75 -18.79 -49.84
CA PHE D 92 23.73 -19.22 -48.45
C PHE D 92 24.79 -18.53 -47.62
N GLU D 93 25.74 -17.93 -48.31
CA GLU D 93 26.67 -17.01 -47.68
C GLU D 93 27.15 -16.04 -48.72
N ALA D 94 27.24 -14.78 -48.34
CA ALA D 94 27.70 -13.75 -49.23
C ALA D 94 29.11 -13.27 -48.89
N GLN D 95 29.72 -12.69 -49.91
CA GLN D 95 31.04 -12.11 -49.82
C GLN D 95 31.03 -10.92 -48.86
N MET D 96 32.13 -10.74 -48.14
CA MET D 96 32.36 -9.59 -47.31
C MET D 96 32.29 -8.34 -48.19
N ARG D 97 31.44 -7.40 -47.81
CA ARG D 97 31.17 -6.20 -48.61
C ARG D 97 32.45 -5.35 -48.79
N PRO D 98 32.42 -4.37 -49.70
CA PRO D 98 31.27 -3.86 -50.45
C PRO D 98 30.87 -4.74 -51.63
N GLU D 99 31.75 -5.64 -52.04
CA GLU D 99 31.47 -6.51 -53.19
C GLU D 99 30.38 -7.56 -52.88
N THR D 100 29.83 -8.20 -53.91
CA THR D 100 28.57 -8.95 -53.76
C THR D 100 28.52 -10.37 -54.36
N ALA D 101 29.66 -10.98 -54.62
CA ALA D 101 29.64 -12.36 -55.07
C ALA D 101 29.04 -13.26 -53.98
N SER D 102 28.39 -14.33 -54.43
CA SER D 102 27.96 -15.39 -53.52
C SER D 102 29.09 -16.41 -53.34
N LEU D 103 29.01 -17.15 -52.26
CA LEU D 103 30.04 -18.11 -51.91
C LEU D 103 29.41 -19.50 -51.94
N ILE D 104 30.15 -20.47 -52.50
CA ILE D 104 29.72 -21.87 -52.53
C ILE D 104 29.91 -22.48 -51.15
N CYS D 105 28.84 -22.99 -50.55
CA CYS D 105 28.93 -23.67 -49.26
C CYS D 105 27.86 -24.70 -48.99
N GLY D 106 26.75 -24.65 -49.72
CA GLY D 106 25.67 -25.64 -49.54
C GLY D 106 24.88 -25.40 -48.25
N LEU D 107 24.09 -26.40 -47.86
CA LEU D 107 23.21 -26.29 -46.72
C LEU D 107 23.90 -26.76 -45.45
N PRO D 108 23.59 -26.12 -44.30
CA PRO D 108 23.98 -26.71 -43.04
C PRO D 108 23.18 -28.00 -42.85
N GLU D 109 23.65 -28.85 -41.95
CA GLU D 109 22.90 -30.01 -41.51
C GLU D 109 21.57 -29.60 -40.82
N LYS D 110 20.53 -30.43 -40.97
CA LYS D 110 19.25 -30.18 -40.29
C LYS D 110 19.37 -30.20 -38.77
N VAL D 111 18.64 -29.29 -38.11
CA VAL D 111 18.53 -29.29 -36.65
C VAL D 111 17.14 -29.78 -36.31
N VAL D 112 17.02 -30.77 -35.42
CA VAL D 112 15.69 -31.23 -34.96
C VAL D 112 15.33 -30.44 -33.70
N GLN D 113 14.27 -29.63 -33.77
CA GLN D 113 13.79 -28.92 -32.59
C GLN D 113 13.42 -29.88 -31.46
N THR D 114 14.08 -29.75 -30.31
CA THR D 114 13.77 -30.61 -29.17
C THR D 114 12.38 -30.31 -28.60
N GLU D 115 11.78 -31.31 -27.97
CA GLU D 115 10.49 -31.14 -27.29
C GLU D 115 10.53 -30.00 -26.25
N GLU D 116 11.67 -29.84 -25.60
CA GLU D 116 11.74 -28.86 -24.56
C GLU D 116 11.61 -27.48 -25.19
N ARG D 117 12.11 -27.33 -26.39
CA ARG D 117 12.08 -26.02 -27.02
C ARG D 117 10.71 -25.71 -27.63
N LYS D 118 10.06 -26.75 -28.15
CA LYS D 118 8.66 -26.66 -28.57
C LYS D 118 7.75 -26.24 -27.41
N LYS D 119 7.96 -26.84 -26.26
CA LYS D 119 7.15 -26.52 -25.11
C LYS D 119 7.36 -25.05 -24.65
N ALA D 120 8.58 -24.54 -24.77
CA ALA D 120 8.84 -23.17 -24.32
C ALA D 120 8.16 -22.15 -25.21
N ASN D 121 7.57 -22.56 -26.34
CA ASN D 121 6.93 -21.61 -27.24
C ASN D 121 5.43 -21.56 -27.05
N GLN D 122 4.89 -22.54 -26.34
CA GLN D 122 3.44 -22.73 -26.28
C GLN D 122 2.72 -21.73 -25.35
N PHE D 123 1.41 -21.66 -25.50
CA PHE D 123 0.58 -20.68 -24.81
C PHE D 123 0.69 -20.71 -23.28
N ASP D 124 0.97 -21.87 -22.70
CA ASP D 124 1.04 -21.99 -21.25
C ASP D 124 2.48 -21.88 -20.71
N ALA D 125 3.43 -21.47 -21.55
CA ALA D 125 4.79 -21.24 -21.10
C ALA D 125 5.03 -19.77 -20.64
N PRO D 126 5.97 -19.60 -19.72
CA PRO D 126 6.45 -18.25 -19.41
C PRO D 126 7.30 -17.81 -20.57
N ILE D 127 6.92 -16.76 -21.27
CA ILE D 127 7.72 -16.33 -22.39
C ILE D 127 8.21 -14.92 -22.15
N SER D 128 9.50 -14.77 -21.88
CA SER D 128 10.13 -13.47 -21.66
C SER D 128 11.24 -13.22 -22.68
N ILE D 129 11.01 -12.25 -23.57
CA ILE D 129 11.89 -12.04 -24.69
C ILE D 129 12.82 -10.86 -24.51
N TYR D 130 14.09 -11.09 -24.77
CA TYR D 130 15.11 -10.03 -24.81
C TYR D 130 15.37 -9.71 -26.30
N GLU D 131 15.00 -8.51 -26.70
CA GLU D 131 15.11 -8.12 -28.10
C GLU D 131 16.43 -7.41 -28.33
N VAL D 132 17.17 -7.89 -29.34
CA VAL D 132 18.56 -7.48 -29.54
C VAL D 132 18.93 -7.17 -30.99
N HIS D 133 19.62 -6.06 -31.18
CA HIS D 133 20.20 -5.77 -32.48
C HIS D 133 21.67 -6.09 -32.33
N LEU D 134 22.17 -7.08 -33.07
CA LEU D 134 23.53 -7.60 -32.82
C LEU D 134 24.64 -6.59 -33.11
N GLY D 135 24.35 -5.61 -33.97
CA GLY D 135 25.36 -4.61 -34.35
C GLY D 135 25.49 -3.42 -33.39
N SER D 136 24.77 -3.44 -32.25
CA SER D 136 24.82 -2.31 -31.31
C SER D 136 24.55 -2.71 -29.85
N TRP D 137 24.56 -4.00 -29.58
CA TRP D 137 24.44 -4.48 -28.20
C TRP D 137 25.73 -4.11 -27.42
N ARG D 138 26.87 -4.64 -27.86
CA ARG D 138 28.20 -4.24 -27.36
C ARG D 138 29.18 -3.95 -28.50
N ARG D 139 30.28 -3.27 -28.18
CA ARG D 139 31.36 -3.01 -29.14
C ARG D 139 32.69 -3.14 -28.40
N HIS D 140 33.77 -3.43 -29.12
CA HIS D 140 35.08 -3.49 -28.48
C HIS D 140 35.54 -2.14 -27.92
N THR D 141 36.12 -2.18 -26.73
CA THR D 141 36.61 -1.02 -25.98
C THR D 141 37.23 0.11 -26.81
N ASP D 142 38.33 -0.15 -27.48
CA ASP D 142 38.73 0.83 -28.47
C ASP D 142 38.60 0.19 -29.84
N ASN D 143 38.62 1.06 -30.85
CA ASN D 143 38.27 0.71 -32.23
C ASN D 143 36.75 0.67 -32.44
N ASN D 144 36.00 0.39 -31.38
CA ASN D 144 34.52 0.41 -31.50
C ASN D 144 33.94 -0.62 -32.48
N PHE D 145 34.67 -1.73 -32.71
CA PHE D 145 34.28 -2.74 -33.72
C PHE D 145 33.16 -3.64 -33.19
N TRP D 146 32.37 -4.19 -34.09
CA TRP D 146 31.32 -5.17 -33.78
C TRP D 146 31.87 -6.37 -33.05
N LEU D 147 31.08 -6.97 -32.17
CA LEU D 147 31.41 -8.30 -31.69
C LEU D 147 31.14 -9.29 -32.82
N SER D 148 31.87 -10.40 -32.82
CA SER D 148 31.62 -11.45 -33.79
C SER D 148 30.54 -12.41 -33.22
N TYR D 149 29.92 -13.19 -34.11
CA TYR D 149 28.97 -14.21 -33.70
C TYR D 149 29.51 -14.96 -32.52
N ARG D 150 30.80 -15.26 -32.56
CA ARG D 150 31.40 -16.08 -31.53
C ARG D 150 31.57 -15.34 -30.23
N GLU D 151 31.90 -14.06 -30.32
CA GLU D 151 31.97 -13.24 -29.13
C GLU D 151 30.55 -13.03 -28.52
N LEU D 152 29.53 -12.91 -29.37
CA LEU D 152 28.16 -12.80 -28.89
C LEU D 152 27.75 -14.11 -28.21
N ALA D 153 28.24 -15.21 -28.76
CA ALA D 153 27.99 -16.52 -28.15
C ALA D 153 28.52 -16.60 -26.73
N ASP D 154 29.71 -16.09 -26.47
CA ASP D 154 30.17 -16.21 -25.10
C ASP D 154 29.88 -14.99 -24.22
N GLN D 155 29.23 -13.97 -24.78
CA GLN D 155 28.86 -12.79 -23.99
C GLN D 155 27.35 -12.57 -23.93
N LEU D 156 26.69 -12.37 -25.06
CA LEU D 156 25.27 -12.09 -25.03
C LEU D 156 24.46 -13.25 -24.44
N VAL D 157 24.79 -14.48 -24.85
CA VAL D 157 24.06 -15.67 -24.40
C VAL D 157 24.08 -15.84 -22.87
N PRO D 158 25.27 -15.83 -22.26
CA PRO D 158 25.28 -15.99 -20.80
C PRO D 158 24.60 -14.84 -20.09
N TYR D 159 24.65 -13.65 -20.67
CA TYR D 159 23.97 -12.50 -20.09
C TYR D 159 22.44 -12.68 -20.08
N ALA D 160 21.88 -13.10 -21.21
CA ALA D 160 20.43 -13.19 -21.34
C ALA D 160 19.98 -14.32 -20.46
N LYS D 161 20.79 -15.35 -20.37
CA LYS D 161 20.47 -16.45 -19.46
C LYS D 161 20.47 -16.03 -17.99
N TRP D 162 21.54 -15.37 -17.56
CA TRP D 162 21.65 -14.88 -16.18
C TRP D 162 20.46 -14.02 -15.74
N MET D 163 20.04 -13.14 -16.64
CA MET D 163 18.89 -12.25 -16.49
C MET D 163 17.55 -12.97 -16.51
N GLY D 164 17.53 -14.24 -16.89
CA GLY D 164 16.32 -15.02 -16.76
C GLY D 164 15.36 -14.92 -17.92
N PHE D 165 15.77 -14.34 -19.04
CA PHE D 165 14.92 -14.45 -20.22
C PHE D 165 14.83 -15.89 -20.71
N THR D 166 13.72 -16.21 -21.38
CA THR D 166 13.50 -17.55 -21.94
C THR D 166 13.83 -17.49 -23.41
N HIS D 167 13.70 -16.31 -24.01
CA HIS D 167 13.90 -16.21 -25.46
C HIS D 167 14.81 -15.03 -25.78
N LEU D 168 15.53 -15.19 -26.87
CA LEU D 168 16.29 -14.12 -27.45
C LEU D 168 15.61 -13.79 -28.76
N GLU D 169 15.36 -12.53 -29.06
CA GLU D 169 14.83 -12.16 -30.38
C GLU D 169 15.83 -11.29 -31.14
N LEU D 170 16.14 -11.65 -32.37
CA LEU D 170 17.12 -10.93 -33.16
C LEU D 170 16.48 -10.05 -34.23
N LEU D 171 16.85 -8.78 -34.29
CA LEU D 171 16.52 -7.97 -35.45
C LEU D 171 17.18 -8.69 -36.67
N PRO D 172 16.66 -8.48 -37.87
CA PRO D 172 16.93 -9.41 -39.00
C PRO D 172 18.41 -9.61 -39.25
N ILE D 173 18.85 -10.86 -39.25
CA ILE D 173 20.25 -11.13 -39.58
C ILE D 173 20.43 -11.46 -41.06
N ASN D 174 19.36 -11.47 -41.84
CA ASN D 174 19.54 -11.59 -43.28
C ASN D 174 20.51 -10.52 -43.80
N GLU D 175 21.29 -10.87 -44.82
CA GLU D 175 22.28 -9.96 -45.34
C GLU D 175 21.66 -8.64 -45.80
N HIS D 176 22.29 -7.53 -45.43
CA HIS D 176 21.76 -6.22 -45.81
C HIS D 176 22.88 -5.21 -45.89
N PRO D 177 22.79 -4.31 -46.88
CA PRO D 177 23.90 -3.39 -47.19
C PRO D 177 24.12 -2.20 -46.21
N PHE D 178 23.03 -1.57 -45.77
N PHE D 178 23.03 -1.60 -45.75
CA PHE D 178 23.17 -0.41 -44.91
CA PHE D 178 23.06 -0.35 -44.93
C PHE D 178 22.78 -0.69 -43.46
C PHE D 178 22.73 -0.63 -43.45
N ASP D 179 23.68 -0.34 -42.55
CA ASP D 179 23.46 -0.56 -41.09
C ASP D 179 22.16 0.06 -40.58
N GLY D 180 21.83 1.22 -41.11
CA GLY D 180 20.75 2.04 -40.59
C GLY D 180 19.38 1.52 -40.94
N SER D 181 19.30 0.48 -41.79
CA SER D 181 18.03 -0.18 -42.03
C SER D 181 17.68 -1.13 -40.87
N TRP D 182 18.66 -1.41 -40.01
CA TRP D 182 18.52 -2.39 -38.91
C TRP D 182 18.39 -3.84 -39.39
N GLY D 183 18.33 -4.01 -40.71
CA GLY D 183 18.19 -5.34 -41.31
C GLY D 183 16.88 -5.47 -42.06
N TYR D 184 16.03 -4.45 -42.00
CA TYR D 184 14.70 -4.52 -42.62
C TYR D 184 14.71 -4.20 -44.12
N GLN D 185 15.88 -3.89 -44.66
CA GLN D 185 16.01 -3.74 -46.10
C GLN D 185 17.10 -4.70 -46.55
N PRO D 186 16.74 -5.95 -46.73
CA PRO D 186 17.67 -7.05 -46.99
C PRO D 186 18.09 -7.10 -48.45
N THR D 187 19.16 -7.83 -48.75
CA THR D 187 19.51 -8.15 -50.14
C THR D 187 19.72 -9.65 -50.33
N GLY D 188 19.90 -10.37 -49.24
CA GLY D 188 20.16 -11.80 -49.34
C GLY D 188 19.43 -12.50 -48.22
N LEU D 189 18.21 -12.93 -48.52
CA LEU D 189 17.32 -13.61 -47.61
C LEU D 189 17.91 -14.89 -47.05
N TYR D 190 18.71 -15.61 -47.85
CA TYR D 190 19.15 -16.92 -47.36
C TYR D 190 20.52 -16.85 -46.72
N ALA D 191 21.12 -15.67 -46.71
CA ALA D 191 22.45 -15.47 -46.16
C ALA D 191 22.47 -14.64 -44.88
N PRO D 192 22.95 -15.25 -43.79
CA PRO D 192 23.16 -14.54 -42.54
C PRO D 192 24.25 -13.47 -42.74
N THR D 193 24.04 -12.27 -42.19
CA THR D 193 24.94 -11.17 -42.55
C THR D 193 26.38 -11.50 -42.21
N ARG D 194 27.30 -11.03 -43.06
CA ARG D 194 28.73 -11.33 -42.92
C ARG D 194 29.39 -10.42 -41.92
N ARG D 195 28.65 -9.43 -41.41
CA ARG D 195 29.18 -8.47 -40.43
C ARG D 195 29.86 -9.13 -39.22
N PHE D 196 29.35 -10.26 -38.74
CA PHE D 196 29.81 -10.82 -37.47
C PHE D 196 30.53 -12.16 -37.60
N GLY D 197 30.87 -12.54 -38.83
CA GLY D 197 31.59 -13.79 -39.11
C GLY D 197 30.88 -14.55 -40.22
N THR D 198 31.03 -15.87 -40.23
CA THR D 198 30.52 -16.72 -41.31
C THR D 198 29.14 -17.31 -40.99
N ARG D 199 28.53 -18.01 -41.94
CA ARG D 199 27.23 -18.64 -41.65
C ARG D 199 27.38 -19.77 -40.60
N ASP D 200 28.54 -20.42 -40.60
CA ASP D 200 28.88 -21.41 -39.57
C ASP D 200 29.09 -20.78 -38.17
N ASP D 201 29.67 -19.58 -38.15
CA ASP D 201 29.80 -18.81 -36.89
C ASP D 201 28.39 -18.51 -36.32
N PHE D 202 27.51 -18.01 -37.18
CA PHE D 202 26.12 -17.79 -36.79
C PHE D 202 25.44 -19.05 -36.25
N ARG D 203 25.69 -20.19 -36.87
CA ARG D 203 25.09 -21.43 -36.44
C ARG D 203 25.66 -21.82 -35.06
N TYR D 204 26.94 -21.51 -34.84
CA TYR D 204 27.57 -21.72 -33.55
C TYR D 204 26.92 -20.85 -32.45
N PHE D 205 26.53 -19.64 -32.83
CA PHE D 205 25.87 -18.72 -31.92
C PHE D 205 24.50 -19.25 -31.51
N ILE D 206 23.73 -19.74 -32.47
CA ILE D 206 22.41 -20.30 -32.20
C ILE D 206 22.54 -21.55 -31.31
N ASP D 207 23.49 -22.42 -31.65
CA ASP D 207 23.76 -23.64 -30.90
C ASP D 207 24.08 -23.30 -29.47
N ALA D 208 24.84 -22.24 -29.28
CA ALA D 208 25.19 -21.79 -27.95
C ALA D 208 23.96 -21.30 -27.19
N ALA D 209 23.13 -20.49 -27.83
CA ALA D 209 21.87 -20.07 -27.19
C ALA D 209 21.10 -21.31 -26.70
N HIS D 210 20.94 -22.31 -27.56
CA HIS D 210 20.19 -23.51 -27.22
C HIS D 210 20.80 -24.27 -26.03
N ALA D 211 22.12 -24.36 -26.01
CA ALA D 211 22.80 -25.08 -24.94
C ALA D 211 22.70 -24.28 -23.64
N ALA D 212 22.34 -23.01 -23.72
CA ALA D 212 22.16 -22.23 -22.48
C ALA D 212 20.72 -22.34 -22.00
N GLY D 213 19.87 -22.98 -22.80
CA GLY D 213 18.45 -23.09 -22.47
C GLY D 213 17.57 -21.95 -22.97
N LEU D 214 18.02 -21.23 -24.00
CA LEU D 214 17.21 -20.17 -24.64
C LEU D 214 16.62 -20.62 -25.95
N ASN D 215 15.42 -20.16 -26.26
CA ASN D 215 14.88 -20.29 -27.61
C ASN D 215 15.33 -19.04 -28.35
N VAL D 216 15.50 -19.15 -29.66
CA VAL D 216 15.83 -17.99 -30.45
C VAL D 216 14.71 -17.64 -31.42
N ILE D 217 14.28 -16.38 -31.38
CA ILE D 217 13.31 -15.84 -32.33
C ILE D 217 14.03 -15.00 -33.37
N LEU D 218 13.67 -15.17 -34.62
CA LEU D 218 14.23 -14.32 -35.63
C LEU D 218 13.20 -13.36 -36.24
N ASP D 219 13.58 -12.10 -36.39
CA ASP D 219 12.78 -11.20 -37.22
C ASP D 219 12.98 -11.60 -38.68
N TRP D 220 11.88 -11.96 -39.33
CA TRP D 220 11.89 -12.49 -40.67
C TRP D 220 11.18 -11.46 -41.51
N VAL D 221 11.61 -11.25 -42.74
CA VAL D 221 11.05 -10.12 -43.49
C VAL D 221 10.55 -10.40 -44.90
N PRO D 222 9.43 -11.11 -45.01
CA PRO D 222 8.81 -11.37 -46.32
C PRO D 222 8.08 -10.13 -46.83
N GLY D 223 8.00 -9.08 -46.01
CA GLY D 223 7.26 -7.90 -46.38
C GLY D 223 8.07 -6.75 -46.96
N HIS D 224 9.40 -6.89 -46.99
CA HIS D 224 10.23 -5.83 -47.58
C HIS D 224 11.04 -6.35 -48.78
N PHE D 225 10.59 -6.00 -49.97
CA PHE D 225 11.25 -6.44 -51.17
C PHE D 225 12.64 -5.77 -51.25
N PRO D 226 13.68 -6.54 -51.63
CA PRO D 226 14.99 -5.90 -51.73
C PRO D 226 14.98 -4.70 -52.70
N THR D 227 15.47 -3.55 -52.25
CA THR D 227 15.49 -2.35 -53.08
C THR D 227 16.90 -1.90 -53.41
N ASP D 228 17.91 -2.59 -52.87
CA ASP D 228 19.29 -2.17 -53.02
C ASP D 228 20.08 -3.10 -53.94
N ASP D 229 21.11 -2.55 -54.58
CA ASP D 229 22.08 -3.36 -55.37
C ASP D 229 21.43 -4.11 -56.51
N PHE D 230 20.31 -3.61 -57.04
CA PHE D 230 19.55 -4.36 -58.06
C PHE D 230 19.59 -5.86 -57.72
N ALA D 231 19.32 -6.18 -56.47
CA ALA D 231 19.51 -7.52 -55.92
C ALA D 231 18.44 -8.52 -56.36
N LEU D 232 17.21 -8.06 -56.57
CA LEU D 232 16.14 -8.98 -56.87
C LEU D 232 15.17 -8.44 -57.90
N ALA D 233 15.13 -7.12 -58.06
CA ALA D 233 14.22 -6.52 -59.01
C ALA D 233 14.59 -6.82 -60.48
N GLU D 234 13.57 -7.02 -61.30
CA GLU D 234 13.74 -7.27 -62.74
C GLU D 234 14.82 -8.31 -62.97
N PHE D 235 14.72 -9.41 -62.24
CA PHE D 235 15.81 -10.35 -62.12
C PHE D 235 16.24 -11.01 -63.43
N ASP D 236 15.30 -11.32 -64.30
CA ASP D 236 15.63 -11.88 -65.62
C ASP D 236 15.21 -10.93 -66.73
N GLY D 237 15.06 -9.65 -66.40
CA GLY D 237 14.64 -8.64 -67.36
C GLY D 237 13.15 -8.37 -67.35
N THR D 238 12.38 -9.22 -66.69
CA THR D 238 10.96 -8.98 -66.46
C THR D 238 10.71 -8.80 -64.97
N ASN D 239 9.47 -8.52 -64.62
CA ASN D 239 9.09 -8.44 -63.23
C ASN D 239 8.86 -9.85 -62.69
N LEU D 240 9.93 -10.51 -62.27
CA LEU D 240 9.85 -11.91 -61.90
C LEU D 240 9.29 -12.05 -60.49
N TYR D 241 10.02 -11.50 -59.52
CA TYR D 241 9.68 -11.61 -58.10
C TYR D 241 8.70 -10.55 -57.62
N GLU D 242 8.66 -9.43 -58.32
CA GLU D 242 7.87 -8.30 -57.86
C GLU D 242 6.66 -8.06 -58.76
N HIS D 243 5.64 -7.46 -58.15
CA HIS D 243 4.44 -7.04 -58.85
C HIS D 243 4.77 -5.89 -59.81
N SER D 244 3.99 -5.76 -60.88
CA SER D 244 4.21 -4.68 -61.86
C SER D 244 3.63 -3.34 -61.36
N ASN D 255 8.63 2.35 -58.81
CA ASN D 255 8.78 2.77 -57.41
C ASN D 255 7.93 1.95 -56.43
N THR D 256 8.32 1.98 -55.16
CA THR D 256 7.83 1.07 -54.11
C THR D 256 7.52 -0.34 -54.63
N LEU D 257 8.51 -1.21 -54.52
CA LEU D 257 8.38 -2.56 -55.01
C LEU D 257 7.79 -3.47 -53.92
N ILE D 258 6.88 -4.36 -54.34
CA ILE D 258 6.33 -5.40 -53.48
C ILE D 258 6.39 -6.77 -54.16
N TYR D 259 6.51 -7.83 -53.36
CA TYR D 259 6.50 -9.20 -53.90
C TYR D 259 5.18 -9.50 -54.59
N ASN D 260 5.27 -10.26 -55.69
CA ASN D 260 4.09 -10.82 -56.35
C ASN D 260 3.81 -12.10 -55.61
N TYR D 261 3.28 -11.96 -54.40
CA TYR D 261 3.01 -13.09 -53.52
C TYR D 261 2.15 -14.17 -54.17
N GLY D 262 1.35 -13.82 -55.16
CA GLY D 262 0.45 -14.77 -55.81
C GLY D 262 1.12 -15.72 -56.79
N ARG D 263 2.39 -15.47 -57.11
CA ARG D 263 3.13 -16.33 -58.02
C ARG D 263 3.79 -17.47 -57.26
N ARG D 264 3.58 -18.70 -57.74
CA ARG D 264 3.90 -19.88 -56.94
C ARG D 264 5.37 -19.94 -56.57
N GLU D 265 6.23 -19.61 -57.52
CA GLU D 265 7.65 -19.65 -57.29
C GLU D 265 8.11 -18.58 -56.31
N VAL D 266 7.43 -17.43 -56.31
CA VAL D 266 7.73 -16.35 -55.37
C VAL D 266 7.29 -16.79 -53.97
N SER D 267 6.09 -17.35 -53.89
CA SER D 267 5.58 -17.80 -52.62
C SER D 267 6.49 -18.90 -52.10
N ASN D 268 6.95 -19.80 -52.98
CA ASN D 268 7.87 -20.87 -52.57
C ASN D 268 9.23 -20.35 -52.09
N PHE D 269 9.80 -19.39 -52.82
CA PHE D 269 10.99 -18.70 -52.36
C PHE D 269 10.87 -18.25 -50.87
N LEU D 270 9.78 -17.54 -50.54
CA LEU D 270 9.58 -16.98 -49.19
C LEU D 270 9.23 -18.02 -48.09
N VAL D 271 8.33 -18.95 -48.43
CA VAL D 271 7.93 -20.01 -47.52
C VAL D 271 9.11 -20.92 -47.24
N GLY D 272 9.83 -21.30 -48.29
CA GLY D 272 11.09 -22.05 -48.11
C GLY D 272 12.09 -21.34 -47.21
N ASN D 273 12.18 -20.02 -47.34
CA ASN D 273 13.08 -19.24 -46.49
C ASN D 273 12.77 -19.45 -45.01
N ALA D 274 11.49 -19.38 -44.65
CA ALA D 274 11.07 -19.67 -43.26
C ALA D 274 11.47 -21.09 -42.82
N LEU D 275 11.23 -22.05 -43.70
CA LEU D 275 11.62 -23.42 -43.41
C LEU D 275 13.13 -23.56 -43.25
N TYR D 276 13.88 -22.87 -44.12
CA TYR D 276 15.35 -22.88 -44.08
C TYR D 276 15.84 -22.40 -42.70
N TRP D 277 15.38 -21.23 -42.26
CA TRP D 277 15.84 -20.73 -40.96
C TRP D 277 15.53 -21.72 -39.85
N ILE D 278 14.32 -22.26 -39.88
CA ILE D 278 13.93 -23.15 -38.81
C ILE D 278 14.71 -24.47 -38.87
N GLU D 279 14.77 -25.13 -40.03
CA GLU D 279 15.31 -26.49 -40.11
C GLU D 279 16.82 -26.57 -40.21
N ARG D 280 17.44 -25.56 -40.80
CA ARG D 280 18.86 -25.60 -41.05
C ARG D 280 19.66 -24.79 -40.04
N PHE D 281 19.02 -23.83 -39.40
CA PHE D 281 19.70 -23.10 -38.33
C PHE D 281 19.15 -23.40 -36.96
N GLY D 282 17.99 -24.04 -36.88
CA GLY D 282 17.39 -24.31 -35.57
C GLY D 282 16.69 -23.09 -34.92
N ILE D 283 16.29 -22.11 -35.71
CA ILE D 283 15.54 -20.98 -35.21
C ILE D 283 14.22 -21.50 -34.67
N ASP D 284 13.80 -21.02 -33.51
CA ASP D 284 12.61 -21.61 -32.85
C ASP D 284 11.27 -20.96 -33.14
N ALA D 285 11.29 -19.78 -33.77
CA ALA D 285 10.10 -18.96 -33.93
C ALA D 285 10.45 -17.83 -34.86
N LEU D 286 9.46 -17.28 -35.55
CA LEU D 286 9.68 -16.18 -36.45
C LEU D 286 8.70 -15.00 -36.22
N ARG D 287 9.22 -13.79 -36.37
CA ARG D 287 8.40 -12.62 -36.23
C ARG D 287 8.30 -11.83 -37.54
N VAL D 288 7.07 -11.58 -37.97
CA VAL D 288 6.81 -10.72 -39.11
C VAL D 288 6.38 -9.28 -38.71
N ASP D 289 7.19 -8.28 -39.07
CA ASP D 289 6.91 -6.87 -38.78
C ASP D 289 6.08 -6.23 -39.90
N ALA D 290 5.48 -5.08 -39.61
CA ALA D 290 4.81 -4.24 -40.62
C ALA D 290 3.78 -4.99 -41.46
N VAL D 291 3.02 -5.89 -40.81
CA VAL D 291 2.05 -6.71 -41.54
C VAL D 291 1.05 -5.82 -42.25
N ALA D 292 0.75 -4.67 -41.66
CA ALA D 292 -0.22 -3.77 -42.28
C ALA D 292 0.21 -3.29 -43.67
N SER D 293 1.49 -3.07 -43.86
CA SER D 293 1.96 -2.73 -45.19
C SER D 293 1.88 -3.91 -46.20
N MET D 294 1.82 -5.14 -45.71
CA MET D 294 1.61 -6.26 -46.65
C MET D 294 0.14 -6.39 -47.00
N ILE D 295 -0.72 -6.23 -46.01
CA ILE D 295 -2.11 -6.51 -46.26
C ILE D 295 -2.91 -5.34 -46.88
N TYR D 296 -2.38 -4.13 -46.82
CA TYR D 296 -3.03 -2.98 -47.44
C TYR D 296 -2.20 -2.30 -48.54
N ARG D 297 -2.86 -2.01 -49.67
CA ARG D 297 -2.29 -1.17 -50.73
C ARG D 297 -1.83 0.20 -50.21
N ASP D 298 -2.74 0.94 -49.58
CA ASP D 298 -2.37 2.16 -48.83
C ASP D 298 -3.43 2.49 -47.77
N GLY D 313 -11.38 -2.56 -53.62
CA GLY D 313 -11.17 -2.48 -52.17
C GLY D 313 -9.72 -2.28 -51.78
N ARG D 314 -9.48 -1.97 -50.51
CA ARG D 314 -8.13 -1.62 -50.02
C ARG D 314 -7.20 -2.81 -49.73
N GLU D 315 -7.75 -3.98 -49.46
CA GLU D 315 -6.94 -5.13 -49.04
C GLU D 315 -6.21 -5.88 -50.18
N ASN D 316 -5.01 -6.34 -49.89
CA ASN D 316 -4.25 -7.19 -50.81
C ASN D 316 -4.53 -8.67 -50.51
N LEU D 317 -5.51 -9.22 -51.23
CA LEU D 317 -5.96 -10.58 -51.00
C LEU D 317 -4.83 -11.60 -51.11
N GLU D 318 -3.91 -11.39 -52.03
CA GLU D 318 -2.77 -12.29 -52.23
C GLU D 318 -1.79 -12.26 -51.08
N ALA D 319 -1.53 -11.09 -50.52
CA ALA D 319 -0.62 -11.06 -49.40
C ALA D 319 -1.30 -11.73 -48.20
N ILE D 320 -2.61 -11.52 -48.05
CA ILE D 320 -3.35 -12.11 -46.94
C ILE D 320 -3.31 -13.63 -47.07
N GLU D 321 -3.53 -14.10 -48.30
CA GLU D 321 -3.54 -15.53 -48.61
C GLU D 321 -2.12 -16.10 -48.39
N PHE D 322 -1.09 -15.35 -48.78
CA PHE D 322 0.27 -15.78 -48.51
C PHE D 322 0.53 -15.97 -47.00
N LEU D 323 0.18 -14.99 -46.17
CA LEU D 323 0.38 -15.12 -44.71
C LEU D 323 -0.35 -16.35 -44.12
N ARG D 324 -1.63 -16.48 -44.45
CA ARG D 324 -2.43 -17.63 -44.06
C ARG D 324 -1.77 -18.92 -44.48
N ASN D 325 -1.35 -18.97 -45.73
CA ASN D 325 -0.78 -20.19 -46.28
C ASN D 325 0.55 -20.52 -45.63
N THR D 326 1.36 -19.49 -45.41
CA THR D 326 2.64 -19.69 -44.78
C THR D 326 2.48 -20.30 -43.41
N ASN D 327 1.63 -19.69 -42.58
CA ASN D 327 1.31 -20.20 -41.24
C ASN D 327 0.74 -21.65 -41.32
N ARG D 328 -0.16 -21.92 -42.27
CA ARG D 328 -0.57 -23.32 -42.43
C ARG D 328 0.61 -24.25 -42.66
N ILE D 329 1.49 -23.92 -43.60
CA ILE D 329 2.60 -24.81 -43.93
C ILE D 329 3.52 -25.01 -42.73
N LEU D 330 3.90 -23.90 -42.07
CA LEU D 330 4.71 -23.95 -40.85
C LEU D 330 4.06 -24.83 -39.76
N GLY D 331 2.75 -24.68 -39.58
CA GLY D 331 2.07 -25.51 -38.59
C GLY D 331 2.15 -27.00 -38.90
N GLU D 332 2.16 -27.36 -40.19
CA GLU D 332 2.23 -28.78 -40.58
C GLU D 332 3.66 -29.34 -40.62
N GLN D 333 4.61 -28.56 -41.12
CA GLN D 333 5.94 -29.07 -41.37
C GLN D 333 6.86 -28.97 -40.16
N VAL D 334 6.63 -27.98 -39.32
CA VAL D 334 7.51 -27.74 -38.20
C VAL D 334 6.73 -27.35 -36.96
N SER D 335 5.74 -28.17 -36.63
CA SER D 335 4.87 -27.89 -35.48
C SER D 335 5.72 -27.68 -34.23
N GLY D 336 5.40 -26.67 -33.41
CA GLY D 336 6.22 -26.40 -32.24
C GLY D 336 7.00 -25.11 -32.42
N ALA D 337 7.35 -24.80 -33.67
CA ALA D 337 7.99 -23.54 -34.03
C ALA D 337 6.91 -22.45 -34.27
N VAL D 338 6.80 -21.44 -33.41
CA VAL D 338 5.68 -20.50 -33.54
C VAL D 338 5.99 -19.27 -34.40
N THR D 339 4.96 -18.57 -34.83
CA THR D 339 5.13 -17.30 -35.53
C THR D 339 4.42 -16.19 -34.78
N MET D 340 4.99 -14.99 -34.84
CA MET D 340 4.45 -13.85 -34.14
C MET D 340 4.35 -12.73 -35.16
N ALA D 341 3.43 -11.79 -34.96
CA ALA D 341 3.23 -10.71 -35.92
C ALA D 341 3.07 -9.37 -35.22
N GLU D 342 3.51 -8.32 -35.91
CA GLU D 342 3.10 -6.98 -35.52
C GLU D 342 2.23 -6.41 -36.63
N GLU D 343 1.02 -5.99 -36.26
CA GLU D 343 0.06 -5.48 -37.24
C GLU D 343 -0.55 -4.24 -36.60
N SER D 344 -0.57 -3.12 -37.30
CA SER D 344 -0.88 -1.88 -36.59
C SER D 344 -2.22 -1.26 -36.88
N THR D 345 -3.18 -2.01 -37.40
CA THR D 345 -4.44 -1.40 -37.76
C THR D 345 -5.65 -2.13 -37.18
N ASP D 346 -5.42 -3.03 -36.24
CA ASP D 346 -6.53 -3.79 -35.66
C ASP D 346 -7.23 -4.72 -36.66
N PHE D 347 -6.47 -5.26 -37.60
CA PHE D 347 -7.00 -6.31 -38.45
C PHE D 347 -7.46 -7.44 -37.54
N PRO D 348 -8.72 -7.86 -37.66
CA PRO D 348 -9.24 -8.89 -36.75
C PRO D 348 -8.59 -10.26 -36.96
N GLY D 349 -8.30 -10.94 -35.86
CA GLY D 349 -7.93 -12.35 -35.92
C GLY D 349 -6.52 -12.64 -36.42
N VAL D 350 -5.63 -11.68 -36.24
CA VAL D 350 -4.24 -11.80 -36.71
C VAL D 350 -3.65 -13.08 -36.18
N SER D 351 -3.90 -13.37 -34.90
CA SER D 351 -3.42 -14.61 -34.29
C SER D 351 -4.55 -15.64 -34.12
N ARG D 352 -5.50 -15.66 -35.04
CA ARG D 352 -6.60 -16.64 -35.00
C ARG D 352 -6.51 -17.55 -36.20
N PRO D 353 -7.04 -18.78 -36.11
CA PRO D 353 -6.92 -19.77 -37.20
C PRO D 353 -7.48 -19.30 -38.52
N GLN D 354 -6.81 -19.69 -39.60
CA GLN D 354 -7.20 -19.33 -40.96
C GLN D 354 -8.62 -19.75 -41.31
N ASP D 355 -9.09 -20.89 -40.80
CA ASP D 355 -10.41 -21.36 -41.18
C ASP D 355 -11.56 -20.43 -40.80
N MET D 356 -11.46 -19.77 -39.67
CA MET D 356 -12.48 -18.79 -39.34
C MET D 356 -12.03 -17.36 -39.60
N GLY D 357 -11.25 -17.12 -40.64
CA GLY D 357 -10.98 -15.75 -41.07
C GLY D 357 -9.68 -15.15 -40.56
N GLY D 358 -8.96 -15.85 -39.69
CA GLY D 358 -7.71 -15.29 -39.16
C GLY D 358 -6.52 -15.39 -40.11
N LEU D 359 -5.41 -14.84 -39.67
CA LEU D 359 -4.14 -14.89 -40.38
C LEU D 359 -3.29 -16.10 -39.99
N GLY D 360 -3.60 -16.71 -38.85
CA GLY D 360 -2.91 -17.92 -38.42
C GLY D 360 -1.64 -17.76 -37.60
N PHE D 361 -1.20 -16.54 -37.28
CA PHE D 361 -0.05 -16.36 -36.40
C PHE D 361 -0.43 -16.94 -35.04
N TRP D 362 0.59 -17.23 -34.25
CA TRP D 362 0.39 -17.73 -32.89
C TRP D 362 0.30 -16.59 -31.83
N TYR D 363 1.08 -15.53 -32.01
CA TYR D 363 1.07 -14.42 -31.09
C TYR D 363 1.01 -13.13 -31.85
N LYS D 364 0.51 -12.08 -31.21
CA LYS D 364 0.48 -10.72 -31.77
C LYS D 364 1.07 -9.70 -30.82
N TRP D 365 1.80 -8.71 -31.33
CA TRP D 365 2.28 -7.60 -30.49
C TRP D 365 1.12 -6.75 -29.99
N ASN D 366 1.05 -6.48 -28.69
CA ASN D 366 -0.03 -5.65 -28.18
C ASN D 366 0.37 -4.18 -28.26
N LEU D 367 0.38 -3.60 -29.46
CA LEU D 367 0.71 -2.18 -29.57
C LEU D 367 -0.23 -1.27 -28.78
N GLY D 368 -1.49 -1.68 -28.72
CA GLY D 368 -2.49 -0.96 -27.95
C GLY D 368 -2.04 -0.77 -26.52
N TRP D 369 -1.60 -1.86 -25.90
CA TRP D 369 -1.24 -1.85 -24.50
C TRP D 369 -0.03 -0.97 -24.28
N MET D 370 0.94 -1.09 -25.19
CA MET D 370 2.13 -0.27 -25.15
C MET D 370 1.81 1.24 -25.23
N HIS D 371 0.91 1.64 -26.12
CA HIS D 371 0.55 3.06 -26.22
C HIS D 371 -0.20 3.54 -24.98
N ASP D 372 -1.14 2.71 -24.50
CA ASP D 372 -1.99 3.08 -23.37
C ASP D 372 -1.19 3.21 -22.09
N THR D 373 -0.40 2.19 -21.74
CA THR D 373 0.35 2.18 -20.51
C THR D 373 1.46 3.24 -20.49
N LEU D 374 2.11 3.44 -21.65
CA LEU D 374 3.14 4.47 -21.77
C LEU D 374 2.54 5.88 -21.64
N ASP D 375 1.39 6.11 -22.28
CA ASP D 375 0.69 7.37 -22.13
C ASP D 375 0.35 7.61 -20.65
N TYR D 376 -0.08 6.55 -19.95
CA TYR D 376 -0.39 6.64 -18.53
C TYR D 376 0.84 6.98 -17.69
N MET D 377 1.96 6.31 -17.96
CA MET D 377 3.17 6.49 -17.18
C MET D 377 3.74 7.88 -17.37
N LYS D 378 3.53 8.47 -18.55
N LYS D 378 3.52 8.46 -18.55
CA LYS D 378 4.05 9.79 -18.85
CA LYS D 378 4.01 9.76 -18.88
C LYS D 378 3.30 10.87 -18.09
C LYS D 378 3.32 10.83 -18.05
N LEU D 379 2.08 10.55 -17.66
CA LEU D 379 1.25 11.50 -16.92
C LEU D 379 1.83 11.74 -15.55
N ASP D 380 1.81 13.00 -15.09
CA ASP D 380 2.12 13.25 -13.69
C ASP D 380 1.12 12.51 -12.83
N PRO D 381 1.59 11.95 -11.72
CA PRO D 381 0.67 11.28 -10.82
C PRO D 381 -0.57 12.12 -10.47
N VAL D 382 -0.47 13.45 -10.40
CA VAL D 382 -1.67 14.27 -10.08
C VAL D 382 -2.75 14.20 -11.16
N TYR D 383 -2.39 13.81 -12.37
CA TYR D 383 -3.41 13.68 -13.41
C TYR D 383 -3.90 12.25 -13.59
N ARG D 384 -3.26 11.30 -12.92
CA ARG D 384 -3.50 9.89 -13.27
C ARG D 384 -4.91 9.39 -12.91
N GLN D 385 -5.52 10.03 -11.92
CA GLN D 385 -6.86 9.70 -11.52
C GLN D 385 -7.89 9.94 -12.65
N TYR D 386 -7.52 10.74 -13.64
CA TYR D 386 -8.44 11.02 -14.76
C TYR D 386 -8.21 10.07 -15.96
N HIS D 387 -7.21 9.21 -15.88
CA HIS D 387 -6.89 8.37 -17.02
C HIS D 387 -6.70 6.90 -16.62
N HIS D 388 -7.39 6.50 -15.56
CA HIS D 388 -7.40 5.12 -15.06
C HIS D 388 -7.73 4.10 -16.18
N ASP D 389 -8.57 4.51 -17.12
CA ASP D 389 -9.05 3.63 -18.16
C ASP D 389 -7.88 3.17 -19.03
N LYS D 390 -6.75 3.88 -18.97
CA LYS D 390 -5.58 3.50 -19.76
C LYS D 390 -4.98 2.20 -19.28
N LEU D 391 -5.21 1.88 -18.01
CA LEU D 391 -4.64 0.66 -17.43
C LEU D 391 -5.70 -0.47 -17.37
N THR D 392 -6.98 -0.12 -17.39
CA THR D 392 -8.01 -1.15 -17.26
C THR D 392 -8.47 -1.65 -18.63
N PHE D 393 -8.33 -0.83 -19.66
CA PHE D 393 -8.81 -1.14 -21.01
C PHE D 393 -8.20 -2.46 -21.54
N GLY D 394 -6.93 -2.72 -21.23
CA GLY D 394 -6.27 -3.89 -21.77
C GLY D 394 -7.01 -5.21 -21.59
N ILE D 395 -7.70 -5.34 -20.45
CA ILE D 395 -8.35 -6.60 -20.11
C ILE D 395 -9.57 -6.80 -21.01
N LEU D 396 -10.25 -5.70 -21.36
CA LEU D 396 -11.36 -5.78 -22.30
C LEU D 396 -11.12 -6.59 -23.58
N TYR D 397 -9.98 -6.39 -24.26
CA TYR D 397 -9.72 -7.04 -25.56
C TYR D 397 -8.63 -8.11 -25.47
N ASN D 398 -8.18 -8.40 -24.25
CA ASN D 398 -7.15 -9.40 -24.06
C ASN D 398 -7.46 -10.79 -24.68
N TYR D 399 -8.73 -11.16 -24.74
CA TYR D 399 -9.12 -12.52 -25.20
C TYR D 399 -9.45 -12.60 -26.70
N THR D 400 -9.13 -11.52 -27.44
CA THR D 400 -9.32 -11.50 -28.90
C THR D 400 -8.06 -11.86 -29.69
N GLU D 401 -6.91 -11.87 -29.02
CA GLU D 401 -5.63 -12.16 -29.65
C GLU D 401 -4.77 -12.73 -28.55
N ASN D 402 -3.73 -13.50 -28.90
CA ASN D 402 -2.79 -13.94 -27.89
C ASN D 402 -1.61 -12.96 -27.94
N PHE D 403 -1.43 -12.20 -26.88
CA PHE D 403 -0.63 -11.00 -26.94
C PHE D 403 0.75 -11.21 -26.37
N VAL D 404 1.72 -10.58 -27.01
CA VAL D 404 2.98 -10.23 -26.40
C VAL D 404 2.92 -8.73 -26.01
N LEU D 405 3.35 -8.39 -24.79
CA LEU D 405 3.47 -6.98 -24.34
C LEU D 405 4.87 -6.46 -24.66
N PRO D 406 4.97 -5.51 -25.59
CA PRO D 406 6.30 -5.24 -26.18
C PRO D 406 6.84 -3.87 -25.86
N LEU D 407 7.98 -3.82 -25.21
CA LEU D 407 8.69 -2.55 -25.09
C LEU D 407 9.88 -2.67 -26.03
N SER D 408 9.69 -2.27 -27.29
CA SER D 408 10.59 -2.67 -28.35
C SER D 408 11.46 -1.53 -28.89
N HIS D 409 12.30 -1.87 -29.87
CA HIS D 409 13.26 -0.95 -30.41
C HIS D 409 12.55 0.23 -31.05
N ASP D 410 11.33 0.03 -31.57
CA ASP D 410 10.62 1.09 -32.28
C ASP D 410 10.24 2.24 -31.32
N GLU D 411 10.11 1.95 -30.03
CA GLU D 411 9.66 2.98 -29.08
C GLU D 411 10.80 3.82 -28.50
N VAL D 412 12.04 3.52 -28.87
CA VAL D 412 13.18 4.22 -28.25
C VAL D 412 14.15 4.87 -29.25
N VAL D 413 13.57 5.40 -30.32
CA VAL D 413 14.34 6.03 -31.37
C VAL D 413 13.57 7.22 -31.88
N HIS D 414 14.21 7.97 -32.77
CA HIS D 414 13.57 9.03 -33.55
C HIS D 414 12.94 10.10 -32.69
N GLY D 415 13.59 10.49 -31.59
CA GLY D 415 13.04 11.53 -30.76
C GLY D 415 11.86 11.09 -29.90
N LYS D 416 11.61 9.79 -29.84
CA LYS D 416 10.62 9.28 -28.91
C LYS D 416 11.13 9.09 -27.47
N LYS D 417 12.43 9.31 -27.25
CA LYS D 417 13.03 9.14 -25.93
C LYS D 417 13.09 7.69 -25.46
N SER D 418 13.91 7.49 -24.44
CA SER D 418 13.99 6.21 -23.76
C SER D 418 12.73 5.98 -22.95
N ILE D 419 12.59 4.75 -22.44
CA ILE D 419 11.51 4.50 -21.51
C ILE D 419 11.72 5.35 -20.26
N LEU D 420 12.94 5.36 -19.74
CA LEU D 420 13.22 6.08 -18.51
C LEU D 420 12.85 7.57 -18.64
N ASP D 421 13.20 8.18 -19.78
CA ASP D 421 12.95 9.62 -20.00
C ASP D 421 11.49 10.01 -20.24
N ARG D 422 10.58 9.05 -20.32
CA ARG D 422 9.17 9.38 -20.32
C ARG D 422 8.66 9.57 -18.87
N MET D 423 9.42 9.13 -17.85
CA MET D 423 8.88 9.04 -16.50
C MET D 423 8.85 10.42 -15.80
N PRO D 424 7.76 10.72 -15.08
CA PRO D 424 7.67 12.05 -14.45
C PRO D 424 8.34 12.10 -13.08
N GLY D 425 8.72 13.31 -12.63
CA GLY D 425 9.12 13.51 -11.25
C GLY D 425 10.60 13.75 -11.08
N ASP D 426 11.08 13.74 -9.85
CA ASP D 426 12.52 13.92 -9.60
C ASP D 426 13.23 12.62 -9.91
N ALA D 427 14.53 12.58 -9.74
CA ALA D 427 15.31 11.36 -10.09
C ALA D 427 14.78 10.08 -9.42
N TRP D 428 14.53 10.14 -8.12
CA TRP D 428 14.05 9.01 -7.37
C TRP D 428 12.71 8.52 -7.93
N GLN D 429 11.84 9.48 -8.28
CA GLN D 429 10.52 9.11 -8.76
C GLN D 429 10.57 8.51 -10.18
N LYS D 430 11.53 8.95 -10.97
CA LYS D 430 11.61 8.51 -12.36
C LYS D 430 11.92 7.01 -12.36
N PHE D 431 12.92 6.62 -11.61
CA PHE D 431 13.22 5.22 -11.44
C PHE D 431 12.09 4.41 -10.77
N ALA D 432 11.38 5.02 -9.81
CA ALA D 432 10.35 4.31 -9.06
C ALA D 432 9.18 3.99 -9.97
N ASN D 433 8.79 4.98 -10.77
CA ASN D 433 7.78 4.79 -11.80
C ASN D 433 8.14 3.64 -12.77
N LEU D 434 9.37 3.65 -13.29
CA LEU D 434 9.82 2.58 -14.19
C LEU D 434 9.71 1.17 -13.54
N ARG D 435 10.18 1.05 -12.32
CA ARG D 435 10.14 -0.23 -11.63
C ARG D 435 8.66 -0.66 -11.43
N ALA D 436 7.80 0.32 -11.14
CA ALA D 436 6.41 0.00 -10.85
C ALA D 436 5.79 -0.49 -12.12
N TYR D 437 6.17 0.16 -13.20
CA TYR D 437 5.68 -0.20 -14.53
C TYR D 437 6.13 -1.61 -14.94
N TYR D 438 7.41 -1.90 -14.79
CA TYR D 438 7.89 -3.25 -15.08
C TYR D 438 7.14 -4.29 -14.25
N GLY D 439 6.86 -3.96 -12.99
CA GLY D 439 6.17 -4.89 -12.09
C GLY D 439 4.75 -5.18 -12.55
N TRP D 440 4.08 -4.14 -13.05
CA TRP D 440 2.75 -4.23 -13.65
C TRP D 440 2.85 -5.04 -14.94
N MET D 441 3.80 -4.68 -15.80
CA MET D 441 3.96 -5.34 -17.10
C MET D 441 4.15 -6.85 -16.94
N TRP D 442 5.08 -7.27 -16.10
CA TRP D 442 5.28 -8.69 -15.90
C TRP D 442 4.10 -9.43 -15.25
N ALA D 443 3.16 -8.72 -14.66
CA ALA D 443 2.06 -9.42 -14.01
C ALA D 443 0.84 -9.49 -14.90
N PHE D 444 0.76 -8.57 -15.85
CA PHE D 444 -0.40 -8.41 -16.71
C PHE D 444 -0.48 -9.52 -17.77
N PRO D 445 -1.70 -9.94 -18.15
CA PRO D 445 -1.82 -11.03 -19.15
C PRO D 445 -1.15 -10.68 -20.48
N GLY D 446 -0.32 -11.59 -20.94
CA GLY D 446 0.48 -11.39 -22.14
C GLY D 446 1.88 -11.91 -21.89
N LYS D 447 2.55 -12.31 -22.97
CA LYS D 447 3.95 -12.67 -22.84
C LYS D 447 4.79 -11.38 -22.80
N LYS D 448 6.08 -11.50 -22.45
CA LYS D 448 6.91 -10.27 -22.26
C LYS D 448 7.94 -10.06 -23.34
N LEU D 449 8.06 -8.80 -23.78
CA LEU D 449 9.14 -8.41 -24.65
C LEU D 449 9.81 -7.09 -24.27
N LEU D 450 11.13 -7.16 -24.13
CA LEU D 450 11.95 -6.06 -23.66
C LEU D 450 13.17 -5.82 -24.55
N PHE D 451 13.31 -4.62 -25.10
CA PHE D 451 14.47 -4.29 -25.91
C PHE D 451 15.69 -3.98 -25.08
N MET D 452 16.83 -4.43 -25.55
CA MET D 452 18.12 -4.23 -24.89
C MET D 452 18.28 -2.75 -24.53
N GLY D 453 18.77 -2.50 -23.32
CA GLY D 453 18.95 -1.14 -22.84
C GLY D 453 17.86 -0.83 -21.82
N ASN D 454 16.66 -1.34 -22.06
CA ASN D 454 15.55 -1.06 -21.16
C ASN D 454 15.80 -1.71 -19.81
N GLU D 455 16.52 -2.83 -19.80
CA GLU D 455 16.66 -3.56 -18.55
C GLU D 455 17.60 -2.86 -17.58
N PHE D 456 18.41 -1.91 -18.06
CA PHE D 456 19.16 -1.13 -17.09
C PHE D 456 18.80 0.33 -17.11
N ALA D 457 17.67 0.63 -17.71
CA ALA D 457 17.15 1.98 -17.72
C ALA D 457 18.12 2.95 -18.37
N GLN D 458 18.61 2.61 -19.56
CA GLN D 458 19.36 3.54 -20.35
C GLN D 458 18.62 4.89 -20.48
N GLY D 459 19.35 6.00 -20.36
CA GLY D 459 18.76 7.32 -20.50
C GLY D 459 18.66 7.78 -21.94
N ARG D 460 19.71 7.54 -22.72
CA ARG D 460 19.68 7.87 -24.15
C ARG D 460 18.80 6.92 -24.99
N GLU D 461 18.31 7.44 -26.10
CA GLU D 461 17.66 6.68 -27.13
C GLU D 461 18.55 5.57 -27.72
N TRP D 462 17.95 4.58 -28.39
CA TRP D 462 18.79 3.56 -29.00
C TRP D 462 19.58 4.11 -30.20
N ASN D 463 20.89 3.85 -30.21
CA ASN D 463 21.76 4.19 -31.34
C ASN D 463 22.35 2.92 -31.99
N HIS D 464 21.82 2.55 -33.14
CA HIS D 464 22.22 1.31 -33.82
C HIS D 464 23.67 1.38 -34.25
N ASP D 465 24.28 2.57 -34.14
CA ASP D 465 25.62 2.80 -34.64
C ASP D 465 26.68 2.82 -33.53
N ALA D 466 26.30 2.39 -32.33
CA ALA D 466 27.15 2.46 -31.18
C ALA D 466 26.76 1.34 -30.23
N SER D 467 27.57 1.13 -29.22
CA SER D 467 27.23 0.22 -28.15
C SER D 467 26.10 0.86 -27.28
N LEU D 468 25.39 0.03 -26.52
CA LEU D 468 24.50 0.52 -25.45
C LEU D 468 25.36 1.21 -24.38
N ASP D 469 24.72 1.99 -23.51
CA ASP D 469 25.44 2.76 -22.49
C ASP D 469 25.74 1.93 -21.22
N TRP D 470 26.48 0.84 -21.39
CA TRP D 470 26.97 0.03 -20.27
C TRP D 470 27.76 0.85 -19.21
N HIS D 471 28.37 1.95 -19.63
CA HIS D 471 29.13 2.76 -18.67
C HIS D 471 28.22 3.19 -17.51
N LEU D 472 26.91 3.22 -17.75
CA LEU D 472 25.97 3.56 -16.69
C LEU D 472 26.11 2.57 -15.52
N LEU D 473 26.65 1.40 -15.80
CA LEU D 473 26.76 0.35 -14.78
C LEU D 473 28.15 0.32 -14.19
N GLU D 474 28.97 1.32 -14.52
CA GLU D 474 30.31 1.44 -13.94
C GLU D 474 30.21 2.14 -12.59
N GLY D 475 31.18 1.88 -11.73
CA GLY D 475 31.28 2.58 -10.44
C GLY D 475 30.40 1.98 -9.36
N GLY D 476 30.14 2.76 -8.32
CA GLY D 476 29.32 2.32 -7.20
C GLY D 476 27.92 1.93 -7.65
N ASP D 477 27.37 0.93 -6.98
CA ASP D 477 26.00 0.50 -7.19
C ASP D 477 24.97 1.66 -7.28
N ASN D 478 24.18 1.67 -8.35
CA ASN D 478 23.27 2.80 -8.54
C ASN D 478 21.87 2.37 -8.99
N TRP D 479 21.04 3.37 -9.28
CA TRP D 479 19.67 3.16 -9.68
C TRP D 479 19.54 2.22 -10.89
N HIS D 480 20.47 2.34 -11.82
CA HIS D 480 20.47 1.48 -12.99
C HIS D 480 20.72 0.03 -12.59
N HIS D 481 21.67 -0.20 -11.68
CA HIS D 481 21.87 -1.56 -11.21
C HIS D 481 20.60 -2.09 -10.61
N GLY D 482 19.85 -1.18 -9.97
CA GLY D 482 18.63 -1.53 -9.27
C GLY D 482 17.57 -2.01 -10.24
N VAL D 483 17.42 -1.29 -11.35
CA VAL D 483 16.48 -1.72 -12.38
C VAL D 483 16.92 -3.08 -12.93
N GLN D 484 18.22 -3.28 -13.07
CA GLN D 484 18.70 -4.50 -13.69
C GLN D 484 18.41 -5.72 -12.83
N ARG D 485 18.59 -5.59 -11.51
CA ARG D 485 18.29 -6.70 -10.58
C ARG D 485 16.79 -6.99 -10.53
N LEU D 486 15.99 -5.94 -10.71
CA LEU D 486 14.54 -6.09 -10.74
C LEU D 486 14.09 -6.87 -11.98
N VAL D 487 14.64 -6.55 -13.14
CA VAL D 487 14.26 -7.28 -14.35
C VAL D 487 14.58 -8.77 -14.20
N ARG D 488 15.75 -9.07 -13.63
CA ARG D 488 16.10 -10.47 -13.36
C ARG D 488 15.13 -11.11 -12.36
N ASP D 489 14.89 -10.46 -11.23
CA ASP D 489 13.94 -11.01 -10.22
C ASP D 489 12.54 -11.22 -10.80
N LEU D 490 12.14 -10.33 -11.71
CA LEU D 490 10.83 -10.40 -12.30
C LEU D 490 10.75 -11.64 -13.22
N ASN D 491 11.75 -11.81 -14.09
CA ASN D 491 11.88 -13.02 -14.91
C ASN D 491 11.89 -14.26 -14.07
N LEU D 492 12.70 -14.30 -13.00
CA LEU D 492 12.85 -15.55 -12.26
C LEU D 492 11.54 -15.90 -11.55
N THR D 493 10.87 -14.88 -11.00
CA THR D 493 9.65 -15.08 -10.25
C THR D 493 8.50 -15.37 -11.20
N TYR D 494 8.43 -14.66 -12.31
CA TYR D 494 7.41 -14.93 -13.31
C TYR D 494 7.53 -16.40 -13.81
N ARG D 495 8.75 -16.90 -13.94
CA ARG D 495 8.95 -18.25 -14.42
C ARG D 495 8.64 -19.30 -13.38
N HIS D 496 8.89 -18.99 -12.11
CA HIS D 496 8.69 -19.98 -11.04
C HIS D 496 7.21 -20.20 -10.70
N HIS D 497 6.41 -19.14 -10.72
CA HIS D 497 5.02 -19.24 -10.34
C HIS D 497 4.10 -19.40 -11.53
N LYS D 498 3.45 -20.55 -11.61
CA LYS D 498 2.61 -20.87 -12.77
C LYS D 498 1.45 -19.89 -12.99
N ALA D 499 0.88 -19.39 -11.89
CA ALA D 499 -0.16 -18.38 -11.99
C ALA D 499 0.26 -17.18 -12.83
N MET D 500 1.53 -16.81 -12.82
CA MET D 500 1.93 -15.65 -13.62
C MET D 500 1.91 -15.89 -15.15
N HIS D 501 1.85 -17.13 -15.59
CA HIS D 501 2.00 -17.34 -17.04
C HIS D 501 1.14 -18.46 -17.62
N GLU D 502 0.43 -19.22 -16.80
CA GLU D 502 -0.14 -20.47 -17.28
C GLU D 502 -1.45 -20.27 -18.04
N LEU D 503 -2.13 -19.17 -17.75
CA LEU D 503 -3.49 -19.02 -18.23
C LEU D 503 -3.74 -17.56 -18.69
N ASP D 504 -2.76 -16.97 -19.35
CA ASP D 504 -2.87 -15.59 -19.85
C ASP D 504 -4.06 -15.37 -20.78
N PHE D 505 -4.48 -16.42 -21.49
CA PHE D 505 -5.45 -16.28 -22.57
C PHE D 505 -6.80 -16.94 -22.24
N ASP D 506 -6.99 -17.26 -20.96
CA ASP D 506 -8.23 -17.82 -20.44
C ASP D 506 -8.73 -16.84 -19.34
N PRO D 507 -9.98 -16.37 -19.45
CA PRO D 507 -10.54 -15.43 -18.41
C PRO D 507 -10.30 -15.94 -16.98
N TYR D 508 -10.42 -17.23 -16.76
CA TYR D 508 -10.07 -17.82 -15.47
C TYR D 508 -8.71 -17.38 -14.89
N GLY D 509 -7.77 -16.97 -15.74
CA GLY D 509 -6.40 -16.70 -15.29
C GLY D 509 -6.16 -15.31 -14.67
N PHE D 510 -7.17 -14.46 -14.77
CA PHE D 510 -7.09 -13.08 -14.32
C PHE D 510 -8.42 -12.68 -13.66
N GLU D 511 -8.34 -11.95 -12.55
CA GLU D 511 -9.52 -11.35 -11.95
C GLU D 511 -9.20 -10.07 -11.17
N TRP D 512 -9.99 -9.05 -11.40
CA TRP D 512 -9.83 -7.79 -10.69
C TRP D 512 -10.26 -7.91 -9.23
N LEU D 513 -9.43 -7.45 -8.29
CA LEU D 513 -9.92 -7.28 -6.90
C LEU D 513 -10.37 -5.84 -6.59
N VAL D 514 -9.69 -4.88 -7.19
CA VAL D 514 -9.95 -3.46 -7.06
C VAL D 514 -9.64 -2.77 -8.39
N VAL D 515 -10.68 -2.43 -9.13
CA VAL D 515 -10.53 -1.95 -10.49
C VAL D 515 -10.97 -0.49 -10.61
N ASP D 516 -11.56 0.06 -9.56
CA ASP D 516 -12.13 1.41 -9.61
C ASP D 516 -11.61 2.42 -8.56
N ASP D 517 -10.47 2.14 -7.93
CA ASP D 517 -9.90 3.13 -7.03
C ASP D 517 -9.14 4.19 -7.84
N LYS D 518 -9.87 5.04 -8.54
CA LYS D 518 -9.27 6.03 -9.42
C LYS D 518 -8.55 7.15 -8.66
N GLU D 519 -9.18 7.63 -7.59
CA GLU D 519 -8.64 8.68 -6.77
C GLU D 519 -7.20 8.38 -6.30
N ARG D 520 -6.97 7.16 -5.86
CA ARG D 520 -5.67 6.80 -5.29
C ARG D 520 -4.72 6.18 -6.34
N SER D 521 -5.19 6.06 -7.58
CA SER D 521 -4.48 5.25 -8.63
C SER D 521 -3.89 3.94 -8.09
N VAL D 522 -4.70 3.21 -7.34
CA VAL D 522 -4.34 1.89 -6.86
C VAL D 522 -5.13 0.83 -7.64
N LEU D 523 -4.44 -0.18 -8.17
CA LEU D 523 -5.11 -1.23 -8.94
C LEU D 523 -4.64 -2.57 -8.41
N ILE D 524 -5.58 -3.47 -8.20
CA ILE D 524 -5.28 -4.74 -7.60
C ILE D 524 -5.98 -5.84 -8.37
N PHE D 525 -5.23 -6.87 -8.73
CA PHE D 525 -5.84 -8.02 -9.36
C PHE D 525 -5.15 -9.28 -8.91
N VAL D 526 -5.75 -10.39 -9.31
CA VAL D 526 -5.25 -11.71 -9.02
C VAL D 526 -4.88 -12.42 -10.35
N ARG D 527 -3.78 -13.18 -10.34
CA ARG D 527 -3.48 -14.05 -11.45
C ARG D 527 -3.67 -15.47 -10.92
N ARG D 528 -4.17 -16.38 -11.75
CA ARG D 528 -4.60 -17.69 -11.29
C ARG D 528 -4.06 -18.82 -12.18
N ASP D 529 -3.55 -19.88 -11.56
CA ASP D 529 -3.07 -21.02 -12.30
C ASP D 529 -4.14 -22.12 -12.50
N LYS D 530 -3.80 -23.18 -13.23
CA LYS D 530 -4.72 -24.32 -13.47
C LYS D 530 -5.31 -24.90 -12.21
N GLU D 531 -4.47 -24.97 -11.16
CA GLU D 531 -4.81 -25.65 -9.92
C GLU D 531 -5.70 -24.77 -9.03
N GLY D 532 -5.98 -23.55 -9.49
CA GLY D 532 -6.76 -22.59 -8.71
C GLY D 532 -5.95 -21.69 -7.79
N ASN D 533 -4.64 -21.85 -7.74
CA ASN D 533 -3.83 -21.00 -6.85
C ASN D 533 -3.75 -19.58 -7.41
N GLU D 534 -3.86 -18.59 -6.55
CA GLU D 534 -3.86 -17.18 -6.97
C GLU D 534 -2.63 -16.45 -6.46
N ILE D 535 -2.10 -15.54 -7.28
CA ILE D 535 -1.21 -14.57 -6.70
C ILE D 535 -1.74 -13.13 -6.85
N ILE D 536 -1.62 -12.37 -5.77
CA ILE D 536 -2.18 -11.05 -5.70
C ILE D 536 -1.19 -10.02 -6.23
N VAL D 537 -1.68 -9.15 -7.12
CA VAL D 537 -0.86 -8.07 -7.65
C VAL D 537 -1.44 -6.69 -7.31
N ALA D 538 -0.64 -5.82 -6.70
CA ALA D 538 -1.10 -4.53 -6.20
C ALA D 538 -0.16 -3.45 -6.64
N SER D 539 -0.68 -2.52 -7.43
CA SER D 539 0.11 -1.40 -7.86
C SER D 539 -0.40 -0.08 -7.31
N ASN D 540 0.55 0.77 -6.91
CA ASN D 540 0.29 2.12 -6.41
C ASN D 540 1.02 3.12 -7.30
N PHE D 541 0.27 3.89 -8.09
CA PHE D 541 0.88 4.73 -9.08
C PHE D 541 0.94 6.21 -8.71
N THR D 542 0.87 6.51 -7.40
CA THR D 542 1.29 7.83 -6.93
C THR D 542 2.36 7.66 -5.85
N PRO D 543 3.07 8.75 -5.53
CA PRO D 543 4.10 8.80 -4.50
C PRO D 543 3.56 8.75 -3.07
N VAL D 544 2.27 8.55 -2.92
CA VAL D 544 1.68 8.49 -1.58
C VAL D 544 1.68 7.08 -1.00
N PRO D 545 2.41 6.85 0.09
CA PRO D 545 2.35 5.50 0.65
C PRO D 545 0.97 5.22 1.22
N ARG D 546 0.45 4.02 1.02
CA ARG D 546 -0.85 3.67 1.61
C ARG D 546 -0.67 2.69 2.77
N HIS D 547 -1.11 3.09 3.96
CA HIS D 547 -1.15 2.16 5.10
C HIS D 547 -2.59 1.66 5.32
N ASP D 548 -2.68 0.41 5.78
CA ASP D 548 -3.98 -0.21 6.11
C ASP D 548 -4.91 -0.12 4.92
N TYR D 549 -4.39 -0.45 3.75
CA TYR D 549 -5.22 -0.45 2.58
C TYR D 549 -5.88 -1.82 2.57
N ARG D 550 -7.19 -1.84 2.72
CA ARG D 550 -7.92 -3.08 2.88
C ARG D 550 -8.67 -3.40 1.61
N PHE D 551 -8.60 -4.65 1.19
CA PHE D 551 -9.33 -5.06 -0.02
C PHE D 551 -9.78 -6.50 0.11
N GLY D 552 -10.91 -6.83 -0.52
CA GLY D 552 -11.39 -8.20 -0.54
C GLY D 552 -10.53 -9.17 -1.35
N ILE D 553 -10.45 -10.41 -0.88
CA ILE D 553 -9.70 -11.46 -1.53
C ILE D 553 -10.55 -12.74 -1.55
N ASN D 554 -10.13 -13.71 -2.34
CA ASN D 554 -10.89 -14.93 -2.53
C ASN D 554 -10.46 -16.04 -1.59
N GLN D 555 -9.16 -16.10 -1.27
CA GLN D 555 -8.65 -17.25 -0.50
C GLN D 555 -8.02 -16.83 0.82
N PRO D 556 -8.75 -16.98 1.96
CA PRO D 556 -8.23 -16.54 3.26
C PRO D 556 -7.01 -17.33 3.70
N GLY D 557 -6.18 -16.74 4.54
CA GLY D 557 -4.97 -17.41 4.97
C GLY D 557 -3.84 -16.43 5.17
N LYS D 558 -2.63 -16.95 5.31
CA LYS D 558 -1.48 -16.09 5.50
C LYS D 558 -0.91 -15.75 4.12
N TRP D 559 -0.65 -14.46 3.90
CA TRP D 559 -0.09 -13.99 2.64
C TRP D 559 1.29 -13.35 2.84
N ARG D 560 2.17 -13.50 1.85
CA ARG D 560 3.52 -13.01 1.94
C ARG D 560 3.95 -12.38 0.59
N GLU D 561 4.74 -11.31 0.65
CA GLU D 561 5.35 -10.69 -0.53
C GLU D 561 6.38 -11.59 -1.21
N ILE D 562 6.32 -11.70 -2.53
CA ILE D 562 7.38 -12.40 -3.24
C ILE D 562 8.04 -11.48 -4.23
N LEU D 563 7.49 -10.27 -4.31
CA LEU D 563 8.06 -9.26 -5.16
C LEU D 563 7.61 -7.88 -4.72
N ASN D 564 8.57 -6.98 -4.59
CA ASN D 564 8.26 -5.61 -4.15
C ASN D 564 9.23 -4.65 -4.82
N THR D 565 8.71 -3.81 -5.70
CA THR D 565 9.57 -3.00 -6.50
C THR D 565 10.14 -1.80 -5.72
N ASP D 566 9.62 -1.55 -4.53
CA ASP D 566 10.13 -0.45 -3.66
C ASP D 566 11.23 -0.97 -2.74
N SER D 567 11.58 -2.25 -2.87
CA SER D 567 12.62 -2.81 -2.01
C SER D 567 13.92 -2.01 -2.11
N MET D 568 14.68 -1.95 -1.02
CA MET D 568 16.02 -1.34 -1.12
C MET D 568 17.00 -2.10 -2.02
N HIS D 569 16.67 -3.35 -2.37
CA HIS D 569 17.48 -4.15 -3.29
C HIS D 569 17.52 -3.45 -4.66
N TYR D 570 16.52 -2.62 -4.94
CA TYR D 570 16.41 -1.94 -6.20
C TYR D 570 16.55 -0.45 -6.02
N HIS D 571 16.99 -0.05 -4.83
CA HIS D 571 17.08 1.36 -4.43
C HIS D 571 15.75 2.09 -4.28
N GLY D 572 14.70 1.33 -3.97
CA GLY D 572 13.44 1.91 -3.46
C GLY D 572 13.56 2.31 -1.99
N SER D 573 12.47 2.81 -1.41
CA SER D 573 12.49 3.33 -0.03
C SER D 573 12.26 2.23 1.02
N ASN D 574 12.12 0.99 0.55
CA ASN D 574 11.96 -0.16 1.41
C ASN D 574 10.68 -0.25 2.26
N ALA D 575 9.61 0.36 1.79
CA ALA D 575 8.36 0.20 2.47
C ALA D 575 7.76 -1.14 2.00
N GLY D 576 6.85 -1.69 2.78
CA GLY D 576 6.26 -2.98 2.47
C GLY D 576 5.66 -3.59 3.73
N ASN D 577 5.35 -4.87 3.66
CA ASN D 577 4.59 -5.49 4.74
C ASN D 577 5.41 -6.19 5.81
N GLY D 578 6.65 -6.54 5.45
CA GLY D 578 7.63 -6.98 6.42
C GLY D 578 7.21 -8.25 7.12
N GLY D 579 6.95 -9.27 6.33
CA GLY D 579 6.55 -10.55 6.89
C GLY D 579 5.14 -10.93 6.45
N THR D 580 4.75 -12.15 6.80
CA THR D 580 3.40 -12.61 6.57
C THR D 580 2.27 -11.74 7.10
N VAL D 581 1.20 -11.64 6.32
CA VAL D 581 -0.02 -10.97 6.75
C VAL D 581 -1.23 -11.92 6.67
N HIS D 582 -1.91 -12.14 7.78
CA HIS D 582 -3.12 -12.97 7.77
C HIS D 582 -4.33 -12.18 7.29
N SER D 583 -5.21 -12.82 6.51
CA SER D 583 -6.47 -12.17 6.18
C SER D 583 -7.41 -12.05 7.41
N ASP D 584 -8.43 -11.20 7.30
CA ASP D 584 -9.44 -11.06 8.32
C ASP D 584 -10.78 -11.41 7.72
N GLU D 585 -11.67 -11.99 8.52
CA GLU D 585 -13.03 -12.14 8.04
C GLU D 585 -13.78 -10.84 8.26
N ILE D 586 -13.47 -9.87 7.41
CA ILE D 586 -14.13 -8.58 7.37
C ILE D 586 -14.48 -8.32 5.91
N ALA D 587 -15.76 -8.20 5.63
CA ALA D 587 -16.27 -8.05 4.27
C ALA D 587 -15.63 -6.86 3.62
N SER D 588 -15.31 -6.98 2.34
CA SER D 588 -14.75 -5.86 1.60
C SER D 588 -14.92 -6.11 0.12
N HIS D 589 -15.28 -5.07 -0.63
CA HIS D 589 -15.44 -5.16 -2.08
C HIS D 589 -16.26 -6.36 -2.50
N GLY D 590 -17.44 -6.55 -1.92
CA GLY D 590 -18.31 -7.66 -2.30
C GLY D 590 -17.84 -9.02 -1.81
N ARG D 591 -16.63 -9.08 -1.25
CA ARG D 591 -16.04 -10.36 -0.83
C ARG D 591 -16.11 -10.50 0.68
N GLN D 592 -15.88 -11.71 1.15
CA GLN D 592 -16.18 -12.10 2.53
C GLN D 592 -14.94 -11.97 3.40
N HIS D 593 -13.79 -12.32 2.84
CA HIS D 593 -12.53 -12.11 3.52
C HIS D 593 -11.76 -10.97 2.90
N SER D 594 -10.78 -10.45 3.65
CA SER D 594 -10.00 -9.29 3.21
C SER D 594 -8.55 -9.28 3.73
N LEU D 595 -7.74 -8.44 3.10
CA LEU D 595 -6.38 -8.21 3.56
C LEU D 595 -6.22 -6.74 3.77
N SER D 596 -5.37 -6.38 4.72
CA SER D 596 -5.08 -4.99 5.01
C SER D 596 -3.59 -4.80 4.95
N LEU D 597 -3.14 -4.06 3.94
CA LEU D 597 -1.72 -4.00 3.61
C LEU D 597 -1.20 -2.58 3.54
N THR D 598 0.13 -2.49 3.55
CA THR D 598 0.85 -1.31 3.12
C THR D 598 1.20 -1.47 1.64
N LEU D 599 0.87 -0.45 0.84
CA LEU D 599 1.24 -0.38 -0.54
C LEU D 599 2.26 0.75 -0.64
N PRO D 600 3.52 0.38 -0.90
CA PRO D 600 4.61 1.36 -0.99
C PRO D 600 4.33 2.35 -2.11
N PRO D 601 4.99 3.53 -2.05
CA PRO D 601 4.70 4.55 -3.07
C PRO D 601 5.30 4.20 -4.44
N LEU D 602 4.61 4.55 -5.53
CA LEU D 602 5.14 4.35 -6.87
C LEU D 602 5.75 2.95 -7.00
N ALA D 603 4.94 1.95 -6.74
CA ALA D 603 5.46 0.59 -6.57
C ALA D 603 4.44 -0.50 -6.88
N THR D 604 4.92 -1.65 -7.32
CA THR D 604 4.08 -2.82 -7.51
C THR D 604 4.54 -3.92 -6.56
N ILE D 605 3.61 -4.61 -5.93
CA ILE D 605 3.99 -5.77 -5.13
C ILE D 605 3.26 -7.04 -5.62
N TRP D 606 3.86 -8.22 -5.43
CA TRP D 606 3.12 -9.48 -5.67
C TRP D 606 3.13 -10.30 -4.39
N LEU D 607 2.03 -10.99 -4.11
CA LEU D 607 1.91 -11.74 -2.87
C LEU D 607 1.46 -13.16 -3.14
N VAL D 608 1.99 -14.09 -2.34
CA VAL D 608 1.62 -15.49 -2.41
C VAL D 608 0.99 -15.94 -1.08
N ARG D 609 0.10 -16.92 -1.19
CA ARG D 609 -0.50 -17.56 -0.03
C ARG D 609 0.37 -18.71 0.48
N GLU D 610 0.68 -18.72 1.77
CA GLU D 610 1.47 -19.84 2.32
C GLU D 610 0.61 -21.05 2.59
N ALA D 611 1.18 -22.24 2.38
CA ALA D 611 0.45 -23.46 2.64
C ALA D 611 0.02 -23.54 4.10
N GLU D 612 -1.18 -24.06 4.31
CA GLU D 612 -1.84 -24.12 5.62
C GLU D 612 -3.35 -24.25 5.35
C1 GLC E . -53.27 38.10 14.39
C2 GLC E . -54.20 38.75 15.42
C3 GLC E . -53.41 39.19 16.64
C4 GLC E . -52.72 37.93 17.18
C5 GLC E . -51.59 37.59 16.21
C6 GLC E . -51.20 36.10 16.25
O2 GLC E . -54.92 39.88 14.91
O3 GLC E . -54.27 39.83 17.59
O4 GLC E . -52.26 38.07 18.54
O5 GLC E . -51.91 38.03 14.86
O6 GLC E . -49.83 35.89 16.66
C1 GLC E . -51.34 39.16 18.81
C2 GLC E . -51.77 39.91 20.07
C3 GLC E . -51.36 41.38 19.94
C4 GLC E . -50.00 41.40 19.24
C5 GLC E . -50.22 41.05 17.77
C6 GLC E . -49.00 40.49 17.06
O2 GLC E . -53.18 39.83 20.26
O3 GLC E . -51.35 42.05 21.21
O4 GLC E . -49.35 42.67 19.41
O5 GLC E . -51.24 40.05 17.67
O6 GLC E . -48.21 39.74 17.99
C1 GLC E . -48.05 42.50 20.01
C2 GLC E . -47.57 43.88 20.46
C3 GLC E . -46.85 44.73 19.40
C4 GLC E . -46.21 43.95 18.24
C5 GLC E . -46.90 42.63 17.90
C6 GLC E . -46.09 41.79 16.93
O2 GLC E . -48.75 44.58 20.90
O3 GLC E . -45.83 45.50 20.06
O4 GLC E . -46.18 44.77 17.05
O5 GLC E . -47.12 41.89 19.10
O6 GLC E . -44.76 41.59 17.45
C1 GLC E . -44.86 45.13 16.66
C2 GLC E . -44.79 46.64 16.52
C3 GLC E . -45.72 47.14 15.43
C4 GLC E . -45.32 46.43 14.15
C5 GLC E . -45.39 44.92 14.35
C6 GLC E . -45.04 44.17 13.08
O2 GLC E . -45.01 47.27 17.78
O3 GLC E . -45.53 48.54 15.22
O4 GLC E . -46.18 46.83 13.09
O5 GLC E . -44.54 44.51 15.41
O6 GLC E . -43.77 44.55 12.58
C1 GLC E . -45.55 47.56 12.04
C2 GLC E . -46.26 48.89 11.78
C3 GLC E . -47.71 48.66 11.38
C4 GLC E . -47.75 47.82 10.12
C5 GLC E . -46.83 46.59 10.17
C6 GLC E . -46.39 46.28 8.75
O2 GLC E . -46.13 49.70 12.94
O3 GLC E . -48.37 49.90 11.06
O4 GLC E . -49.12 47.47 9.83
O5 GLC E . -45.61 46.74 10.89
O6 GLC E . -46.74 44.93 8.51
C1 GLC E . -49.42 47.48 8.42
C2 GLC E . -50.56 48.44 8.13
C3 GLC E . -51.84 47.96 8.82
C4 GLC E . -52.19 46.51 8.47
C5 GLC E . -50.96 45.58 8.47
C6 GLC E . -51.29 44.34 7.64
O2 GLC E . -50.16 49.73 8.60
O3 GLC E . -52.94 48.81 8.45
O4 GLC E . -53.16 45.96 9.40
O5 GLC E . -49.78 46.18 7.93
O6 GLC E . -51.99 44.71 6.42
C1 GLC E . -54.50 45.79 8.89
C2 GLC E . -55.47 45.52 10.03
C3 GLC E . -55.09 44.22 10.72
C4 GLC E . -55.05 43.03 9.74
C5 GLC E . -54.31 43.40 8.45
C6 GLC E . -54.54 42.36 7.33
O2 GLC E . -55.46 46.63 10.94
O3 GLC E . -55.99 43.97 11.82
O4 GLC E . -54.39 41.92 10.37
O5 GLC E . -54.62 44.70 7.94
O6 GLC E . -53.44 41.43 7.30
C1 GLC E . -54.91 40.61 10.05
C2 GLC E . -56.00 40.21 11.04
C3 GLC E . -55.39 39.80 12.37
C4 GLC E . -54.45 38.60 12.26
C5 GLC E . -53.99 38.41 10.79
C6 GLC E . -54.86 37.43 9.98
O2 GLC E . -56.94 41.27 11.25
O3 GLC E . -56.46 39.49 13.26
O4 GLC E . -53.30 38.79 13.11
O5 GLC E . -53.83 39.66 10.07
O6 GLC E . -56.06 37.07 10.70
C1 GLC F . 19.40 21.84 6.48
C2 GLC F . 20.69 22.33 5.88
C3 GLC F . 21.86 21.79 6.69
C4 GLC F . 21.75 22.13 8.18
C5 GLC F . 20.37 21.61 8.66
C6 GLC F . 20.05 21.91 10.13
O2 GLC F . 20.78 21.80 4.56
O3 GLC F . 23.07 22.28 6.15
O4 GLC F . 22.81 21.48 8.85
O5 GLC F . 19.36 22.19 7.83
O6 GLC F . 20.18 23.33 10.41
C1 GLC F . 23.51 22.25 9.85
C2 GLC F . 25.01 22.25 9.54
C3 GLC F . 25.60 20.86 9.70
C4 GLC F . 25.26 20.24 11.05
C5 GLC F . 23.76 20.31 11.28
C6 GLC F . 23.44 19.79 12.68
O2 GLC F . 25.21 22.67 8.18
O3 GLC F . 27.02 20.94 9.60
O4 GLC F . 25.75 18.88 11.13
O5 GLC F . 23.31 21.67 11.15
O6 GLC F . 24.49 20.15 13.59
C1 GLC F . 26.68 18.71 12.22
C2 GLC F . 27.88 17.88 11.80
C3 GLC F . 27.32 16.60 11.19
C4 GLC F . 26.67 15.80 12.33
C5 GLC F . 25.74 16.64 13.20
C6 GLC F . 25.62 16.01 14.59
O2 GLC F . 28.75 18.56 10.90
O3 GLC F . 28.38 15.85 10.55
O4 GLC F . 25.98 14.68 11.76
O5 GLC F . 26.11 18.04 13.36
O6 GLC F . 25.85 16.99 15.63
C1 GLC F . 26.49 13.46 12.31
C2 GLC F . 27.23 12.63 11.25
C3 GLC F . 26.25 12.09 10.21
C4 GLC F . 25.18 11.28 10.92
C5 GLC F . 24.48 12.13 11.99
C6 GLC F . 23.47 11.31 12.78
O2 GLC F . 28.24 13.42 10.60
O3 GLC F . 26.93 11.29 9.22
O4 GLC F . 24.21 10.83 9.97
O5 GLC F . 25.43 12.69 12.91
O6 GLC F . 23.83 9.93 12.75
C1 GLC F . 24.25 9.41 9.73
C2 GLC F . 24.42 9.17 8.23
C3 GLC F . 23.16 9.39 7.38
C4 GLC F . 21.85 9.04 8.11
C5 GLC F . 21.93 9.50 9.57
C6 GLC F . 20.66 9.26 10.38
O2 GLC F . 25.46 10.04 7.75
O3 GLC F . 23.29 8.61 6.18
O4 GLC F . 20.75 9.70 7.46
O5 GLC F . 23.03 8.84 10.18
O6 GLC F . 20.64 10.22 11.43
C1 GLC F . 19.70 8.84 6.97
C2 GLC F . 19.56 9.04 5.46
C3 GLC F . 18.98 10.44 5.10
C4 GLC F . 17.82 10.86 6.01
C5 GLC F . 18.11 10.51 7.47
C6 GLC F . 16.94 10.89 8.37
O2 GLC F . 20.86 8.87 4.87
O3 GLC F . 18.56 10.50 3.72
O4 GLC F . 17.63 12.27 5.88
O5 GLC F . 18.44 9.11 7.61
O6 GLC F . 17.43 11.99 9.16
C1 GLC F . 16.27 12.62 5.59
C2 GLC F . 16.14 13.34 4.24
C3 GLC F . 16.91 14.66 4.31
C4 GLC F . 16.32 15.50 5.43
C5 GLC F . 16.39 14.75 6.77
C6 GLC F . 15.65 15.54 7.85
O2 GLC F . 16.63 12.53 3.17
O3 GLC F . 16.84 15.38 3.05
O4 GLC F . 17.03 16.72 5.48
O5 GLC F . 15.77 13.46 6.65
O6 GLC F . 14.30 15.81 7.43
C1 GLC F . 16.23 17.86 5.19
C2 GLC F . 16.99 18.69 4.19
C3 GLC F . 18.34 19.08 4.75
C4 GLC F . 18.07 19.95 5.96
C5 GLC F . 17.31 19.12 6.99
C6 GLC F . 17.02 19.88 8.28
O2 GLC F . 17.17 17.99 2.96
O3 GLC F . 19.00 19.89 3.79
O4 GLC F . 19.32 20.42 6.44
O5 GLC F . 16.11 18.60 6.42
O6 GLC F . 16.24 21.04 8.02
C1 GLC G . 28.05 3.76 20.49
C2 GLC G . 28.36 2.50 21.29
C3 GLC G . 28.62 1.27 20.42
C4 GLC G . 27.74 1.18 19.18
C5 GLC G . 27.52 2.55 18.53
C6 GLC G . 26.53 2.48 17.39
O2 GLC G . 29.53 2.74 22.10
O3 GLC G . 28.43 0.10 21.23
O4 GLC G . 28.41 0.32 18.24
O5 GLC G . 27.05 3.47 19.52
O6 GLC G . 27.03 3.26 16.28
C1 GLC G . 27.62 -0.81 17.85
C2 GLC G . 28.36 -2.11 18.23
C3 GLC G . 29.44 -2.52 17.22
C4 GLC G . 28.89 -2.41 15.79
C5 GLC G . 28.45 -0.96 15.59
C6 GLC G . 28.14 -0.59 14.13
O2 GLC G . 28.96 -1.97 19.53
O3 GLC G . 29.93 -3.83 17.48
O4 GLC G . 29.87 -2.82 14.83
O5 GLC G . 27.33 -0.72 16.44
O6 GLC G . 26.87 -1.15 13.76
C1 GLC G . 29.55 -4.08 14.22
C2 GLC G . 30.78 -4.98 14.21
C3 GLC G . 31.91 -4.31 13.43
C4 GLC G . 31.42 -3.88 12.05
C5 GLC G . 30.10 -3.11 12.13
C6 GLC G . 29.55 -2.78 10.76
O2 GLC G . 31.21 -5.25 15.54
O3 GLC G . 33.03 -5.18 13.31
O4 GLC G . 32.39 -3.01 11.48
O5 GLC G . 29.14 -3.87 12.88
O6 GLC G . 28.20 -2.32 10.90
C1 GLC G . 33.03 -3.56 10.33
C2 GLC G . 34.53 -3.47 10.53
C3 GLC G . 34.92 -2.01 10.77
C4 GLC G . 34.40 -1.11 9.66
C5 GLC G . 32.94 -1.40 9.30
C6 GLC G . 32.53 -0.70 7.99
O2 GLC G . 34.92 -4.29 11.64
O3 GLC G . 36.34 -1.90 10.90
O4 GLC G . 34.54 0.26 10.06
O5 GLC G . 32.68 -2.80 9.17
O6 GLC G . 33.03 -1.38 6.83
C1 GLC G . 35.35 1.00 9.13
C2 GLC G . 36.55 1.61 9.84
C3 GLC G . 36.09 2.67 10.85
C4 GLC G . 35.26 3.71 10.11
C5 GLC G . 34.08 3.02 9.42
C6 GLC G . 33.22 4.02 8.65
O2 GLC G . 37.32 0.59 10.50
O3 GLC G . 37.24 3.28 11.45
O4 GLC G . 34.81 4.73 11.02
O5 GLC G . 34.56 2.03 8.52
O6 GLC G . 34.04 4.79 7.77
C1 GLC G . 35.25 6.05 10.64
C2 GLC G . 36.50 6.46 11.40
C3 GLC G . 36.24 6.61 12.90
C4 GLC G . 34.92 7.30 13.24
C5 GLC G . 33.79 6.94 12.28
C6 GLC G . 32.60 7.89 12.45
O2 GLC G . 37.53 5.50 11.21
O3 GLC G . 37.33 7.37 13.47
O4 GLC G . 34.55 6.91 14.56
O5 GLC G . 34.23 7.00 10.92
O6 GLC G . 32.39 8.60 11.22
C1 GLC G . 35.05 7.82 15.56
C2 GLC G . 35.49 7.06 16.81
C3 GLC G . 34.32 6.53 17.62
C4 GLC G . 33.18 7.54 17.75
C5 GLC G . 32.87 8.12 16.37
C6 GLC G . 31.73 9.13 16.39
O2 GLC G . 36.35 5.97 16.45
O3 GLC G . 34.77 6.16 18.93
O4 GLC G . 32.03 6.90 18.31
O5 GLC G . 34.03 8.77 15.89
O6 GLC G . 30.71 8.73 15.46
C1 GLC G . 31.21 7.77 19.10
C2 GLC G . 31.22 7.36 20.56
C3 GLC G . 30.67 5.94 20.77
C4 GLC G . 29.40 5.67 19.96
C5 GLC G . 29.43 6.31 18.57
C6 GLC G . 28.06 6.27 17.89
O2 GLC G . 32.55 7.42 21.07
O3 GLC G . 30.40 5.74 22.16
O4 GLC G . 29.23 4.25 19.83
O5 GLC G . 29.86 7.67 18.63
O6 GLC G . 27.04 6.55 18.85
C1 GLC H . -14.60 2.66 -19.24
C2 GLC H . -15.92 3.23 -19.73
C3 GLC H . -16.10 2.92 -21.22
C4 GLC H . -14.94 3.48 -22.05
C5 GLC H . -13.61 3.01 -21.46
C6 GLC H . -12.45 3.76 -22.11
O2 GLC H . -16.98 2.61 -18.99
O3 GLC H . -17.36 3.46 -21.64
O4 GLC H . -14.98 3.02 -23.43
O5 GLC H . -13.52 3.18 -20.02
O6 GLC H . -11.28 2.96 -21.90
C1 GLC H . -14.91 4.02 -24.44
C2 GLC H . -16.07 3.83 -25.40
C3 GLC H . -15.97 2.44 -26.05
C4 GLC H . -14.60 2.20 -26.73
C5 GLC H . -13.47 2.60 -25.78
C6 GLC H . -12.09 2.58 -26.46
O2 GLC H . -17.29 3.97 -24.66
O3 GLC H . -17.05 2.19 -26.95
O4 GLC H . -14.49 0.80 -27.02
O5 GLC H . -13.70 3.89 -25.18
O6 GLC H . -12.05 3.43 -27.62
C1 GLC H . -13.95 0.41 -28.29
C2 GLC H . -15.08 -0.02 -29.22
C3 GLC H . -15.84 -1.18 -28.57
C4 GLC H . -14.86 -2.33 -28.42
C5 GLC H . -13.75 -1.85 -27.49
C6 GLC H . -12.77 -2.96 -27.05
O2 GLC H . -15.98 1.05 -29.55
O3 GLC H . -16.94 -1.52 -29.40
O4 GLC H . -15.48 -3.52 -27.88
O5 GLC H . -13.09 -0.72 -28.12
O6 GLC H . -12.03 -3.52 -28.14
C1 GLC H . -15.61 -4.57 -28.84
C2 GLC H . -17.05 -5.10 -28.82
C3 GLC H . -17.37 -5.53 -27.40
C4 GLC H . -16.38 -6.61 -26.96
C5 GLC H . -14.95 -6.09 -27.13
C6 GLC H . -13.92 -7.17 -26.86
O2 GLC H . -17.94 -4.08 -29.25
O3 GLC H . -18.72 -5.98 -27.25
O4 GLC H . -16.62 -6.94 -25.61
O5 GLC H . -14.77 -5.66 -28.47
O6 GLC H . -14.47 -8.42 -27.31
C1 GLC H . -17.15 -8.26 -25.46
C2 GLC H . -18.41 -8.25 -24.58
C3 GLC H . -18.11 -7.95 -23.10
C4 GLC H . -16.91 -8.71 -22.56
C5 GLC H . -15.75 -8.55 -23.56
C6 GLC H . -14.48 -9.26 -23.10
O2 GLC H . -19.39 -7.31 -25.08
O3 GLC H . -19.28 -8.28 -22.34
O4 GLC H . -16.59 -8.23 -21.25
O5 GLC H . -16.15 -9.06 -24.84
O6 GLC H . -14.69 -10.68 -23.12
C1 GLC H . -16.44 -9.23 -20.23
C2 GLC H . -17.40 -9.01 -19.05
C3 GLC H . -16.99 -7.78 -18.22
C4 GLC H . -15.52 -7.84 -17.75
C5 GLC H . -14.59 -8.23 -18.90
C6 GLC H . -13.28 -8.70 -18.27
O2 GLC H . -18.72 -8.79 -19.58
O3 GLC H . -17.87 -7.62 -17.11
O4 GLC H . -15.12 -6.57 -17.20
O5 GLC H . -15.08 -9.30 -19.73
O6 GLC H . -12.58 -9.51 -19.22
C1 GLC H . -14.03 -6.57 -16.26
C2 GLC H . -14.36 -5.68 -15.07
C3 GLC H . -14.70 -4.27 -15.55
C4 GLC H . -13.50 -3.73 -16.31
C5 GLC H . -13.11 -4.73 -17.42
C6 GLC H . -11.86 -4.25 -18.17
O2 GLC H . -15.44 -6.21 -14.33
O3 GLC H . -14.99 -3.45 -14.43
O4 GLC H . -13.86 -2.48 -16.88
O5 GLC H . -12.85 -6.00 -16.84
O6 GLC H . -10.87 -3.88 -17.21
C1 GLC H . -13.02 -1.44 -16.44
C2 GLC H . -13.92 -0.33 -15.90
C3 GLC H . -14.76 0.23 -17.02
C4 GLC H . -13.88 0.69 -18.17
C5 GLC H . -13.09 -0.50 -18.65
C6 GLC H . -12.19 -0.10 -19.83
O2 GLC H . -14.84 -0.84 -14.92
O3 GLC H . -15.48 1.31 -16.47
O4 GLC H . -14.62 1.22 -19.27
O5 GLC H . -12.29 -0.98 -17.56
O6 GLC H . -11.14 0.77 -19.41
C1 GLC I . 32.52 -8.75 -61.71
C2 GLC I . 31.79 -9.25 -60.45
C3 GLC I . 32.65 -9.14 -59.20
C4 GLC I . 33.97 -9.86 -59.42
C5 GLC I . 34.60 -9.43 -60.74
C6 GLC I . 35.81 -10.31 -61.07
O2 GLC I . 30.55 -8.59 -60.26
O3 GLC I . 31.99 -9.75 -58.08
O4 GLC I . 34.85 -9.54 -58.35
O5 GLC I . 33.70 -9.54 -61.84
O6 GLC I . 36.72 -9.60 -61.90
C1 GLC I . 35.28 -10.68 -57.61
C2 GLC I . 35.07 -10.45 -56.11
C3 GLC I . 35.95 -9.28 -55.64
C4 GLC I . 37.42 -9.55 -55.98
C5 GLC I . 37.56 -9.89 -57.47
C6 GLC I . 38.98 -10.30 -57.84
O2 GLC I . 33.67 -10.21 -55.92
O3 GLC I . 35.84 -9.08 -54.22
O4 GLC I . 38.28 -8.45 -55.61
O5 GLC I . 36.67 -10.95 -57.82
O6 GLC I . 39.36 -11.38 -56.99
C1 GLC I . 39.25 -8.78 -54.60
C2 GLC I . 39.41 -7.62 -53.62
C3 GLC I . 39.94 -6.40 -54.37
C4 GLC I . 41.26 -6.72 -55.06
C5 GLC I . 41.14 -7.98 -55.91
C6 GLC I . 42.51 -8.43 -56.42
O2 GLC I . 38.14 -7.34 -53.01
O3 GLC I . 40.09 -5.29 -53.48
O4 GLC I . 41.59 -5.61 -55.91
O5 GLC I . 40.55 -9.06 -55.16
O6 GLC I . 43.26 -8.98 -55.34
C1 GLC I . 42.94 -5.17 -55.77
C2 GLC I . 42.99 -3.83 -55.04
C3 GLC I . 42.15 -2.83 -55.81
C4 GLC I . 42.70 -2.68 -57.24
C5 GLC I . 42.81 -4.05 -57.90
C6 GLC I . 43.56 -4.01 -59.23
O2 GLC I . 42.52 -3.95 -53.70
O3 GLC I . 42.13 -1.58 -55.11
O4 GLC I . 41.87 -1.80 -58.01
O5 GLC I . 43.51 -4.99 -57.06
O6 GLC I . 42.90 -3.14 -60.17
C1 GLC I . 42.42 -0.48 -58.18
C2 GLC I . 41.57 0.58 -57.49
C3 GLC I . 40.21 0.66 -58.15
C4 GLC I . 40.37 1.05 -59.62
C5 GLC I . 41.41 0.20 -60.35
C6 GLC I . 41.92 0.95 -61.59
O2 GLC I . 41.43 0.31 -56.09
O3 GLC I . 39.38 1.61 -57.46
O4 GLC I . 39.10 0.92 -60.27
O5 GLC I . 42.57 -0.16 -59.57
O6 GLC I . 41.03 0.79 -62.71
C1 GLC I . 38.49 2.19 -60.52
C2 GLC I . 37.06 2.27 -59.99
C3 GLC I . 36.10 1.35 -60.74
C4 GLC I . 36.33 1.30 -62.26
C5 GLC I . 37.80 1.39 -62.66
C6 GLC I . 37.95 1.66 -64.15
O2 GLC I . 37.02 1.93 -58.60
O3 GLC I . 34.77 1.80 -60.48
O4 GLC I . 35.80 0.06 -62.77
O5 GLC I . 38.46 2.43 -61.93
O6 GLC I . 38.06 0.41 -64.85
C1 GLC I . 35.02 0.21 -63.95
C2 GLC I . 33.52 0.29 -63.61
C3 GLC I . 33.07 -1.00 -62.91
C4 GLC I . 33.42 -2.20 -63.81
C5 GLC I . 34.93 -2.15 -64.06
C6 GLC I . 35.53 -3.38 -64.77
O2 GLC I . 33.21 1.42 -62.78
O3 GLC I . 31.66 -0.92 -62.61
O4 GLC I . 33.01 -3.43 -63.21
O5 GLC I . 35.25 -0.94 -64.78
O6 GLC I . 35.07 -3.47 -66.13
C1 GLC I . 31.71 -3.87 -63.60
C2 GLC I . 30.94 -4.22 -62.33
C3 GLC I . 31.78 -5.24 -61.56
C4 GLC I . 31.99 -6.49 -62.40
C5 GLC I . 32.55 -6.09 -63.79
C6 GLC I . 32.61 -7.25 -64.78
O2 GLC I . 30.69 -3.03 -61.56
O3 GLC I . 31.19 -5.52 -60.28
O4 GLC I . 32.88 -7.37 -61.69
O5 GLC I . 31.77 -5.05 -64.39
O6 GLC I . 33.94 -7.78 -64.82
C1 GOL J . -33.18 60.00 14.31
O1 GOL J . -33.79 59.44 15.46
C2 GOL J . -32.61 61.33 14.76
O2 GOL J . -31.74 61.92 13.81
C3 GOL J . -31.74 60.93 15.92
O3 GOL J . -30.86 61.99 16.19
C1 GOL K . -25.69 37.23 22.61
O1 GOL K . -26.27 35.96 22.35
C2 GOL K . -24.16 37.29 22.65
O2 GOL K . -23.58 36.02 22.58
C3 GOL K . -23.64 38.05 23.86
O3 GOL K . -24.12 39.39 23.84
C1 GOL L . -4.92 19.86 2.05
O1 GOL L . -5.07 19.24 3.31
C2 GOL L . -6.15 20.67 1.60
O2 GOL L . -7.29 20.39 2.36
C3 GOL L . -6.44 20.59 0.13
O3 GOL L . -5.26 20.67 -0.67
C1 GOL M . 15.32 33.59 -8.05
O1 GOL M . 14.87 34.81 -8.62
C2 GOL M . 14.78 32.47 -8.90
O2 GOL M . 13.53 32.87 -9.42
C3 GOL M . 14.64 31.19 -8.08
O3 GOL M . 15.13 31.48 -6.82
C1 GOL N . 1.49 -19.68 -8.47
O1 GOL N . 1.09 -20.82 -9.18
C2 GOL N . 1.93 -20.04 -7.05
O2 GOL N . 2.90 -21.08 -7.04
C3 GOL N . 0.69 -20.39 -6.24
O3 GOL N . 1.00 -20.37 -4.86
C1 GOL O . -8.18 2.93 2.72
O1 GOL O . -7.05 2.35 3.35
C2 GOL O . -9.19 1.86 2.31
O2 GOL O . -8.99 0.73 3.11
C3 GOL O . -8.92 1.46 0.87
O3 GOL O . -9.58 0.25 0.58
#